data_3K0X
# 
_entry.id   3K0X 
# 
_audit_conform.dict_name       mmcif_pdbx.dic 
_audit_conform.dict_version    5.387 
_audit_conform.dict_location   http://mmcif.pdb.org/dictionaries/ascii/mmcif_pdbx.dic 
# 
loop_
_database_2.database_id 
_database_2.database_code 
_database_2.pdbx_database_accession 
_database_2.pdbx_DOI 
PDB   3K0X         pdb_00003k0x 10.2210/pdb3k0x/pdb 
RCSB  RCSB055406   ?            ?                   
WWPDB D_1000055406 ?            ?                   
# 
loop_
_pdbx_audit_revision_history.ordinal 
_pdbx_audit_revision_history.data_content_type 
_pdbx_audit_revision_history.major_revision 
_pdbx_audit_revision_history.minor_revision 
_pdbx_audit_revision_history.revision_date 
1 'Structure model' 1 0 2009-10-27 
2 'Structure model' 1 1 2011-07-13 
3 'Structure model' 1 2 2024-02-21 
# 
_pdbx_audit_revision_details.ordinal             1 
_pdbx_audit_revision_details.revision_ordinal    1 
_pdbx_audit_revision_details.data_content_type   'Structure model' 
_pdbx_audit_revision_details.provider            repository 
_pdbx_audit_revision_details.type                'Initial release' 
_pdbx_audit_revision_details.description         ? 
_pdbx_audit_revision_details.details             ? 
# 
loop_
_pdbx_audit_revision_group.ordinal 
_pdbx_audit_revision_group.revision_ordinal 
_pdbx_audit_revision_group.data_content_type 
_pdbx_audit_revision_group.group 
1 2 'Structure model' 'Version format compliance' 
2 3 'Structure model' 'Data collection'           
3 3 'Structure model' 'Database references'       
4 3 'Structure model' 'Derived calculations'      
# 
loop_
_pdbx_audit_revision_category.ordinal 
_pdbx_audit_revision_category.revision_ordinal 
_pdbx_audit_revision_category.data_content_type 
_pdbx_audit_revision_category.category 
1 3 'Structure model' chem_comp_atom 
2 3 'Structure model' chem_comp_bond 
3 3 'Structure model' database_2     
4 3 'Structure model' struct_site    
# 
loop_
_pdbx_audit_revision_item.ordinal 
_pdbx_audit_revision_item.revision_ordinal 
_pdbx_audit_revision_item.data_content_type 
_pdbx_audit_revision_item.item 
1 3 'Structure model' '_database_2.pdbx_DOI'                
2 3 'Structure model' '_database_2.pdbx_database_accession' 
3 3 'Structure model' '_struct_site.pdbx_auth_asym_id'      
4 3 'Structure model' '_struct_site.pdbx_auth_comp_id'      
5 3 'Structure model' '_struct_site.pdbx_auth_seq_id'       
# 
_pdbx_database_status.entry_id                        3K0X 
_pdbx_database_status.deposit_site                    RCSB 
_pdbx_database_status.process_site                    RCSB 
_pdbx_database_status.recvd_initial_deposition_date   2009-09-25 
_pdbx_database_status.status_code                     REL 
_pdbx_database_status.status_code_sf                  REL 
_pdbx_database_status.status_code_mr                  ? 
_pdbx_database_status.SG_entry                        ? 
_pdbx_database_status.pdb_format_compatible           Y 
_pdbx_database_status.status_code_cs                  ? 
_pdbx_database_status.status_code_nmr_data            ? 
_pdbx_database_status.methods_development_category    ? 
# 
_pdbx_database_related.db_name        PDB 
_pdbx_database_related.db_id          3K10 
_pdbx_database_related.details        'Crystal structure of telomere capping protein Stn1 from Saccharomyces cerevisiae' 
_pdbx_database_related.content_type   unspecified 
# 
loop_
_audit_author.name 
_audit_author.pdbx_ordinal 
'Gelinas, A.D.' 1 
'Reyes, F.E.'   2 
'Batey, R.T.'   3 
'Wuttke, D.S.'  4 
# 
_citation.id                        primary 
_citation.title                     
'Telomere capping proteins are structurally related to RPA with an additional telomere-specific domain.' 
_citation.journal_abbrev            Proc.Natl.Acad.Sci.USA 
_citation.journal_volume            106 
_citation.page_first                19298 
_citation.page_last                 19303 
_citation.year                      2009 
_citation.journal_id_ASTM           PNASA6 
_citation.country                   US 
_citation.journal_id_ISSN           0027-8424 
_citation.journal_id_CSD            0040 
_citation.book_publisher            ? 
_citation.pdbx_database_id_PubMed   19884503 
_citation.pdbx_database_id_DOI      10.1073/pnas.0909203106 
# 
loop_
_citation_author.citation_id 
_citation_author.name 
_citation_author.ordinal 
_citation_author.identifier_ORCID 
primary 'Gelinas, A.D.' 1 ? 
primary 'Paschini, M.'  2 ? 
primary 'Reyes, F.E.'   3 ? 
primary 'Heroux, A.'    4 ? 
primary 'Batey, R.T.'   5 ? 
primary 'Lundblad, V.'  6 ? 
primary 'Wuttke, D.S.'  7 ? 
# 
loop_
_entity.id 
_entity.type 
_entity.src_method 
_entity.pdbx_description 
_entity.formula_weight 
_entity.pdbx_number_of_molecules 
_entity.pdbx_ec 
_entity.pdbx_mutation 
_entity.pdbx_fragment 
_entity.details 
1 polymer     man 'Protein Ten1' 11549.443 1   ? ? ? ? 
2 non-polymer syn 'IODIDE ION'   126.904   8   ? ? ? ? 
3 water       nat water          18.015    146 ? ? ? ? 
# 
_entity_poly.entity_id                      1 
_entity_poly.type                           'polypeptide(L)' 
_entity_poly.nstd_linkage                   no 
_entity_poly.nstd_monomer                   no 
_entity_poly.pdbx_seq_one_letter_code       
;MDSAKLIFINQINDCKDGQKLRFLGCVQSYKNGILRLIDGSSSVTCDVTVVLPDVSIQKHEWLNIVGRKRQDGIVDVLLI
RSAVGINLPRYRQMVSERQKCD
;
_entity_poly.pdbx_seq_one_letter_code_can   
;MDSAKLIFINQINDCKDGQKLRFLGCVQSYKNGILRLIDGSSSVTCDVTVVLPDVSIQKHEWLNIVGRKRQDGIVDVLLI
RSAVGINLPRYRQMVSERQKCD
;
_entity_poly.pdbx_strand_id                 A 
_entity_poly.pdbx_target_identifier         ? 
# 
loop_
_pdbx_entity_nonpoly.entity_id 
_pdbx_entity_nonpoly.name 
_pdbx_entity_nonpoly.comp_id 
2 'IODIDE ION' IOD 
3 water        HOH 
# 
loop_
_entity_poly_seq.entity_id 
_entity_poly_seq.num 
_entity_poly_seq.mon_id 
_entity_poly_seq.hetero 
1 1   MET n 
1 2   ASP n 
1 3   SER n 
1 4   ALA n 
1 5   LYS n 
1 6   LEU n 
1 7   ILE n 
1 8   PHE n 
1 9   ILE n 
1 10  ASN n 
1 11  GLN n 
1 12  ILE n 
1 13  ASN n 
1 14  ASP n 
1 15  CYS n 
1 16  LYS n 
1 17  ASP n 
1 18  GLY n 
1 19  GLN n 
1 20  LYS n 
1 21  LEU n 
1 22  ARG n 
1 23  PHE n 
1 24  LEU n 
1 25  GLY n 
1 26  CYS n 
1 27  VAL n 
1 28  GLN n 
1 29  SER n 
1 30  TYR n 
1 31  LYS n 
1 32  ASN n 
1 33  GLY n 
1 34  ILE n 
1 35  LEU n 
1 36  ARG n 
1 37  LEU n 
1 38  ILE n 
1 39  ASP n 
1 40  GLY n 
1 41  SER n 
1 42  SER n 
1 43  SER n 
1 44  VAL n 
1 45  THR n 
1 46  CYS n 
1 47  ASP n 
1 48  VAL n 
1 49  THR n 
1 50  VAL n 
1 51  VAL n 
1 52  LEU n 
1 53  PRO n 
1 54  ASP n 
1 55  VAL n 
1 56  SER n 
1 57  ILE n 
1 58  GLN n 
1 59  LYS n 
1 60  HIS n 
1 61  GLU n 
1 62  TRP n 
1 63  LEU n 
1 64  ASN n 
1 65  ILE n 
1 66  VAL n 
1 67  GLY n 
1 68  ARG n 
1 69  LYS n 
1 70  ARG n 
1 71  GLN n 
1 72  ASP n 
1 73  GLY n 
1 74  ILE n 
1 75  VAL n 
1 76  ASP n 
1 77  VAL n 
1 78  LEU n 
1 79  LEU n 
1 80  ILE n 
1 81  ARG n 
1 82  SER n 
1 83  ALA n 
1 84  VAL n 
1 85  GLY n 
1 86  ILE n 
1 87  ASN n 
1 88  LEU n 
1 89  PRO n 
1 90  ARG n 
1 91  TYR n 
1 92  ARG n 
1 93  GLN n 
1 94  MET n 
1 95  VAL n 
1 96  SER n 
1 97  GLU n 
1 98  ARG n 
1 99  GLN n 
1 100 LYS n 
1 101 CYS n 
1 102 ASP n 
# 
_entity_src_gen.entity_id                          1 
_entity_src_gen.pdbx_src_id                        1 
_entity_src_gen.pdbx_alt_source_flag               sample 
_entity_src_gen.pdbx_seq_type                      ? 
_entity_src_gen.pdbx_beg_seq_num                   ? 
_entity_src_gen.pdbx_end_seq_num                   ? 
_entity_src_gen.gene_src_common_name               yeast 
_entity_src_gen.gene_src_genus                     ? 
_entity_src_gen.pdbx_gene_src_gene                 'SPCC1393.14, ten1' 
_entity_src_gen.gene_src_species                   ? 
_entity_src_gen.gene_src_strain                    ? 
_entity_src_gen.gene_src_tissue                    ? 
_entity_src_gen.gene_src_tissue_fraction           ? 
_entity_src_gen.gene_src_details                   ? 
_entity_src_gen.pdbx_gene_src_fragment             ? 
_entity_src_gen.pdbx_gene_src_scientific_name      'Schizosaccharomyces pombe' 
_entity_src_gen.pdbx_gene_src_ncbi_taxonomy_id     4896 
_entity_src_gen.pdbx_gene_src_variant              ? 
_entity_src_gen.pdbx_gene_src_cell_line            ? 
_entity_src_gen.pdbx_gene_src_atcc                 ? 
_entity_src_gen.pdbx_gene_src_organ                ? 
_entity_src_gen.pdbx_gene_src_organelle            ? 
_entity_src_gen.pdbx_gene_src_cell                 ? 
_entity_src_gen.pdbx_gene_src_cellular_location    ? 
_entity_src_gen.host_org_common_name               ? 
_entity_src_gen.pdbx_host_org_scientific_name      'Escherichia coli' 
_entity_src_gen.pdbx_host_org_ncbi_taxonomy_id     562 
_entity_src_gen.host_org_genus                     ? 
_entity_src_gen.pdbx_host_org_gene                 ? 
_entity_src_gen.pdbx_host_org_organ                ? 
_entity_src_gen.host_org_species                   ? 
_entity_src_gen.pdbx_host_org_tissue               ? 
_entity_src_gen.pdbx_host_org_tissue_fraction      ? 
_entity_src_gen.pdbx_host_org_strain               'BL21(DE3)' 
_entity_src_gen.pdbx_host_org_variant              ? 
_entity_src_gen.pdbx_host_org_cell_line            ? 
_entity_src_gen.pdbx_host_org_atcc                 ? 
_entity_src_gen.pdbx_host_org_culture_collection   ? 
_entity_src_gen.pdbx_host_org_cell                 ? 
_entity_src_gen.pdbx_host_org_organelle            ? 
_entity_src_gen.pdbx_host_org_cellular_location    ? 
_entity_src_gen.pdbx_host_org_vector_type          plasmid 
_entity_src_gen.pdbx_host_org_vector               ? 
_entity_src_gen.host_org_details                   ? 
_entity_src_gen.expression_system_id               ? 
_entity_src_gen.plasmid_name                       'pET duet' 
_entity_src_gen.plasmid_details                    ? 
_entity_src_gen.pdbx_description                   ? 
# 
loop_
_chem_comp.id 
_chem_comp.type 
_chem_comp.mon_nstd_flag 
_chem_comp.name 
_chem_comp.pdbx_synonyms 
_chem_comp.formula 
_chem_comp.formula_weight 
ALA 'L-peptide linking' y ALANINE         ? 'C3 H7 N O2'     89.093  
ARG 'L-peptide linking' y ARGININE        ? 'C6 H15 N4 O2 1' 175.209 
ASN 'L-peptide linking' y ASPARAGINE      ? 'C4 H8 N2 O3'    132.118 
ASP 'L-peptide linking' y 'ASPARTIC ACID' ? 'C4 H7 N O4'     133.103 
CYS 'L-peptide linking' y CYSTEINE        ? 'C3 H7 N O2 S'   121.158 
GLN 'L-peptide linking' y GLUTAMINE       ? 'C5 H10 N2 O3'   146.144 
GLU 'L-peptide linking' y 'GLUTAMIC ACID' ? 'C5 H9 N O4'     147.129 
GLY 'peptide linking'   y GLYCINE         ? 'C2 H5 N O2'     75.067  
HIS 'L-peptide linking' y HISTIDINE       ? 'C6 H10 N3 O2 1' 156.162 
HOH non-polymer         . WATER           ? 'H2 O'           18.015  
ILE 'L-peptide linking' y ISOLEUCINE      ? 'C6 H13 N O2'    131.173 
IOD non-polymer         . 'IODIDE ION'    ? 'I -1'           126.904 
LEU 'L-peptide linking' y LEUCINE         ? 'C6 H13 N O2'    131.173 
LYS 'L-peptide linking' y LYSINE          ? 'C6 H15 N2 O2 1' 147.195 
MET 'L-peptide linking' y METHIONINE      ? 'C5 H11 N O2 S'  149.211 
PHE 'L-peptide linking' y PHENYLALANINE   ? 'C9 H11 N O2'    165.189 
PRO 'L-peptide linking' y PROLINE         ? 'C5 H9 N O2'     115.130 
SER 'L-peptide linking' y SERINE          ? 'C3 H7 N O3'     105.093 
THR 'L-peptide linking' y THREONINE       ? 'C4 H9 N O3'     119.119 
TRP 'L-peptide linking' y TRYPTOPHAN      ? 'C11 H12 N2 O2'  204.225 
TYR 'L-peptide linking' y TYROSINE        ? 'C9 H11 N O3'    181.189 
VAL 'L-peptide linking' y VALINE          ? 'C5 H11 N O2'    117.146 
# 
loop_
_pdbx_poly_seq_scheme.asym_id 
_pdbx_poly_seq_scheme.entity_id 
_pdbx_poly_seq_scheme.seq_id 
_pdbx_poly_seq_scheme.mon_id 
_pdbx_poly_seq_scheme.ndb_seq_num 
_pdbx_poly_seq_scheme.pdb_seq_num 
_pdbx_poly_seq_scheme.auth_seq_num 
_pdbx_poly_seq_scheme.pdb_mon_id 
_pdbx_poly_seq_scheme.auth_mon_id 
_pdbx_poly_seq_scheme.pdb_strand_id 
_pdbx_poly_seq_scheme.pdb_ins_code 
_pdbx_poly_seq_scheme.hetero 
A 1 1   MET 1   1   ?   ?   ?   A . n 
A 1 2   ASP 2   2   ?   ?   ?   A . n 
A 1 3   SER 3   3   3   SER ALA A . n 
A 1 4   ALA 4   4   4   ALA ALA A . n 
A 1 5   LYS 5   5   5   LYS LYS A . n 
A 1 6   LEU 6   6   6   LEU LEU A . n 
A 1 7   ILE 7   7   7   ILE ILE A . n 
A 1 8   PHE 8   8   8   PHE PHE A . n 
A 1 9   ILE 9   9   9   ILE ILE A . n 
A 1 10  ASN 10  10  10  ASN ASN A . n 
A 1 11  GLN 11  11  11  GLN GLN A . n 
A 1 12  ILE 12  12  12  ILE ILE A . n 
A 1 13  ASN 13  13  13  ASN ASN A . n 
A 1 14  ASP 14  14  14  ASP ASP A . n 
A 1 15  CYS 15  15  15  CYS CYS A . n 
A 1 16  LYS 16  16  16  LYS ALA A . n 
A 1 17  ASP 17  17  17  ASP ASP A . n 
A 1 18  GLY 18  18  18  GLY GLY A . n 
A 1 19  GLN 19  19  19  GLN GLN A . n 
A 1 20  LYS 20  20  20  LYS LYS A . n 
A 1 21  LEU 21  21  21  LEU LEU A . n 
A 1 22  ARG 22  22  22  ARG ARG A . n 
A 1 23  PHE 23  23  23  PHE PHE A . n 
A 1 24  LEU 24  24  24  LEU LEU A . n 
A 1 25  GLY 25  25  25  GLY GLY A . n 
A 1 26  CYS 26  26  26  CYS CYS A . n 
A 1 27  VAL 27  27  27  VAL VAL A . n 
A 1 28  GLN 28  28  28  GLN GLN A . n 
A 1 29  SER 29  29  29  SER SER A . n 
A 1 30  TYR 30  30  30  TYR TYR A . n 
A 1 31  LYS 31  31  31  LYS LYS A . n 
A 1 32  ASN 32  32  32  ASN ASN A . n 
A 1 33  GLY 33  33  33  GLY GLY A . n 
A 1 34  ILE 34  34  34  ILE ILE A . n 
A 1 35  LEU 35  35  35  LEU LEU A . n 
A 1 36  ARG 36  36  36  ARG ARG A . n 
A 1 37  LEU 37  37  37  LEU LEU A . n 
A 1 38  ILE 38  38  38  ILE ILE A . n 
A 1 39  ASP 39  39  39  ASP ASP A . n 
A 1 40  GLY 40  40  40  GLY GLY A . n 
A 1 41  SER 41  41  41  SER SER A . n 
A 1 42  SER 42  42  42  SER SER A . n 
A 1 43  SER 43  43  43  SER SER A . n 
A 1 44  VAL 44  44  44  VAL VAL A . n 
A 1 45  THR 45  45  45  THR THR A . n 
A 1 46  CYS 46  46  46  CYS CYS A . n 
A 1 47  ASP 47  47  47  ASP ASP A . n 
A 1 48  VAL 48  48  48  VAL VAL A . n 
A 1 49  THR 49  49  49  THR THR A . n 
A 1 50  VAL 50  50  50  VAL VAL A . n 
A 1 51  VAL 51  51  51  VAL VAL A . n 
A 1 52  LEU 52  52  52  LEU LEU A . n 
A 1 53  PRO 53  53  53  PRO PRO A . n 
A 1 54  ASP 54  54  54  ASP ALA A . n 
A 1 55  VAL 55  55  55  VAL VAL A . n 
A 1 56  SER 56  56  56  SER SER A . n 
A 1 57  ILE 57  57  57  ILE ILE A . n 
A 1 58  GLN 58  58  58  GLN GLN A . n 
A 1 59  LYS 59  59  59  LYS LYS A . n 
A 1 60  HIS 60  60  60  HIS HIS A . n 
A 1 61  GLU 61  61  61  GLU GLU A . n 
A 1 62  TRP 62  62  62  TRP TRP A . n 
A 1 63  LEU 63  63  63  LEU LEU A . n 
A 1 64  ASN 64  64  64  ASN ASN A . n 
A 1 65  ILE 65  65  65  ILE ILE A . n 
A 1 66  VAL 66  66  66  VAL VAL A . n 
A 1 67  GLY 67  67  67  GLY GLY A . n 
A 1 68  ARG 68  68  68  ARG ARG A . n 
A 1 69  LYS 69  69  69  LYS LYS A . n 
A 1 70  ARG 70  70  70  ARG ARG A . n 
A 1 71  GLN 71  71  71  GLN GLN A . n 
A 1 72  ASP 72  72  72  ASP ASP A . n 
A 1 73  GLY 73  73  73  GLY GLY A . n 
A 1 74  ILE 74  74  74  ILE ILE A . n 
A 1 75  VAL 75  75  75  VAL VAL A . n 
A 1 76  ASP 76  76  76  ASP ASP A . n 
A 1 77  VAL 77  77  77  VAL VAL A . n 
A 1 78  LEU 78  78  78  LEU LEU A . n 
A 1 79  LEU 79  79  79  LEU LEU A . n 
A 1 80  ILE 80  80  80  ILE ILE A . n 
A 1 81  ARG 81  81  81  ARG ARG A . n 
A 1 82  SER 82  82  82  SER SER A . n 
A 1 83  ALA 83  83  83  ALA ALA A . n 
A 1 84  VAL 84  84  84  VAL VAL A . n 
A 1 85  GLY 85  85  85  GLY GLY A . n 
A 1 86  ILE 86  86  86  ILE ILE A . n 
A 1 87  ASN 87  87  87  ASN ASN A . n 
A 1 88  LEU 88  88  88  LEU LEU A . n 
A 1 89  PRO 89  89  89  PRO PRO A . n 
A 1 90  ARG 90  90  90  ARG ARG A . n 
A 1 91  TYR 91  91  91  TYR TYR A . n 
A 1 92  ARG 92  92  92  ARG ARG A . n 
A 1 93  GLN 93  93  93  GLN GLN A . n 
A 1 94  MET 94  94  94  MET MET A . n 
A 1 95  VAL 95  95  95  VAL VAL A . n 
A 1 96  SER 96  96  96  SER SER A . n 
A 1 97  GLU 97  97  97  GLU GLU A . n 
A 1 98  ARG 98  98  98  ARG ARG A . n 
A 1 99  GLN 99  99  99  GLN GLN A . n 
A 1 100 LYS 100 100 100 LYS LYS A . n 
A 1 101 CYS 101 101 101 CYS CYS A . n 
A 1 102 ASP 102 102 102 ASP ASP A . n 
# 
loop_
_pdbx_nonpoly_scheme.asym_id 
_pdbx_nonpoly_scheme.entity_id 
_pdbx_nonpoly_scheme.mon_id 
_pdbx_nonpoly_scheme.ndb_seq_num 
_pdbx_nonpoly_scheme.pdb_seq_num 
_pdbx_nonpoly_scheme.auth_seq_num 
_pdbx_nonpoly_scheme.pdb_mon_id 
_pdbx_nonpoly_scheme.auth_mon_id 
_pdbx_nonpoly_scheme.pdb_strand_id 
_pdbx_nonpoly_scheme.pdb_ins_code 
B 2 IOD 1   201 201 IOD IOD A . 
C 2 IOD 1   202 202 IOD IOD A . 
D 2 IOD 1   203 203 IOD IOD A . 
E 2 IOD 1   204 204 IOD IOD A . 
F 2 IOD 1   205 205 IOD IOD A . 
G 2 IOD 1   206 206 IOD IOD A . 
H 2 IOD 1   207 207 IOD IOD A . 
I 2 IOD 1   208 208 IOD IOD A . 
J 3 HOH 1   103 103 HOH TIP A . 
J 3 HOH 2   104 104 HOH TIP A . 
J 3 HOH 3   105 105 HOH TIP A . 
J 3 HOH 4   106 106 HOH TIP A . 
J 3 HOH 5   107 107 HOH TIP A . 
J 3 HOH 6   108 108 HOH TIP A . 
J 3 HOH 7   109 109 HOH TIP A . 
J 3 HOH 8   110 110 HOH TIP A . 
J 3 HOH 9   111 111 HOH TIP A . 
J 3 HOH 10  112 112 HOH TIP A . 
J 3 HOH 11  113 113 HOH TIP A . 
J 3 HOH 12  114 114 HOH TIP A . 
J 3 HOH 13  115 115 HOH TIP A . 
J 3 HOH 14  116 116 HOH TIP A . 
J 3 HOH 15  117 117 HOH TIP A . 
J 3 HOH 16  118 118 HOH TIP A . 
J 3 HOH 17  119 119 HOH TIP A . 
J 3 HOH 18  120 120 HOH TIP A . 
J 3 HOH 19  121 121 HOH TIP A . 
J 3 HOH 20  122 122 HOH TIP A . 
J 3 HOH 21  123 123 HOH TIP A . 
J 3 HOH 22  124 124 HOH TIP A . 
J 3 HOH 23  125 125 HOH TIP A . 
J 3 HOH 24  126 126 HOH TIP A . 
J 3 HOH 25  127 127 HOH TIP A . 
J 3 HOH 26  128 128 HOH TIP A . 
J 3 HOH 27  129 129 HOH TIP A . 
J 3 HOH 28  130 130 HOH TIP A . 
J 3 HOH 29  131 131 HOH TIP A . 
J 3 HOH 30  132 132 HOH TIP A . 
J 3 HOH 31  133 133 HOH TIP A . 
J 3 HOH 32  134 134 HOH TIP A . 
J 3 HOH 33  135 135 HOH TIP A . 
J 3 HOH 34  136 136 HOH TIP A . 
J 3 HOH 35  137 137 HOH TIP A . 
J 3 HOH 36  138 138 HOH TIP A . 
J 3 HOH 37  139 139 HOH TIP A . 
J 3 HOH 38  140 140 HOH TIP A . 
J 3 HOH 39  141 141 HOH TIP A . 
J 3 HOH 40  142 142 HOH TIP A . 
J 3 HOH 41  143 143 HOH TIP A . 
J 3 HOH 42  144 144 HOH TIP A . 
J 3 HOH 43  145 145 HOH TIP A . 
J 3 HOH 44  146 146 HOH TIP A . 
J 3 HOH 45  147 147 HOH TIP A . 
J 3 HOH 46  148 148 HOH TIP A . 
J 3 HOH 47  149 149 HOH TIP A . 
J 3 HOH 48  150 150 HOH TIP A . 
J 3 HOH 49  151 151 HOH TIP A . 
J 3 HOH 50  152 152 HOH TIP A . 
J 3 HOH 51  153 153 HOH TIP A . 
J 3 HOH 52  154 154 HOH TIP A . 
J 3 HOH 53  155 1   HOH HOH A . 
J 3 HOH 54  156 2   HOH HOH A . 
J 3 HOH 55  157 3   HOH HOH A . 
J 3 HOH 56  158 4   HOH HOH A . 
J 3 HOH 57  159 5   HOH HOH A . 
J 3 HOH 58  160 6   HOH HOH A . 
J 3 HOH 59  161 7   HOH HOH A . 
J 3 HOH 60  162 8   HOH HOH A . 
J 3 HOH 61  163 9   HOH HOH A . 
J 3 HOH 62  164 10  HOH HOH A . 
J 3 HOH 63  165 12  HOH HOH A . 
J 3 HOH 64  166 13  HOH HOH A . 
J 3 HOH 65  167 14  HOH HOH A . 
J 3 HOH 66  168 15  HOH HOH A . 
J 3 HOH 67  169 17  HOH HOH A . 
J 3 HOH 68  170 18  HOH HOH A . 
J 3 HOH 69  171 19  HOH HOH A . 
J 3 HOH 70  172 20  HOH HOH A . 
J 3 HOH 71  173 21  HOH HOH A . 
J 3 HOH 72  174 22  HOH HOH A . 
J 3 HOH 73  175 23  HOH HOH A . 
J 3 HOH 74  176 24  HOH HOH A . 
J 3 HOH 75  177 25  HOH HOH A . 
J 3 HOH 76  178 27  HOH HOH A . 
J 3 HOH 77  179 28  HOH HOH A . 
J 3 HOH 78  180 30  HOH HOH A . 
J 3 HOH 79  181 31  HOH HOH A . 
J 3 HOH 80  182 33  HOH HOH A . 
J 3 HOH 81  183 34  HOH HOH A . 
J 3 HOH 82  184 35  HOH HOH A . 
J 3 HOH 83  185 36  HOH HOH A . 
J 3 HOH 84  186 38  HOH HOH A . 
J 3 HOH 85  187 39  HOH HOH A . 
J 3 HOH 86  188 40  HOH HOH A . 
J 3 HOH 87  189 42  HOH HOH A . 
J 3 HOH 88  190 43  HOH HOH A . 
J 3 HOH 89  191 44  HOH HOH A . 
J 3 HOH 90  192 45  HOH HOH A . 
J 3 HOH 91  193 47  HOH HOH A . 
J 3 HOH 92  194 48  HOH HOH A . 
J 3 HOH 93  195 49  HOH TIP A . 
J 3 HOH 94  196 50  HOH TIP A . 
J 3 HOH 95  197 51  HOH TIP A . 
J 3 HOH 96  198 52  HOH TIP A . 
J 3 HOH 97  199 53  HOH TIP A . 
J 3 HOH 98  200 54  HOH TIP A . 
J 3 HOH 99  209 55  HOH TIP A . 
J 3 HOH 100 210 56  HOH TIP A . 
J 3 HOH 101 211 57  HOH TIP A . 
J 3 HOH 102 212 58  HOH TIP A . 
J 3 HOH 103 213 59  HOH TIP A . 
J 3 HOH 104 214 60  HOH TIP A . 
J 3 HOH 105 215 61  HOH TIP A . 
J 3 HOH 106 216 62  HOH TIP A . 
J 3 HOH 107 217 63  HOH TIP A . 
J 3 HOH 108 218 64  HOH TIP A . 
J 3 HOH 109 219 65  HOH TIP A . 
J 3 HOH 110 220 66  HOH TIP A . 
J 3 HOH 111 221 67  HOH TIP A . 
J 3 HOH 112 222 68  HOH TIP A . 
J 3 HOH 113 223 69  HOH TIP A . 
J 3 HOH 114 224 70  HOH TIP A . 
J 3 HOH 115 225 71  HOH TIP A . 
J 3 HOH 116 226 72  HOH TIP A . 
J 3 HOH 117 227 73  HOH TIP A . 
J 3 HOH 118 228 74  HOH TIP A . 
J 3 HOH 119 229 75  HOH TIP A . 
J 3 HOH 120 230 76  HOH TIP A . 
J 3 HOH 121 231 77  HOH TIP A . 
J 3 HOH 122 232 78  HOH TIP A . 
J 3 HOH 123 233 79  HOH TIP A . 
J 3 HOH 124 234 80  HOH TIP A . 
J 3 HOH 125 235 81  HOH TIP A . 
J 3 HOH 126 236 82  HOH TIP A . 
J 3 HOH 127 237 83  HOH TIP A . 
J 3 HOH 128 238 84  HOH TIP A . 
J 3 HOH 129 239 85  HOH TIP A . 
J 3 HOH 130 240 86  HOH TIP A . 
J 3 HOH 131 241 87  HOH TIP A . 
J 3 HOH 132 242 88  HOH TIP A . 
J 3 HOH 133 243 89  HOH TIP A . 
J 3 HOH 134 244 90  HOH TIP A . 
J 3 HOH 135 245 91  HOH TIP A . 
J 3 HOH 136 246 92  HOH TIP A . 
J 3 HOH 137 247 93  HOH TIP A . 
J 3 HOH 138 248 94  HOH TIP A . 
J 3 HOH 139 249 95  HOH TIP A . 
J 3 HOH 140 250 96  HOH TIP A . 
J 3 HOH 141 251 97  HOH TIP A . 
J 3 HOH 142 252 98  HOH TIP A . 
J 3 HOH 143 253 99  HOH TIP A . 
J 3 HOH 144 254 100 HOH TIP A . 
J 3 HOH 145 255 101 HOH TIP A . 
J 3 HOH 146 256 102 HOH TIP A . 
# 
loop_
_pdbx_unobs_or_zero_occ_atoms.id 
_pdbx_unobs_or_zero_occ_atoms.PDB_model_num 
_pdbx_unobs_or_zero_occ_atoms.polymer_flag 
_pdbx_unobs_or_zero_occ_atoms.occupancy_flag 
_pdbx_unobs_or_zero_occ_atoms.auth_asym_id 
_pdbx_unobs_or_zero_occ_atoms.auth_comp_id 
_pdbx_unobs_or_zero_occ_atoms.auth_seq_id 
_pdbx_unobs_or_zero_occ_atoms.PDB_ins_code 
_pdbx_unobs_or_zero_occ_atoms.auth_atom_id 
_pdbx_unobs_or_zero_occ_atoms.label_alt_id 
_pdbx_unobs_or_zero_occ_atoms.label_asym_id 
_pdbx_unobs_or_zero_occ_atoms.label_comp_id 
_pdbx_unobs_or_zero_occ_atoms.label_seq_id 
_pdbx_unobs_or_zero_occ_atoms.label_atom_id 
1  1 Y 1 A SER 3   ? OG  ? A SER 3   OG  
2  1 Y 1 A LYS 16  ? CG  ? A LYS 16  CG  
3  1 Y 1 A LYS 16  ? CD  ? A LYS 16  CD  
4  1 Y 1 A LYS 16  ? CE  ? A LYS 16  CE  
5  1 Y 1 A LYS 16  ? NZ  ? A LYS 16  NZ  
6  1 Y 1 A ASP 54  ? CG  ? A ASP 54  CG  
7  1 Y 1 A ASP 54  ? OD1 ? A ASP 54  OD1 
8  1 Y 1 A ASP 54  ? OD2 ? A ASP 54  OD2 
9  1 Y 1 A ASP 102 ? CA  ? A ASP 102 CA  
10 1 Y 1 A ASP 102 ? C   ? A ASP 102 C   
11 1 Y 1 A ASP 102 ? O   ? A ASP 102 O   
12 1 Y 1 A ASP 102 ? CB  ? A ASP 102 CB  
13 1 Y 1 A ASP 102 ? CG  ? A ASP 102 CG  
14 1 Y 1 A ASP 102 ? OD1 ? A ASP 102 OD1 
15 1 Y 1 A ASP 102 ? OD2 ? A ASP 102 OD2 
# 
loop_
_software.name 
_software.version 
_software.date 
_software.type 
_software.contact_author 
_software.contact_author_email 
_software.classification 
_software.location 
_software.language 
_software.citation_id 
_software.pdbx_ordinal 
MOSFLM       .      ?               package 'Andrew G.W. Leslie'    andrew@mrc-lmb.cam.ac.uk    'data reduction'  
http://www.mrc-lmb.cam.ac.uk/harry/mosflm/  ?          ? 1 
SCALA        3.3.12 2009/01/20      other   'Phil R. Evans'         pre@mrc-lmb.cam.ac.uk       'data scaling'    
http://www.ccp4.ac.uk/dist/html/scala.html  Fortran_77 ? 2 
PHASER       .      ?               program 'Randy J. Read'         cimr-phaser@lists.cam.ac.uk phasing           
http://www-structmed.cimr.cam.ac.uk/phaser/ ?          ? 3 
RESOLVE      2.13   23-Aug-2008     program 'Thomas C. Terwilliger' terwilliger@lanl.gov        phasing           
http://www.solve.lanl.gov/                  ?          ? 4 
CNS          .      ?               package 'Axel T. Brunger'       axel.brunger@yale.edu       refinement        
http://cns-online.org/                      Fortran_77 ? 5 
PDB_EXTRACT  3.006  'June 11, 2008' package PDB                     help@deposit.rcsb.org       'data extraction' 
http://sw-tools.pdb.org/apps/PDB_EXTRACT/   C++        ? 6 
CrystalClear .      ?               ?       ?                       ?                           'data collection' ? ?          ? 7 
# 
_cell.entry_id           3K0X 
_cell.length_a           64.304 
_cell.length_b           64.304 
_cell.length_c           66.242 
_cell.angle_alpha        90.000 
_cell.angle_beta         90.000 
_cell.angle_gamma        120.000 
_cell.pdbx_unique_axis   ? 
_cell.Z_PDB              9 
_cell.length_a_esd       ? 
_cell.length_b_esd       ? 
_cell.length_c_esd       ? 
_cell.angle_alpha_esd    ? 
_cell.angle_beta_esd     ? 
_cell.angle_gamma_esd    ? 
# 
_symmetry.entry_id                         3K0X 
_symmetry.space_group_name_H-M             'H 3' 
_symmetry.Int_Tables_number                146 
_symmetry.pdbx_full_space_group_name_H-M   ? 
_symmetry.cell_setting                     ? 
_symmetry.space_group_name_Hall            ? 
# 
_exptl.crystals_number   1 
_exptl.entry_id          3K0X 
_exptl.method            'X-RAY DIFFRACTION' 
# 
_exptl_crystal.id                    1 
_exptl_crystal.density_percent_sol   46.10 
_exptl_crystal.density_Matthews      2.28 
_exptl_crystal.density_meas          ? 
_exptl_crystal.description           ? 
_exptl_crystal.F_000                 ? 
_exptl_crystal.preparation           ? 
# 
_exptl_crystal_grow.crystal_id      1 
_exptl_crystal_grow.method          'VAPOR DIFFUSION, HANGING DROP' 
_exptl_crystal_grow.pH              7.8 
_exptl_crystal_grow.temp            290 
_exptl_crystal_grow.pdbx_details    
'0.2 M Potassium nitrate, 25% PEG 3350, pH 7.8, VAPOR DIFFUSION, HANGING DROP, temperature 290K' 
_exptl_crystal_grow.temp_details    ? 
_exptl_crystal_grow.pdbx_pH_range   ? 
# 
_diffrn.id                     1 
_diffrn.ambient_temp           93.15 
_diffrn.ambient_temp_details   ? 
_diffrn.crystal_id             1 
# 
_diffrn_detector.diffrn_id              1 
_diffrn_detector.detector               'IMAGE PLATE' 
_diffrn_detector.type                   'RIGAKU RAXIS IV' 
_diffrn_detector.pdbx_collection_date   2009-05-08 
_diffrn_detector.details                ? 
# 
_diffrn_radiation.diffrn_id                        1 
_diffrn_radiation.pdbx_diffrn_protocol             'SINGLE WAVELENGTH' 
_diffrn_radiation.monochromator                    'Ni FILTER' 
_diffrn_radiation.wavelength_id                    1 
_diffrn_radiation.pdbx_monochromatic_or_laue_m_l   M 
_diffrn_radiation.pdbx_scattering_type             x-ray 
# 
_diffrn_radiation_wavelength.id           1 
_diffrn_radiation_wavelength.wavelength   1.502 
_diffrn_radiation_wavelength.wt           1.0 
# 
_diffrn_source.diffrn_id                   1 
_diffrn_source.source                      'ROTATING ANODE' 
_diffrn_source.type                        RIGAKU 
_diffrn_source.pdbx_wavelength_list        1.502 
_diffrn_source.pdbx_wavelength             ? 
_diffrn_source.pdbx_synchrotron_site       ? 
_diffrn_source.pdbx_synchrotron_beamline   ? 
# 
_reflns.entry_id                     3K0X 
_reflns.d_resolution_high            1.70 
_reflns.d_resolution_low             22.08 
_reflns.number_all                   ? 
_reflns.number_obs                   10634 
_reflns.pdbx_netI_over_sigmaI        10.205 
_reflns.pdbx_Rsym_value              0.048 
_reflns.pdbx_redundancy              4.500 
_reflns.percent_possible_obs         94.500 
_reflns.observed_criterion_sigma_F   ? 
_reflns.observed_criterion_sigma_I   ? 
_reflns.pdbx_Rmerge_I_obs            ? 
_reflns.B_iso_Wilson_estimate        ? 
_reflns.R_free_details               ? 
_reflns.limit_h_max                  ? 
_reflns.limit_h_min                  ? 
_reflns.limit_k_max                  ? 
_reflns.limit_k_min                  ? 
_reflns.limit_l_max                  ? 
_reflns.limit_l_min                  ? 
_reflns.observed_criterion_F_max     ? 
_reflns.observed_criterion_F_min     ? 
_reflns.pdbx_chi_squared             ? 
_reflns.pdbx_scaling_rejects         ? 
_reflns.pdbx_diffrn_id               1 
_reflns.pdbx_ordinal                 1 
# 
loop_
_reflns_shell.d_res_high 
_reflns_shell.d_res_low 
_reflns_shell.number_measured_obs 
_reflns_shell.number_measured_all 
_reflns_shell.number_unique_obs 
_reflns_shell.Rmerge_I_obs 
_reflns_shell.meanI_over_sigI_obs 
_reflns_shell.pdbx_Rsym_value 
_reflns_shell.pdbx_chi_squared 
_reflns_shell.pdbx_redundancy 
_reflns_shell.percent_possible_obs 
_reflns_shell.number_unique_all 
_reflns_shell.percent_possible_all 
_reflns_shell.pdbx_diffrn_id 
_reflns_shell.pdbx_ordinal 
1.70 1.79  ? 3061 ? 0.336 2.2  0.336 ? 2.70 ? 1147 69.50  ? 1  
1.79 1.90  ? 5631 ? 0.259 2.8  0.259 ? 3.90 ? 1435 93.10  ? 2  
1.90 2.03  ? 7023 ? 0.153 4.7  0.153 ? 4.80 ? 1471 100.00 ? 3  
2.03 2.19  ? 6601 ? 0.099 7.3  0.099 ? 4.80 ? 1367 100.00 ? 4  
2.19 2.40  ? 6081 ? 0.076 9.1  0.076 ? 4.90 ? 1249 100.00 ? 5  
2.40 2.69  ? 5542 ? 0.058 9.8  0.058 ? 4.90 ? 1120 100.00 ? 6  
2.69 3.10  ? 4985 ? 0.041 15.2 0.041 ? 5.00 ? 999  100.00 ? 7  
3.10 3.80  ? 4230 ? 0.034 15.4 0.034 ? 5.10 ? 835  100.00 ? 8  
3.80 5.38  ? 3369 ? 0.027 17.5 0.027 ? 5.10 ? 663  100.00 ? 9  
5.38 22.08 ? 1755 ? 0.027 17.1 0.027 ? 5.00 ? 348  98.80  ? 10 
# 
_refine.entry_id                                 3K0X 
_refine.ls_d_res_high                            1.70 
_refine.ls_d_res_low                             20.0 
_refine.pdbx_ls_sigma_F                          0.00 
_refine.ls_percent_reflns_obs                    94.600 
_refine.ls_number_reflns_obs                     10630 
_refine.ls_R_factor_R_work                       0.188 
_refine.ls_R_factor_R_free                       0.238 
_refine.ls_percent_reflns_R_free                 9.400 
_refine.ls_number_reflns_R_free                  1056 
_refine.B_iso_mean                               24.188 
_refine.solvent_model_param_bsol                 66.185 
_refine.aniso_B[1][1]                            0.465 
_refine.aniso_B[2][2]                            0.465 
_refine.aniso_B[3][3]                            -0.930 
_refine.aniso_B[1][2]                            -0.000 
_refine.aniso_B[1][3]                            0.000 
_refine.aniso_B[2][3]                            0.000 
_refine.pdbx_method_to_determine_struct          SAD 
_refine.B_iso_max                                77.25 
_refine.B_iso_min                                2.81 
_refine.occupancy_max                            1.00 
_refine.occupancy_min                            0.30 
_refine.pdbx_ls_sigma_I                          ? 
_refine.ls_number_reflns_all                     10634 
_refine.ls_R_factor_all                          ? 
_refine.ls_R_factor_obs                          ? 
_refine.ls_redundancy_reflns_obs                 ? 
_refine.pdbx_data_cutoff_high_absF               ? 
_refine.pdbx_data_cutoff_low_absF                ? 
_refine.ls_number_parameters                     ? 
_refine.ls_number_restraints                     ? 
_refine.ls_R_factor_R_free_error                 ? 
_refine.ls_R_factor_R_free_error_details         ? 
_refine.pdbx_starting_model                      ? 
_refine.pdbx_ls_cross_valid_method               ? 
_refine.pdbx_R_Free_selection_details            ? 
_refine.pdbx_stereochem_target_val_spec_case     ? 
_refine.pdbx_stereochemistry_target_values       ? 
_refine.solvent_model_details                    ? 
_refine.solvent_model_param_ksol                 ? 
_refine.pdbx_isotropic_thermal_model             ? 
_refine.details                                  ? 
_refine.correlation_coeff_Fo_to_Fc               ? 
_refine.correlation_coeff_Fo_to_Fc_free          ? 
_refine.pdbx_solvent_vdw_probe_radii             ? 
_refine.pdbx_solvent_ion_probe_radii             ? 
_refine.pdbx_solvent_shrinkage_radii             ? 
_refine.overall_SU_R_Cruickshank_DPI             ? 
_refine.overall_SU_R_free                        ? 
_refine.overall_SU_ML                            ? 
_refine.overall_SU_B                             ? 
_refine.pdbx_overall_ESU_R_Free                  ? 
_refine.pdbx_data_cutoff_high_rms_absF           ? 
_refine.pdbx_overall_ESU_R                       ? 
_refine.ls_wR_factor_R_free                      ? 
_refine.ls_wR_factor_R_work                      ? 
_refine.overall_FOM_free_R_set                   ? 
_refine.overall_FOM_work_R_set                   ? 
_refine.pdbx_overall_phase_error                 ? 
_refine.pdbx_refine_id                           'X-RAY DIFFRACTION' 
_refine.pdbx_diffrn_id                           1 
_refine.pdbx_TLS_residual_ADP_flag               ? 
_refine.pdbx_overall_SU_R_free_Cruickshank_DPI   ? 
_refine.pdbx_overall_SU_R_Blow_DPI               ? 
_refine.pdbx_overall_SU_R_free_Blow_DPI          ? 
# 
_refine_analyze.entry_id                        3K0X 
_refine_analyze.Luzzati_coordinate_error_obs    0.21 
_refine_analyze.Luzzati_sigma_a_obs             0.27 
_refine_analyze.Luzzati_d_res_low_obs           5.0 
_refine_analyze.Luzzati_coordinate_error_free   ? 
_refine_analyze.Luzzati_sigma_a_free            ? 
_refine_analyze.Luzzati_d_res_low_free          ? 
_refine_analyze.number_disordered_residues      ? 
_refine_analyze.occupancy_sum_non_hydrogen      ? 
_refine_analyze.occupancy_sum_hydrogen          ? 
_refine_analyze.pdbx_Luzzati_d_res_high_obs     ? 
_refine_analyze.pdbx_refine_id                  'X-RAY DIFFRACTION' 
# 
_refine_hist.pdbx_refine_id                   'X-RAY DIFFRACTION' 
_refine_hist.cycle_id                         LAST 
_refine_hist.pdbx_number_atoms_protein        774 
_refine_hist.pdbx_number_atoms_nucleic_acid   0 
_refine_hist.pdbx_number_atoms_ligand         8 
_refine_hist.number_atoms_solvent             146 
_refine_hist.number_atoms_total               928 
_refine_hist.d_res_high                       1.70 
_refine_hist.d_res_low                        20.0 
# 
loop_
_refine_ls_restr.type 
_refine_ls_restr.number 
_refine_ls_restr.dev_ideal 
_refine_ls_restr.dev_ideal_target 
_refine_ls_restr.weight 
_refine_ls_restr.pdbx_refine_id 
_refine_ls_restr.pdbx_restraint_function 
c_bond_d    ? 0.021 ? ? 'X-RAY DIFFRACTION' ? 
c_angle_deg ? 2.016 ? ? 'X-RAY DIFFRACTION' ? 
# 
_refine_ls_shell.d_res_high                       1.70 
_refine_ls_shell.d_res_low                        1.73 
_refine_ls_shell.number_reflns_obs                286 
_refine_ls_shell.number_reflns_R_free             26 
_refine_ls_shell.R_factor_R_work                  0.4558 
_refine_ls_shell.R_factor_R_free                  0.4876 
_refine_ls_shell.R_factor_R_free_error            ? 
_refine_ls_shell.percent_reflns_obs               ? 
_refine_ls_shell.percent_reflns_R_free            ? 
_refine_ls_shell.pdbx_total_number_of_bins_used   ? 
_refine_ls_shell.number_reflns_R_work             ? 
_refine_ls_shell.redundancy_reflns_obs            ? 
_refine_ls_shell.number_reflns_all                ? 
_refine_ls_shell.R_factor_all                     ? 
_refine_ls_shell.pdbx_refine_id                   'X-RAY DIFFRACTION' 
# 
loop_
_pdbx_xplor_file.serial_no 
_pdbx_xplor_file.param_file 
_pdbx_xplor_file.topol_file 
_pdbx_xplor_file.pdbx_refine_id 
1 CNS_TOPPAR:protein_rep.param ? 'X-RAY DIFFRACTION' 
2 CNS_TOPPAR:dna-rna_rep.param ? 'X-RAY DIFFRACTION' 
3 CNS_TOPPAR:water_rep.param   ? 'X-RAY DIFFRACTION' 
4 CNS_TOPPAR:ion.param         ? 'X-RAY DIFFRACTION' 
# 
_struct.entry_id                  3K0X 
_struct.title                     'Crystal structure of telomere capping protein Ten1 from Saccharomyces pombe' 
_struct.pdbx_model_details        ? 
_struct.pdbx_CASP_flag            ? 
_struct.pdbx_model_type_details   ? 
# 
_struct_keywords.entry_id        3K0X 
_struct_keywords.text            'beta barrel, ob fold, telomere capping, Chromosomal protein, Nucleus, Telomere, PROTEIN BINDING' 
_struct_keywords.pdbx_keywords   'PROTEIN BINDING' 
# 
loop_
_struct_asym.id 
_struct_asym.pdbx_blank_PDB_chainid_flag 
_struct_asym.pdbx_modified 
_struct_asym.entity_id 
_struct_asym.details 
A N N 1 ? 
B N N 2 ? 
C N N 2 ? 
D N N 2 ? 
E N N 2 ? 
F N N 2 ? 
G N N 2 ? 
H N N 2 ? 
I N N 2 ? 
J N N 3 ? 
# 
_struct_ref.id                         1 
_struct_ref.db_name                    UNP 
_struct_ref.db_code                    TEN1_SCHPO 
_struct_ref.pdbx_db_accession          P0C5Y7 
_struct_ref.entity_id                  1 
_struct_ref.pdbx_seq_one_letter_code   
;MDSAKLIFINQINDCKDGQKLRFLGCVQSYKNGILRLIDGSSSVTCDVTVVLPDVSIQKHEWLNIVGRKRQDGIVDVLLI
RSAVGINLPRYRQMVSERQKCD
;
_struct_ref.pdbx_align_begin           1 
_struct_ref.pdbx_db_isoform            ? 
# 
_struct_ref_seq.align_id                      1 
_struct_ref_seq.ref_id                        1 
_struct_ref_seq.pdbx_PDB_id_code              3K0X 
_struct_ref_seq.pdbx_strand_id                A 
_struct_ref_seq.seq_align_beg                 1 
_struct_ref_seq.pdbx_seq_align_beg_ins_code   ? 
_struct_ref_seq.seq_align_end                 102 
_struct_ref_seq.pdbx_seq_align_end_ins_code   ? 
_struct_ref_seq.pdbx_db_accession             P0C5Y7 
_struct_ref_seq.db_align_beg                  1 
_struct_ref_seq.pdbx_db_align_beg_ins_code    ? 
_struct_ref_seq.db_align_end                  102 
_struct_ref_seq.pdbx_db_align_end_ins_code    ? 
_struct_ref_seq.pdbx_auth_seq_align_beg       1 
_struct_ref_seq.pdbx_auth_seq_align_end       102 
# 
_pdbx_struct_assembly.id                   1 
_pdbx_struct_assembly.details              author_and_software_defined_assembly 
_pdbx_struct_assembly.method_details       PISA 
_pdbx_struct_assembly.oligomeric_details   monomeric 
_pdbx_struct_assembly.oligomeric_count     1 
# 
_pdbx_struct_assembly_gen.assembly_id       1 
_pdbx_struct_assembly_gen.oper_expression   1 
_pdbx_struct_assembly_gen.asym_id_list      A,B,C,D,E,F,G,H,I,J 
# 
_pdbx_struct_oper_list.id                   1 
_pdbx_struct_oper_list.type                 'identity operation' 
_pdbx_struct_oper_list.name                 1_555 
_pdbx_struct_oper_list.symmetry_operation   x,y,z 
_pdbx_struct_oper_list.matrix[1][1]         1.0000000000 
_pdbx_struct_oper_list.matrix[1][2]         0.0000000000 
_pdbx_struct_oper_list.matrix[1][3]         0.0000000000 
_pdbx_struct_oper_list.vector[1]            0.0000000000 
_pdbx_struct_oper_list.matrix[2][1]         0.0000000000 
_pdbx_struct_oper_list.matrix[2][2]         1.0000000000 
_pdbx_struct_oper_list.matrix[2][3]         0.0000000000 
_pdbx_struct_oper_list.vector[2]            0.0000000000 
_pdbx_struct_oper_list.matrix[3][1]         0.0000000000 
_pdbx_struct_oper_list.matrix[3][2]         0.0000000000 
_pdbx_struct_oper_list.matrix[3][3]         1.0000000000 
_pdbx_struct_oper_list.vector[3]            0.0000000000 
# 
_struct_biol.id        1 
_struct_biol.details   ? 
# 
loop_
_struct_conf.conf_type_id 
_struct_conf.id 
_struct_conf.pdbx_PDB_helix_id 
_struct_conf.beg_label_comp_id 
_struct_conf.beg_label_asym_id 
_struct_conf.beg_label_seq_id 
_struct_conf.pdbx_beg_PDB_ins_code 
_struct_conf.end_label_comp_id 
_struct_conf.end_label_asym_id 
_struct_conf.end_label_seq_id 
_struct_conf.pdbx_end_PDB_ins_code 
_struct_conf.beg_auth_comp_id 
_struct_conf.beg_auth_asym_id 
_struct_conf.beg_auth_seq_id 
_struct_conf.end_auth_comp_id 
_struct_conf.end_auth_asym_id 
_struct_conf.end_auth_seq_id 
_struct_conf.pdbx_PDB_helix_class 
_struct_conf.details 
_struct_conf.pdbx_PDB_helix_length 
HELX_P HELX_P1 1 PHE A 8  ? CYS A 15  ? PHE A 8  CYS A 15  5 ? 8  
HELX_P HELX_P2 2 ASN A 87 ? CYS A 101 ? ASN A 87 CYS A 101 1 ? 15 
# 
_struct_conf_type.id          HELX_P 
_struct_conf_type.criteria    ? 
_struct_conf_type.reference   ? 
# 
_struct_sheet.id               A 
_struct_sheet.type             ? 
_struct_sheet.number_strands   7 
_struct_sheet.details          ? 
# 
loop_
_struct_sheet_order.sheet_id 
_struct_sheet_order.range_id_1 
_struct_sheet_order.range_id_2 
_struct_sheet_order.offset 
_struct_sheet_order.sense 
A 1 2 ? parallel      
A 2 3 ? anti-parallel 
A 3 4 ? anti-parallel 
A 4 5 ? parallel      
A 5 6 ? anti-parallel 
A 6 7 ? anti-parallel 
# 
loop_
_struct_sheet_range.sheet_id 
_struct_sheet_range.id 
_struct_sheet_range.beg_label_comp_id 
_struct_sheet_range.beg_label_asym_id 
_struct_sheet_range.beg_label_seq_id 
_struct_sheet_range.pdbx_beg_PDB_ins_code 
_struct_sheet_range.end_label_comp_id 
_struct_sheet_range.end_label_asym_id 
_struct_sheet_range.end_label_seq_id 
_struct_sheet_range.pdbx_end_PDB_ins_code 
_struct_sheet_range.beg_auth_comp_id 
_struct_sheet_range.beg_auth_asym_id 
_struct_sheet_range.beg_auth_seq_id 
_struct_sheet_range.end_auth_comp_id 
_struct_sheet_range.end_auth_asym_id 
_struct_sheet_range.end_auth_seq_id 
A 1 LYS A 5  ? LEU A 6  ? LYS A 5  LEU A 6  
A 2 LYS A 20 ? LYS A 31 ? LYS A 20 LYS A 31 
A 3 TRP A 62 ? GLN A 71 ? TRP A 62 GLN A 71 
A 4 ILE A 74 ? SER A 82 ? ILE A 74 SER A 82 
A 5 SER A 42 ? ASP A 47 ? SER A 42 ASP A 47 
A 6 ILE A 34 ? ASP A 39 ? ILE A 34 ASP A 39 
A 7 LYS A 20 ? LYS A 31 ? LYS A 20 LYS A 31 
# 
loop_
_pdbx_struct_sheet_hbond.sheet_id 
_pdbx_struct_sheet_hbond.range_id_1 
_pdbx_struct_sheet_hbond.range_id_2 
_pdbx_struct_sheet_hbond.range_1_label_atom_id 
_pdbx_struct_sheet_hbond.range_1_label_comp_id 
_pdbx_struct_sheet_hbond.range_1_label_asym_id 
_pdbx_struct_sheet_hbond.range_1_label_seq_id 
_pdbx_struct_sheet_hbond.range_1_PDB_ins_code 
_pdbx_struct_sheet_hbond.range_1_auth_atom_id 
_pdbx_struct_sheet_hbond.range_1_auth_comp_id 
_pdbx_struct_sheet_hbond.range_1_auth_asym_id 
_pdbx_struct_sheet_hbond.range_1_auth_seq_id 
_pdbx_struct_sheet_hbond.range_2_label_atom_id 
_pdbx_struct_sheet_hbond.range_2_label_comp_id 
_pdbx_struct_sheet_hbond.range_2_label_asym_id 
_pdbx_struct_sheet_hbond.range_2_label_seq_id 
_pdbx_struct_sheet_hbond.range_2_PDB_ins_code 
_pdbx_struct_sheet_hbond.range_2_auth_atom_id 
_pdbx_struct_sheet_hbond.range_2_auth_comp_id 
_pdbx_struct_sheet_hbond.range_2_auth_asym_id 
_pdbx_struct_sheet_hbond.range_2_auth_seq_id 
A 1 2 N LYS A 5  ? N LYS A 5  O ARG A 22 ? O ARG A 22 
A 2 3 N LEU A 21 ? N LEU A 21 O GLY A 67 ? O GLY A 67 
A 3 4 N ARG A 70 ? N ARG A 70 O ILE A 74 ? O ILE A 74 
A 4 5 O VAL A 75 ? O VAL A 75 N ASP A 47 ? N ASP A 47 
A 5 6 O CYS A 46 ? O CYS A 46 N LEU A 35 ? N LEU A 35 
A 6 7 O ARG A 36 ? O ARG A 36 N GLN A 28 ? N GLN A 28 
# 
loop_
_struct_site.id 
_struct_site.pdbx_evidence_code 
_struct_site.pdbx_auth_asym_id 
_struct_site.pdbx_auth_comp_id 
_struct_site.pdbx_auth_seq_id 
_struct_site.pdbx_auth_ins_code 
_struct_site.pdbx_num_residues 
_struct_site.details 
AC1 Software A IOD 202 ? 2 'BINDING SITE FOR RESIDUE IOD A 202' 
AC2 Software A IOD 203 ? 1 'BINDING SITE FOR RESIDUE IOD A 203' 
AC3 Software A IOD 204 ? 1 'BINDING SITE FOR RESIDUE IOD A 204' 
AC4 Software A IOD 205 ? 1 'BINDING SITE FOR RESIDUE IOD A 205' 
AC5 Software A IOD 206 ? 4 'BINDING SITE FOR RESIDUE IOD A 206' 
AC6 Software A IOD 207 ? 2 'BINDING SITE FOR RESIDUE IOD A 207' 
AC7 Software A IOD 208 ? 2 'BINDING SITE FOR RESIDUE IOD A 208' 
# 
loop_
_struct_site_gen.id 
_struct_site_gen.site_id 
_struct_site_gen.pdbx_num_res 
_struct_site_gen.label_comp_id 
_struct_site_gen.label_asym_id 
_struct_site_gen.label_seq_id 
_struct_site_gen.pdbx_auth_ins_code 
_struct_site_gen.auth_comp_id 
_struct_site_gen.auth_asym_id 
_struct_site_gen.auth_seq_id 
_struct_site_gen.label_atom_id 
_struct_site_gen.label_alt_id 
_struct_site_gen.symmetry 
_struct_site_gen.details 
1  AC1 2 TYR A 30 ? TYR A 30  . ? 1_555 ? 
2  AC1 2 LYS A 59 ? LYS A 59  . ? 1_555 ? 
3  AC2 1 ILE A 80 ? ILE A 80  . ? 1_555 ? 
4  AC3 1 TRP A 62 ? TRP A 62  . ? 1_555 ? 
5  AC4 1 HOH J .  ? HOH A 237 . ? 1_555 ? 
6  AC5 4 ASN A 13 ? ASN A 13  . ? 1_555 ? 
7  AC5 4 LYS A 31 ? LYS A 31  . ? 8_654 ? 
8  AC5 4 HOH J .  ? HOH A 214 . ? 1_555 ? 
9  AC5 4 HOH J .  ? HOH A 256 . ? 8_654 ? 
10 AC6 2 ARG A 90 ? ARG A 90  . ? 1_555 ? 
11 AC6 2 GLN A 93 ? GLN A 93  . ? 1_555 ? 
12 AC7 2 LYS A 16 ? LYS A 16  . ? 1_555 ? 
13 AC7 2 GLN A 19 ? GLN A 19  . ? 1_555 ? 
# 
_pdbx_validate_close_contact.id               1 
_pdbx_validate_close_contact.PDB_model_num    1 
_pdbx_validate_close_contact.auth_atom_id_1   O 
_pdbx_validate_close_contact.auth_asym_id_1   A 
_pdbx_validate_close_contact.auth_comp_id_1   HOH 
_pdbx_validate_close_contact.auth_seq_id_1    182 
_pdbx_validate_close_contact.PDB_ins_code_1   ? 
_pdbx_validate_close_contact.label_alt_id_1   ? 
_pdbx_validate_close_contact.auth_atom_id_2   O 
_pdbx_validate_close_contact.auth_asym_id_2   A 
_pdbx_validate_close_contact.auth_comp_id_2   HOH 
_pdbx_validate_close_contact.auth_seq_id_2    188 
_pdbx_validate_close_contact.PDB_ins_code_2   ? 
_pdbx_validate_close_contact.label_alt_id_2   ? 
_pdbx_validate_close_contact.dist             2.13 
# 
loop_
_pdbx_validate_rmsd_angle.id 
_pdbx_validate_rmsd_angle.PDB_model_num 
_pdbx_validate_rmsd_angle.auth_atom_id_1 
_pdbx_validate_rmsd_angle.auth_asym_id_1 
_pdbx_validate_rmsd_angle.auth_comp_id_1 
_pdbx_validate_rmsd_angle.auth_seq_id_1 
_pdbx_validate_rmsd_angle.PDB_ins_code_1 
_pdbx_validate_rmsd_angle.label_alt_id_1 
_pdbx_validate_rmsd_angle.auth_atom_id_2 
_pdbx_validate_rmsd_angle.auth_asym_id_2 
_pdbx_validate_rmsd_angle.auth_comp_id_2 
_pdbx_validate_rmsd_angle.auth_seq_id_2 
_pdbx_validate_rmsd_angle.PDB_ins_code_2 
_pdbx_validate_rmsd_angle.label_alt_id_2 
_pdbx_validate_rmsd_angle.auth_atom_id_3 
_pdbx_validate_rmsd_angle.auth_asym_id_3 
_pdbx_validate_rmsd_angle.auth_comp_id_3 
_pdbx_validate_rmsd_angle.auth_seq_id_3 
_pdbx_validate_rmsd_angle.PDB_ins_code_3 
_pdbx_validate_rmsd_angle.label_alt_id_3 
_pdbx_validate_rmsd_angle.angle_value 
_pdbx_validate_rmsd_angle.angle_target_value 
_pdbx_validate_rmsd_angle.angle_deviation 
_pdbx_validate_rmsd_angle.angle_standard_deviation 
_pdbx_validate_rmsd_angle.linker_flag 
1 1 NE A ARG 70 ? ? CZ A ARG 70 ? ? NH2 A ARG 70 ? ? 115.02 120.30 -5.28 0.50 N 
2 1 NE A ARG 90 ? ? CZ A ARG 90 ? ? NH1 A ARG 90 ? ? 125.46 120.30 5.16  0.50 N 
3 1 NE A ARG 90 ? ? CZ A ARG 90 ? ? NH2 A ARG 90 ? ? 113.86 120.30 -6.44 0.50 N 
4 1 NE A ARG 92 ? ? CZ A ARG 92 ? ? NH2 A ARG 92 ? ? 115.63 120.30 -4.67 0.50 N 
# 
_pdbx_struct_special_symmetry.id              1 
_pdbx_struct_special_symmetry.PDB_model_num   1 
_pdbx_struct_special_symmetry.auth_asym_id    A 
_pdbx_struct_special_symmetry.auth_comp_id    IOD 
_pdbx_struct_special_symmetry.auth_seq_id     201 
_pdbx_struct_special_symmetry.PDB_ins_code    ? 
_pdbx_struct_special_symmetry.label_asym_id   B 
_pdbx_struct_special_symmetry.label_comp_id   IOD 
_pdbx_struct_special_symmetry.label_seq_id    . 
# 
_pdbx_phasing_dm.entry_id          3K0X 
_pdbx_phasing_dm.fom_acentric      0.740 
_pdbx_phasing_dm.fom_centric       0.000 
_pdbx_phasing_dm.fom               0.740 
_pdbx_phasing_dm.reflns_acentric   11366 
_pdbx_phasing_dm.reflns_centric    0 
_pdbx_phasing_dm.reflns            11366 
# 
loop_
_pdbx_phasing_dm_shell.d_res_high 
_pdbx_phasing_dm_shell.d_res_low 
_pdbx_phasing_dm_shell.delta_phi_final 
_pdbx_phasing_dm_shell.delta_phi_initial 
_pdbx_phasing_dm_shell.fom_acentric 
_pdbx_phasing_dm_shell.fom_centric 
_pdbx_phasing_dm_shell.fom 
_pdbx_phasing_dm_shell.reflns_acentric 
_pdbx_phasing_dm_shell.reflns_centric 
_pdbx_phasing_dm_shell.reflns 
4.500 25.669 ? ? 0.930 ? 0.930 584  ? 584  
2.800 4.500  ? ? 0.910 ? 0.910 1828 ? 1828 
2.300 2.800  ? ? 0.780 ? 0.780 2287 ? 2287 
2.000 2.300  ? ? 0.670 ? 0.670 2339 ? 2339 
1.700 2.000  ? ? 0.610 ? 0.610 3540 ? 3540 
1.600 1.700  ? ? 0.860 ? 0.860 788  ? 788  
# 
_phasing.method   SAD 
# 
_phasing_MAD.entry_id               3K0X 
_phasing_MAD.pdbx_d_res_high        1.59 
_phasing_MAD.pdbx_d_res_low         25.67 
_phasing_MAD.pdbx_reflns_acentric   10395 
_phasing_MAD.pdbx_fom_acentric      0.558 
_phasing_MAD.pdbx_reflns_centric    0 
_phasing_MAD.pdbx_fom_centric       0.000 
_phasing_MAD.pdbx_reflns            11363 
_phasing_MAD.pdbx_fom               0.568 
# 
loop_
_pdbx_unobs_or_zero_occ_residues.id 
_pdbx_unobs_or_zero_occ_residues.PDB_model_num 
_pdbx_unobs_or_zero_occ_residues.polymer_flag 
_pdbx_unobs_or_zero_occ_residues.occupancy_flag 
_pdbx_unobs_or_zero_occ_residues.auth_asym_id 
_pdbx_unobs_or_zero_occ_residues.auth_comp_id 
_pdbx_unobs_or_zero_occ_residues.auth_seq_id 
_pdbx_unobs_or_zero_occ_residues.PDB_ins_code 
_pdbx_unobs_or_zero_occ_residues.label_asym_id 
_pdbx_unobs_or_zero_occ_residues.label_comp_id 
_pdbx_unobs_or_zero_occ_residues.label_seq_id 
1 1 Y 1 A MET 1 ? A MET 1 
2 1 Y 1 A ASP 2 ? A ASP 2 
# 
loop_
_chem_comp_atom.comp_id 
_chem_comp_atom.atom_id 
_chem_comp_atom.type_symbol 
_chem_comp_atom.pdbx_aromatic_flag 
_chem_comp_atom.pdbx_stereo_config 
_chem_comp_atom.pdbx_ordinal 
ALA N    N N N 1   
ALA CA   C N S 2   
ALA C    C N N 3   
ALA O    O N N 4   
ALA CB   C N N 5   
ALA OXT  O N N 6   
ALA H    H N N 7   
ALA H2   H N N 8   
ALA HA   H N N 9   
ALA HB1  H N N 10  
ALA HB2  H N N 11  
ALA HB3  H N N 12  
ALA HXT  H N N 13  
ARG N    N N N 14  
ARG CA   C N S 15  
ARG C    C N N 16  
ARG O    O N N 17  
ARG CB   C N N 18  
ARG CG   C N N 19  
ARG CD   C N N 20  
ARG NE   N N N 21  
ARG CZ   C N N 22  
ARG NH1  N N N 23  
ARG NH2  N N N 24  
ARG OXT  O N N 25  
ARG H    H N N 26  
ARG H2   H N N 27  
ARG HA   H N N 28  
ARG HB2  H N N 29  
ARG HB3  H N N 30  
ARG HG2  H N N 31  
ARG HG3  H N N 32  
ARG HD2  H N N 33  
ARG HD3  H N N 34  
ARG HE   H N N 35  
ARG HH11 H N N 36  
ARG HH12 H N N 37  
ARG HH21 H N N 38  
ARG HH22 H N N 39  
ARG HXT  H N N 40  
ASN N    N N N 41  
ASN CA   C N S 42  
ASN C    C N N 43  
ASN O    O N N 44  
ASN CB   C N N 45  
ASN CG   C N N 46  
ASN OD1  O N N 47  
ASN ND2  N N N 48  
ASN OXT  O N N 49  
ASN H    H N N 50  
ASN H2   H N N 51  
ASN HA   H N N 52  
ASN HB2  H N N 53  
ASN HB3  H N N 54  
ASN HD21 H N N 55  
ASN HD22 H N N 56  
ASN HXT  H N N 57  
ASP N    N N N 58  
ASP CA   C N S 59  
ASP C    C N N 60  
ASP O    O N N 61  
ASP CB   C N N 62  
ASP CG   C N N 63  
ASP OD1  O N N 64  
ASP OD2  O N N 65  
ASP OXT  O N N 66  
ASP H    H N N 67  
ASP H2   H N N 68  
ASP HA   H N N 69  
ASP HB2  H N N 70  
ASP HB3  H N N 71  
ASP HD2  H N N 72  
ASP HXT  H N N 73  
CYS N    N N N 74  
CYS CA   C N R 75  
CYS C    C N N 76  
CYS O    O N N 77  
CYS CB   C N N 78  
CYS SG   S N N 79  
CYS OXT  O N N 80  
CYS H    H N N 81  
CYS H2   H N N 82  
CYS HA   H N N 83  
CYS HB2  H N N 84  
CYS HB3  H N N 85  
CYS HG   H N N 86  
CYS HXT  H N N 87  
GLN N    N N N 88  
GLN CA   C N S 89  
GLN C    C N N 90  
GLN O    O N N 91  
GLN CB   C N N 92  
GLN CG   C N N 93  
GLN CD   C N N 94  
GLN OE1  O N N 95  
GLN NE2  N N N 96  
GLN OXT  O N N 97  
GLN H    H N N 98  
GLN H2   H N N 99  
GLN HA   H N N 100 
GLN HB2  H N N 101 
GLN HB3  H N N 102 
GLN HG2  H N N 103 
GLN HG3  H N N 104 
GLN HE21 H N N 105 
GLN HE22 H N N 106 
GLN HXT  H N N 107 
GLU N    N N N 108 
GLU CA   C N S 109 
GLU C    C N N 110 
GLU O    O N N 111 
GLU CB   C N N 112 
GLU CG   C N N 113 
GLU CD   C N N 114 
GLU OE1  O N N 115 
GLU OE2  O N N 116 
GLU OXT  O N N 117 
GLU H    H N N 118 
GLU H2   H N N 119 
GLU HA   H N N 120 
GLU HB2  H N N 121 
GLU HB3  H N N 122 
GLU HG2  H N N 123 
GLU HG3  H N N 124 
GLU HE2  H N N 125 
GLU HXT  H N N 126 
GLY N    N N N 127 
GLY CA   C N N 128 
GLY C    C N N 129 
GLY O    O N N 130 
GLY OXT  O N N 131 
GLY H    H N N 132 
GLY H2   H N N 133 
GLY HA2  H N N 134 
GLY HA3  H N N 135 
GLY HXT  H N N 136 
HIS N    N N N 137 
HIS CA   C N S 138 
HIS C    C N N 139 
HIS O    O N N 140 
HIS CB   C N N 141 
HIS CG   C Y N 142 
HIS ND1  N Y N 143 
HIS CD2  C Y N 144 
HIS CE1  C Y N 145 
HIS NE2  N Y N 146 
HIS OXT  O N N 147 
HIS H    H N N 148 
HIS H2   H N N 149 
HIS HA   H N N 150 
HIS HB2  H N N 151 
HIS HB3  H N N 152 
HIS HD1  H N N 153 
HIS HD2  H N N 154 
HIS HE1  H N N 155 
HIS HE2  H N N 156 
HIS HXT  H N N 157 
HOH O    O N N 158 
HOH H1   H N N 159 
HOH H2   H N N 160 
ILE N    N N N 161 
ILE CA   C N S 162 
ILE C    C N N 163 
ILE O    O N N 164 
ILE CB   C N S 165 
ILE CG1  C N N 166 
ILE CG2  C N N 167 
ILE CD1  C N N 168 
ILE OXT  O N N 169 
ILE H    H N N 170 
ILE H2   H N N 171 
ILE HA   H N N 172 
ILE HB   H N N 173 
ILE HG12 H N N 174 
ILE HG13 H N N 175 
ILE HG21 H N N 176 
ILE HG22 H N N 177 
ILE HG23 H N N 178 
ILE HD11 H N N 179 
ILE HD12 H N N 180 
ILE HD13 H N N 181 
ILE HXT  H N N 182 
IOD I    I N N 183 
LEU N    N N N 184 
LEU CA   C N S 185 
LEU C    C N N 186 
LEU O    O N N 187 
LEU CB   C N N 188 
LEU CG   C N N 189 
LEU CD1  C N N 190 
LEU CD2  C N N 191 
LEU OXT  O N N 192 
LEU H    H N N 193 
LEU H2   H N N 194 
LEU HA   H N N 195 
LEU HB2  H N N 196 
LEU HB3  H N N 197 
LEU HG   H N N 198 
LEU HD11 H N N 199 
LEU HD12 H N N 200 
LEU HD13 H N N 201 
LEU HD21 H N N 202 
LEU HD22 H N N 203 
LEU HD23 H N N 204 
LEU HXT  H N N 205 
LYS N    N N N 206 
LYS CA   C N S 207 
LYS C    C N N 208 
LYS O    O N N 209 
LYS CB   C N N 210 
LYS CG   C N N 211 
LYS CD   C N N 212 
LYS CE   C N N 213 
LYS NZ   N N N 214 
LYS OXT  O N N 215 
LYS H    H N N 216 
LYS H2   H N N 217 
LYS HA   H N N 218 
LYS HB2  H N N 219 
LYS HB3  H N N 220 
LYS HG2  H N N 221 
LYS HG3  H N N 222 
LYS HD2  H N N 223 
LYS HD3  H N N 224 
LYS HE2  H N N 225 
LYS HE3  H N N 226 
LYS HZ1  H N N 227 
LYS HZ2  H N N 228 
LYS HZ3  H N N 229 
LYS HXT  H N N 230 
MET N    N N N 231 
MET CA   C N S 232 
MET C    C N N 233 
MET O    O N N 234 
MET CB   C N N 235 
MET CG   C N N 236 
MET SD   S N N 237 
MET CE   C N N 238 
MET OXT  O N N 239 
MET H    H N N 240 
MET H2   H N N 241 
MET HA   H N N 242 
MET HB2  H N N 243 
MET HB3  H N N 244 
MET HG2  H N N 245 
MET HG3  H N N 246 
MET HE1  H N N 247 
MET HE2  H N N 248 
MET HE3  H N N 249 
MET HXT  H N N 250 
PHE N    N N N 251 
PHE CA   C N S 252 
PHE C    C N N 253 
PHE O    O N N 254 
PHE CB   C N N 255 
PHE CG   C Y N 256 
PHE CD1  C Y N 257 
PHE CD2  C Y N 258 
PHE CE1  C Y N 259 
PHE CE2  C Y N 260 
PHE CZ   C Y N 261 
PHE OXT  O N N 262 
PHE H    H N N 263 
PHE H2   H N N 264 
PHE HA   H N N 265 
PHE HB2  H N N 266 
PHE HB3  H N N 267 
PHE HD1  H N N 268 
PHE HD2  H N N 269 
PHE HE1  H N N 270 
PHE HE2  H N N 271 
PHE HZ   H N N 272 
PHE HXT  H N N 273 
PRO N    N N N 274 
PRO CA   C N S 275 
PRO C    C N N 276 
PRO O    O N N 277 
PRO CB   C N N 278 
PRO CG   C N N 279 
PRO CD   C N N 280 
PRO OXT  O N N 281 
PRO H    H N N 282 
PRO HA   H N N 283 
PRO HB2  H N N 284 
PRO HB3  H N N 285 
PRO HG2  H N N 286 
PRO HG3  H N N 287 
PRO HD2  H N N 288 
PRO HD3  H N N 289 
PRO HXT  H N N 290 
SER N    N N N 291 
SER CA   C N S 292 
SER C    C N N 293 
SER O    O N N 294 
SER CB   C N N 295 
SER OG   O N N 296 
SER OXT  O N N 297 
SER H    H N N 298 
SER H2   H N N 299 
SER HA   H N N 300 
SER HB2  H N N 301 
SER HB3  H N N 302 
SER HG   H N N 303 
SER HXT  H N N 304 
THR N    N N N 305 
THR CA   C N S 306 
THR C    C N N 307 
THR O    O N N 308 
THR CB   C N R 309 
THR OG1  O N N 310 
THR CG2  C N N 311 
THR OXT  O N N 312 
THR H    H N N 313 
THR H2   H N N 314 
THR HA   H N N 315 
THR HB   H N N 316 
THR HG1  H N N 317 
THR HG21 H N N 318 
THR HG22 H N N 319 
THR HG23 H N N 320 
THR HXT  H N N 321 
TRP N    N N N 322 
TRP CA   C N S 323 
TRP C    C N N 324 
TRP O    O N N 325 
TRP CB   C N N 326 
TRP CG   C Y N 327 
TRP CD1  C Y N 328 
TRP CD2  C Y N 329 
TRP NE1  N Y N 330 
TRP CE2  C Y N 331 
TRP CE3  C Y N 332 
TRP CZ2  C Y N 333 
TRP CZ3  C Y N 334 
TRP CH2  C Y N 335 
TRP OXT  O N N 336 
TRP H    H N N 337 
TRP H2   H N N 338 
TRP HA   H N N 339 
TRP HB2  H N N 340 
TRP HB3  H N N 341 
TRP HD1  H N N 342 
TRP HE1  H N N 343 
TRP HE3  H N N 344 
TRP HZ2  H N N 345 
TRP HZ3  H N N 346 
TRP HH2  H N N 347 
TRP HXT  H N N 348 
TYR N    N N N 349 
TYR CA   C N S 350 
TYR C    C N N 351 
TYR O    O N N 352 
TYR CB   C N N 353 
TYR CG   C Y N 354 
TYR CD1  C Y N 355 
TYR CD2  C Y N 356 
TYR CE1  C Y N 357 
TYR CE2  C Y N 358 
TYR CZ   C Y N 359 
TYR OH   O N N 360 
TYR OXT  O N N 361 
TYR H    H N N 362 
TYR H2   H N N 363 
TYR HA   H N N 364 
TYR HB2  H N N 365 
TYR HB3  H N N 366 
TYR HD1  H N N 367 
TYR HD2  H N N 368 
TYR HE1  H N N 369 
TYR HE2  H N N 370 
TYR HH   H N N 371 
TYR HXT  H N N 372 
VAL N    N N N 373 
VAL CA   C N S 374 
VAL C    C N N 375 
VAL O    O N N 376 
VAL CB   C N N 377 
VAL CG1  C N N 378 
VAL CG2  C N N 379 
VAL OXT  O N N 380 
VAL H    H N N 381 
VAL H2   H N N 382 
VAL HA   H N N 383 
VAL HB   H N N 384 
VAL HG11 H N N 385 
VAL HG12 H N N 386 
VAL HG13 H N N 387 
VAL HG21 H N N 388 
VAL HG22 H N N 389 
VAL HG23 H N N 390 
VAL HXT  H N N 391 
# 
loop_
_chem_comp_bond.comp_id 
_chem_comp_bond.atom_id_1 
_chem_comp_bond.atom_id_2 
_chem_comp_bond.value_order 
_chem_comp_bond.pdbx_aromatic_flag 
_chem_comp_bond.pdbx_stereo_config 
_chem_comp_bond.pdbx_ordinal 
ALA N   CA   sing N N 1   
ALA N   H    sing N N 2   
ALA N   H2   sing N N 3   
ALA CA  C    sing N N 4   
ALA CA  CB   sing N N 5   
ALA CA  HA   sing N N 6   
ALA C   O    doub N N 7   
ALA C   OXT  sing N N 8   
ALA CB  HB1  sing N N 9   
ALA CB  HB2  sing N N 10  
ALA CB  HB3  sing N N 11  
ALA OXT HXT  sing N N 12  
ARG N   CA   sing N N 13  
ARG N   H    sing N N 14  
ARG N   H2   sing N N 15  
ARG CA  C    sing N N 16  
ARG CA  CB   sing N N 17  
ARG CA  HA   sing N N 18  
ARG C   O    doub N N 19  
ARG C   OXT  sing N N 20  
ARG CB  CG   sing N N 21  
ARG CB  HB2  sing N N 22  
ARG CB  HB3  sing N N 23  
ARG CG  CD   sing N N 24  
ARG CG  HG2  sing N N 25  
ARG CG  HG3  sing N N 26  
ARG CD  NE   sing N N 27  
ARG CD  HD2  sing N N 28  
ARG CD  HD3  sing N N 29  
ARG NE  CZ   sing N N 30  
ARG NE  HE   sing N N 31  
ARG CZ  NH1  sing N N 32  
ARG CZ  NH2  doub N N 33  
ARG NH1 HH11 sing N N 34  
ARG NH1 HH12 sing N N 35  
ARG NH2 HH21 sing N N 36  
ARG NH2 HH22 sing N N 37  
ARG OXT HXT  sing N N 38  
ASN N   CA   sing N N 39  
ASN N   H    sing N N 40  
ASN N   H2   sing N N 41  
ASN CA  C    sing N N 42  
ASN CA  CB   sing N N 43  
ASN CA  HA   sing N N 44  
ASN C   O    doub N N 45  
ASN C   OXT  sing N N 46  
ASN CB  CG   sing N N 47  
ASN CB  HB2  sing N N 48  
ASN CB  HB3  sing N N 49  
ASN CG  OD1  doub N N 50  
ASN CG  ND2  sing N N 51  
ASN ND2 HD21 sing N N 52  
ASN ND2 HD22 sing N N 53  
ASN OXT HXT  sing N N 54  
ASP N   CA   sing N N 55  
ASP N   H    sing N N 56  
ASP N   H2   sing N N 57  
ASP CA  C    sing N N 58  
ASP CA  CB   sing N N 59  
ASP CA  HA   sing N N 60  
ASP C   O    doub N N 61  
ASP C   OXT  sing N N 62  
ASP CB  CG   sing N N 63  
ASP CB  HB2  sing N N 64  
ASP CB  HB3  sing N N 65  
ASP CG  OD1  doub N N 66  
ASP CG  OD2  sing N N 67  
ASP OD2 HD2  sing N N 68  
ASP OXT HXT  sing N N 69  
CYS N   CA   sing N N 70  
CYS N   H    sing N N 71  
CYS N   H2   sing N N 72  
CYS CA  C    sing N N 73  
CYS CA  CB   sing N N 74  
CYS CA  HA   sing N N 75  
CYS C   O    doub N N 76  
CYS C   OXT  sing N N 77  
CYS CB  SG   sing N N 78  
CYS CB  HB2  sing N N 79  
CYS CB  HB3  sing N N 80  
CYS SG  HG   sing N N 81  
CYS OXT HXT  sing N N 82  
GLN N   CA   sing N N 83  
GLN N   H    sing N N 84  
GLN N   H2   sing N N 85  
GLN CA  C    sing N N 86  
GLN CA  CB   sing N N 87  
GLN CA  HA   sing N N 88  
GLN C   O    doub N N 89  
GLN C   OXT  sing N N 90  
GLN CB  CG   sing N N 91  
GLN CB  HB2  sing N N 92  
GLN CB  HB3  sing N N 93  
GLN CG  CD   sing N N 94  
GLN CG  HG2  sing N N 95  
GLN CG  HG3  sing N N 96  
GLN CD  OE1  doub N N 97  
GLN CD  NE2  sing N N 98  
GLN NE2 HE21 sing N N 99  
GLN NE2 HE22 sing N N 100 
GLN OXT HXT  sing N N 101 
GLU N   CA   sing N N 102 
GLU N   H    sing N N 103 
GLU N   H2   sing N N 104 
GLU CA  C    sing N N 105 
GLU CA  CB   sing N N 106 
GLU CA  HA   sing N N 107 
GLU C   O    doub N N 108 
GLU C   OXT  sing N N 109 
GLU CB  CG   sing N N 110 
GLU CB  HB2  sing N N 111 
GLU CB  HB3  sing N N 112 
GLU CG  CD   sing N N 113 
GLU CG  HG2  sing N N 114 
GLU CG  HG3  sing N N 115 
GLU CD  OE1  doub N N 116 
GLU CD  OE2  sing N N 117 
GLU OE2 HE2  sing N N 118 
GLU OXT HXT  sing N N 119 
GLY N   CA   sing N N 120 
GLY N   H    sing N N 121 
GLY N   H2   sing N N 122 
GLY CA  C    sing N N 123 
GLY CA  HA2  sing N N 124 
GLY CA  HA3  sing N N 125 
GLY C   O    doub N N 126 
GLY C   OXT  sing N N 127 
GLY OXT HXT  sing N N 128 
HIS N   CA   sing N N 129 
HIS N   H    sing N N 130 
HIS N   H2   sing N N 131 
HIS CA  C    sing N N 132 
HIS CA  CB   sing N N 133 
HIS CA  HA   sing N N 134 
HIS C   O    doub N N 135 
HIS C   OXT  sing N N 136 
HIS CB  CG   sing N N 137 
HIS CB  HB2  sing N N 138 
HIS CB  HB3  sing N N 139 
HIS CG  ND1  sing Y N 140 
HIS CG  CD2  doub Y N 141 
HIS ND1 CE1  doub Y N 142 
HIS ND1 HD1  sing N N 143 
HIS CD2 NE2  sing Y N 144 
HIS CD2 HD2  sing N N 145 
HIS CE1 NE2  sing Y N 146 
HIS CE1 HE1  sing N N 147 
HIS NE2 HE2  sing N N 148 
HIS OXT HXT  sing N N 149 
HOH O   H1   sing N N 150 
HOH O   H2   sing N N 151 
ILE N   CA   sing N N 152 
ILE N   H    sing N N 153 
ILE N   H2   sing N N 154 
ILE CA  C    sing N N 155 
ILE CA  CB   sing N N 156 
ILE CA  HA   sing N N 157 
ILE C   O    doub N N 158 
ILE C   OXT  sing N N 159 
ILE CB  CG1  sing N N 160 
ILE CB  CG2  sing N N 161 
ILE CB  HB   sing N N 162 
ILE CG1 CD1  sing N N 163 
ILE CG1 HG12 sing N N 164 
ILE CG1 HG13 sing N N 165 
ILE CG2 HG21 sing N N 166 
ILE CG2 HG22 sing N N 167 
ILE CG2 HG23 sing N N 168 
ILE CD1 HD11 sing N N 169 
ILE CD1 HD12 sing N N 170 
ILE CD1 HD13 sing N N 171 
ILE OXT HXT  sing N N 172 
LEU N   CA   sing N N 173 
LEU N   H    sing N N 174 
LEU N   H2   sing N N 175 
LEU CA  C    sing N N 176 
LEU CA  CB   sing N N 177 
LEU CA  HA   sing N N 178 
LEU C   O    doub N N 179 
LEU C   OXT  sing N N 180 
LEU CB  CG   sing N N 181 
LEU CB  HB2  sing N N 182 
LEU CB  HB3  sing N N 183 
LEU CG  CD1  sing N N 184 
LEU CG  CD2  sing N N 185 
LEU CG  HG   sing N N 186 
LEU CD1 HD11 sing N N 187 
LEU CD1 HD12 sing N N 188 
LEU CD1 HD13 sing N N 189 
LEU CD2 HD21 sing N N 190 
LEU CD2 HD22 sing N N 191 
LEU CD2 HD23 sing N N 192 
LEU OXT HXT  sing N N 193 
LYS N   CA   sing N N 194 
LYS N   H    sing N N 195 
LYS N   H2   sing N N 196 
LYS CA  C    sing N N 197 
LYS CA  CB   sing N N 198 
LYS CA  HA   sing N N 199 
LYS C   O    doub N N 200 
LYS C   OXT  sing N N 201 
LYS CB  CG   sing N N 202 
LYS CB  HB2  sing N N 203 
LYS CB  HB3  sing N N 204 
LYS CG  CD   sing N N 205 
LYS CG  HG2  sing N N 206 
LYS CG  HG3  sing N N 207 
LYS CD  CE   sing N N 208 
LYS CD  HD2  sing N N 209 
LYS CD  HD3  sing N N 210 
LYS CE  NZ   sing N N 211 
LYS CE  HE2  sing N N 212 
LYS CE  HE3  sing N N 213 
LYS NZ  HZ1  sing N N 214 
LYS NZ  HZ2  sing N N 215 
LYS NZ  HZ3  sing N N 216 
LYS OXT HXT  sing N N 217 
MET N   CA   sing N N 218 
MET N   H    sing N N 219 
MET N   H2   sing N N 220 
MET CA  C    sing N N 221 
MET CA  CB   sing N N 222 
MET CA  HA   sing N N 223 
MET C   O    doub N N 224 
MET C   OXT  sing N N 225 
MET CB  CG   sing N N 226 
MET CB  HB2  sing N N 227 
MET CB  HB3  sing N N 228 
MET CG  SD   sing N N 229 
MET CG  HG2  sing N N 230 
MET CG  HG3  sing N N 231 
MET SD  CE   sing N N 232 
MET CE  HE1  sing N N 233 
MET CE  HE2  sing N N 234 
MET CE  HE3  sing N N 235 
MET OXT HXT  sing N N 236 
PHE N   CA   sing N N 237 
PHE N   H    sing N N 238 
PHE N   H2   sing N N 239 
PHE CA  C    sing N N 240 
PHE CA  CB   sing N N 241 
PHE CA  HA   sing N N 242 
PHE C   O    doub N N 243 
PHE C   OXT  sing N N 244 
PHE CB  CG   sing N N 245 
PHE CB  HB2  sing N N 246 
PHE CB  HB3  sing N N 247 
PHE CG  CD1  doub Y N 248 
PHE CG  CD2  sing Y N 249 
PHE CD1 CE1  sing Y N 250 
PHE CD1 HD1  sing N N 251 
PHE CD2 CE2  doub Y N 252 
PHE CD2 HD2  sing N N 253 
PHE CE1 CZ   doub Y N 254 
PHE CE1 HE1  sing N N 255 
PHE CE2 CZ   sing Y N 256 
PHE CE2 HE2  sing N N 257 
PHE CZ  HZ   sing N N 258 
PHE OXT HXT  sing N N 259 
PRO N   CA   sing N N 260 
PRO N   CD   sing N N 261 
PRO N   H    sing N N 262 
PRO CA  C    sing N N 263 
PRO CA  CB   sing N N 264 
PRO CA  HA   sing N N 265 
PRO C   O    doub N N 266 
PRO C   OXT  sing N N 267 
PRO CB  CG   sing N N 268 
PRO CB  HB2  sing N N 269 
PRO CB  HB3  sing N N 270 
PRO CG  CD   sing N N 271 
PRO CG  HG2  sing N N 272 
PRO CG  HG3  sing N N 273 
PRO CD  HD2  sing N N 274 
PRO CD  HD3  sing N N 275 
PRO OXT HXT  sing N N 276 
SER N   CA   sing N N 277 
SER N   H    sing N N 278 
SER N   H2   sing N N 279 
SER CA  C    sing N N 280 
SER CA  CB   sing N N 281 
SER CA  HA   sing N N 282 
SER C   O    doub N N 283 
SER C   OXT  sing N N 284 
SER CB  OG   sing N N 285 
SER CB  HB2  sing N N 286 
SER CB  HB3  sing N N 287 
SER OG  HG   sing N N 288 
SER OXT HXT  sing N N 289 
THR N   CA   sing N N 290 
THR N   H    sing N N 291 
THR N   H2   sing N N 292 
THR CA  C    sing N N 293 
THR CA  CB   sing N N 294 
THR CA  HA   sing N N 295 
THR C   O    doub N N 296 
THR C   OXT  sing N N 297 
THR CB  OG1  sing N N 298 
THR CB  CG2  sing N N 299 
THR CB  HB   sing N N 300 
THR OG1 HG1  sing N N 301 
THR CG2 HG21 sing N N 302 
THR CG2 HG22 sing N N 303 
THR CG2 HG23 sing N N 304 
THR OXT HXT  sing N N 305 
TRP N   CA   sing N N 306 
TRP N   H    sing N N 307 
TRP N   H2   sing N N 308 
TRP CA  C    sing N N 309 
TRP CA  CB   sing N N 310 
TRP CA  HA   sing N N 311 
TRP C   O    doub N N 312 
TRP C   OXT  sing N N 313 
TRP CB  CG   sing N N 314 
TRP CB  HB2  sing N N 315 
TRP CB  HB3  sing N N 316 
TRP CG  CD1  doub Y N 317 
TRP CG  CD2  sing Y N 318 
TRP CD1 NE1  sing Y N 319 
TRP CD1 HD1  sing N N 320 
TRP CD2 CE2  doub Y N 321 
TRP CD2 CE3  sing Y N 322 
TRP NE1 CE2  sing Y N 323 
TRP NE1 HE1  sing N N 324 
TRP CE2 CZ2  sing Y N 325 
TRP CE3 CZ3  doub Y N 326 
TRP CE3 HE3  sing N N 327 
TRP CZ2 CH2  doub Y N 328 
TRP CZ2 HZ2  sing N N 329 
TRP CZ3 CH2  sing Y N 330 
TRP CZ3 HZ3  sing N N 331 
TRP CH2 HH2  sing N N 332 
TRP OXT HXT  sing N N 333 
TYR N   CA   sing N N 334 
TYR N   H    sing N N 335 
TYR N   H2   sing N N 336 
TYR CA  C    sing N N 337 
TYR CA  CB   sing N N 338 
TYR CA  HA   sing N N 339 
TYR C   O    doub N N 340 
TYR C   OXT  sing N N 341 
TYR CB  CG   sing N N 342 
TYR CB  HB2  sing N N 343 
TYR CB  HB3  sing N N 344 
TYR CG  CD1  doub Y N 345 
TYR CG  CD2  sing Y N 346 
TYR CD1 CE1  sing Y N 347 
TYR CD1 HD1  sing N N 348 
TYR CD2 CE2  doub Y N 349 
TYR CD2 HD2  sing N N 350 
TYR CE1 CZ   doub Y N 351 
TYR CE1 HE1  sing N N 352 
TYR CE2 CZ   sing Y N 353 
TYR CE2 HE2  sing N N 354 
TYR CZ  OH   sing N N 355 
TYR OH  HH   sing N N 356 
TYR OXT HXT  sing N N 357 
VAL N   CA   sing N N 358 
VAL N   H    sing N N 359 
VAL N   H2   sing N N 360 
VAL CA  C    sing N N 361 
VAL CA  CB   sing N N 362 
VAL CA  HA   sing N N 363 
VAL C   O    doub N N 364 
VAL C   OXT  sing N N 365 
VAL CB  CG1  sing N N 366 
VAL CB  CG2  sing N N 367 
VAL CB  HB   sing N N 368 
VAL CG1 HG11 sing N N 369 
VAL CG1 HG12 sing N N 370 
VAL CG1 HG13 sing N N 371 
VAL CG2 HG21 sing N N 372 
VAL CG2 HG22 sing N N 373 
VAL CG2 HG23 sing N N 374 
VAL OXT HXT  sing N N 375 
# 
_atom_sites.entry_id                    3K0X 
_atom_sites.fract_transf_matrix[1][1]   0.00362751 
_atom_sites.fract_transf_matrix[1][2]   -0.00255429 
_atom_sites.fract_transf_matrix[1][3]   -0.01739985 
_atom_sites.fract_transf_matrix[2][1]   -0.00877619 
_atom_sites.fract_transf_matrix[2][2]   0.00946418 
_atom_sites.fract_transf_matrix[2][3]   -0.01248446 
_atom_sites.fract_transf_matrix[3][1]   0.01062611 
_atom_sites.fract_transf_matrix[3][2]   0.01070328 
_atom_sites.fract_transf_matrix[3][3]   0.00064409 
_atom_sites.fract_transf_vector[1]      0.627534 
_atom_sites.fract_transf_vector[2]      0.802321 
_atom_sites.fract_transf_vector[3]      0.439294 
# 
loop_
_atom_type.symbol 
C 
I 
N 
O 
S 
# 
loop_
_atom_site.group_PDB 
_atom_site.id 
_atom_site.type_symbol 
_atom_site.label_atom_id 
_atom_site.label_alt_id 
_atom_site.label_comp_id 
_atom_site.label_asym_id 
_atom_site.label_entity_id 
_atom_site.label_seq_id 
_atom_site.pdbx_PDB_ins_code 
_atom_site.Cartn_x 
_atom_site.Cartn_y 
_atom_site.Cartn_z 
_atom_site.occupancy 
_atom_site.B_iso_or_equiv 
_atom_site.pdbx_formal_charge 
_atom_site.auth_seq_id 
_atom_site.auth_comp_id 
_atom_site.auth_asym_id 
_atom_site.auth_atom_id 
_atom_site.pdbx_PDB_model_num 
ATOM   1   N N   . SER A 1 3   ? -7.506  0.795   -13.682 1.00 44.41 ? 3   SER A N   1 
ATOM   2   C CA  . SER A 1 3   ? -8.263  0.450   -12.420 1.00 43.52 ? 3   SER A CA  1 
ATOM   3   C C   . SER A 1 3   ? -7.479  -0.556  -11.589 1.00 42.02 ? 3   SER A C   1 
ATOM   4   O O   . SER A 1 3   ? -7.412  -1.740  -11.919 1.00 42.14 ? 3   SER A O   1 
ATOM   5   C CB  . SER A 1 3   ? -9.645  -0.114  -12.739 1.00 39.93 ? 3   SER A CB  1 
ATOM   6   N N   . ALA A 1 4   ? -6.879  -0.065  -10.509 1.00 32.86 ? 4   ALA A N   1 
ATOM   7   C CA  . ALA A 1 4   ? -6.067  -0.888  -9.606  1.00 30.97 ? 4   ALA A CA  1 
ATOM   8   C C   . ALA A 1 4   ? -6.889  -1.940  -8.870  1.00 29.83 ? 4   ALA A C   1 
ATOM   9   O O   . ALA A 1 4   ? -8.019  -1.684  -8.430  1.00 30.72 ? 4   ALA A O   1 
ATOM   10  C CB  . ALA A 1 4   ? -5.407  -0.002  -8.586  1.00 30.81 ? 4   ALA A CB  1 
ATOM   11  N N   . LYS A 1 5   ? -6.308  -3.119  -8.715  1.00 23.68 ? 5   LYS A N   1 
ATOM   12  C CA  . LYS A 1 5   ? -6.980  -4.196  -7.967  1.00 22.32 ? 5   LYS A CA  1 
ATOM   13  C C   . LYS A 1 5   ? -6.775  -3.858  -6.490  1.00 20.68 ? 5   LYS A C   1 
ATOM   14  O O   . LYS A 1 5   ? -5.628  -3.671  -6.064  1.00 17.62 ? 5   LYS A O   1 
ATOM   15  C CB  . LYS A 1 5   ? -6.328  -5.536  -8.269  1.00 32.62 ? 5   LYS A CB  1 
ATOM   16  C CG  . LYS A 1 5   ? -6.885  -6.680  -7.416  1.00 35.17 ? 5   LYS A CG  1 
ATOM   17  C CD  . LYS A 1 5   ? -7.120  -7.929  -8.240  1.00 36.45 ? 5   LYS A CD  1 
ATOM   18  C CE  . LYS A 1 5   ? -7.569  -9.130  -7.373  1.00 38.10 ? 5   LYS A CE  1 
ATOM   19  N NZ  . LYS A 1 5   ? -8.833  -8.918  -6.634  1.00 37.40 ? 5   LYS A NZ  1 
ATOM   20  N N   . LEU A 1 6   ? -7.872  -3.775  -5.730  1.00 21.21 ? 6   LEU A N   1 
ATOM   21  C CA  . LEU A 1 6   ? -7.829  -3.468  -4.298  1.00 19.03 ? 6   LEU A CA  1 
ATOM   22  C C   . LEU A 1 6   ? -7.541  -4.767  -3.578  1.00 17.72 ? 6   LEU A C   1 
ATOM   23  O O   . LEU A 1 6   ? -8.311  -5.698  -3.659  1.00 17.14 ? 6   LEU A O   1 
ATOM   24  C CB  . LEU A 1 6   ? -9.188  -2.911  -3.896  1.00 20.78 ? 6   LEU A CB  1 
ATOM   25  C CG  . LEU A 1 6   ? -9.396  -2.578  -2.436  1.00 21.22 ? 6   LEU A CG  1 
ATOM   26  C CD1 . LEU A 1 6   ? -8.464  -1.489  -2.048  1.00 21.92 ? 6   LEU A CD1 1 
ATOM   27  C CD2 . LEU A 1 6   ? -10.835 -2.135  -2.208  1.00 23.01 ? 6   LEU A CD2 1 
ATOM   28  N N   . ILE A 1 7   ? -6.446  -4.797  -2.806  1.00 16.51 ? 7   ILE A N   1 
ATOM   29  C CA  . ILE A 1 7   ? -5.995  -5.980  -2.143  1.00 14.56 ? 7   ILE A CA  1 
ATOM   30  C C   . ILE A 1 7   ? -5.298  -5.666  -0.846  1.00 12.10 ? 7   ILE A C   1 
ATOM   31  O O   . ILE A 1 7   ? -5.059  -4.500  -0.524  1.00 14.14 ? 7   ILE A O   1 
ATOM   32  C CB  . ILE A 1 7   ? -4.971  -6.809  -3.053  1.00 15.80 ? 7   ILE A CB  1 
ATOM   33  C CG1 . ILE A 1 7   ? -3.702  -6.030  -3.343  1.00 16.55 ? 7   ILE A CG1 1 
ATOM   34  C CG2 . ILE A 1 7   ? -5.521  -7.088  -4.344  1.00 14.88 ? 7   ILE A CG2 1 
ATOM   35  C CD1 . ILE A 1 7   ? -3.871  -4.585  -3.271  1.00 24.19 ? 7   ILE A CD1 1 
ATOM   36  N N   . PHE A 1 8   ? -4.969  -6.716  -0.099  1.00 10.71 ? 8   PHE A N   1 
ATOM   37  C CA  . PHE A 1 8   ? -4.207  -6.525  1.132   1.00 9.39  ? 8   PHE A CA  1 
ATOM   38  C C   . PHE A 1 8   ? -2.727  -6.676  0.763   1.00 9.99  ? 8   PHE A C   1 
ATOM   39  O O   . PHE A 1 8   ? -2.344  -7.322  -0.262  1.00 9.53  ? 8   PHE A O   1 
ATOM   40  C CB  . PHE A 1 8   ? -4.561  -7.627  2.156   1.00 10.36 ? 8   PHE A CB  1 
ATOM   41  C CG  . PHE A 1 8   ? -6.015  -7.587  2.564   1.00 9.62  ? 8   PHE A CG  1 
ATOM   42  C CD1 . PHE A 1 8   ? -6.538  -6.438  3.169   1.00 10.90 ? 8   PHE A CD1 1 
ATOM   43  C CD2 . PHE A 1 8   ? -6.850  -8.691  2.339   1.00 9.95  ? 8   PHE A CD2 1 
ATOM   44  C CE1 . PHE A 1 8   ? -7.861  -6.370  3.558   1.00 11.57 ? 8   PHE A CE1 1 
ATOM   45  C CE2 . PHE A 1 8   ? -8.218  -8.666  2.717   1.00 11.99 ? 8   PHE A CE2 1 
ATOM   46  C CZ  . PHE A 1 8   ? -8.738  -7.520  3.332   1.00 11.98 ? 8   PHE A CZ  1 
ATOM   47  N N   . ILE A 1 9   ? -1.878  -6.064  1.585   1.00 11.02 ? 9   ILE A N   1 
ATOM   48  C CA  . ILE A 1 9   ? -0.437  -6.239  1.302   1.00 9.89  ? 9   ILE A CA  1 
ATOM   49  C C   . ILE A 1 9   ? -0.069  -7.719  1.224   1.00 9.97  ? 9   ILE A C   1 
ATOM   50  O O   . ILE A 1 9   ? 0.794   -8.114  0.449   1.00 10.40 ? 9   ILE A O   1 
ATOM   51  C CB  . ILE A 1 9   ? 0.395   -5.536  2.410   1.00 8.48  ? 9   ILE A CB  1 
ATOM   52  C CG1 . ILE A 1 9   ? 0.278   -4.025  2.182   1.00 9.38  ? 9   ILE A CG1 1 
ATOM   53  C CG2 . ILE A 1 9   ? 1.888   -6.090  2.487   1.00 9.35  ? 9   ILE A CG2 1 
ATOM   54  C CD1 . ILE A 1 9   ? 1.050   -3.217  3.321   1.00 24.19 ? 9   ILE A CD1 1 
ATOM   55  N N   . ASN A 1 10  ? -0.718  -8.577  2.006   1.00 8.62  ? 10  ASN A N   1 
ATOM   56  C CA  . ASN A 1 10  ? -0.349  -9.989  1.943   1.00 10.35 ? 10  ASN A CA  1 
ATOM   57  C C   . ASN A 1 10  ? -0.786  -10.748 0.669   1.00 11.47 ? 10  ASN A C   1 
ATOM   58  O O   . ASN A 1 10  ? -0.469  -11.964 0.531   1.00 12.28 ? 10  ASN A O   1 
ATOM   59  C CB  . ASN A 1 10  ? -0.789  -10.739 3.194   1.00 13.21 ? 10  ASN A CB  1 
ATOM   60  C CG  . ASN A 1 10  ? -2.295  -10.915 3.309   1.00 13.62 ? 10  ASN A CG  1 
ATOM   61  O OD1 . ASN A 1 10  ? -3.071  -10.721 2.384   1.00 17.52 ? 10  ASN A OD1 1 
ATOM   62  N ND2 . ASN A 1 10  ? -2.706  -11.354 4.501   1.00 12.00 ? 10  ASN A ND2 1 
ATOM   63  N N   . GLN A 1 11  ? -1.435  -10.027 -0.247  1.00 13.31 ? 11  GLN A N   1 
ATOM   64  C CA  . GLN A 1 11  ? -1.828  -10.574 -1.548  1.00 14.29 ? 11  GLN A CA  1 
ATOM   65  C C   . GLN A 1 11  ? -0.957  -10.030 -2.695  1.00 14.96 ? 11  GLN A C   1 
ATOM   66  O O   . GLN A 1 11  ? -1.082  -10.466 -3.845  1.00 14.46 ? 11  GLN A O   1 
ATOM   67  C CB  . GLN A 1 11  ? -3.291  -10.209 -1.823  1.00 13.93 ? 11  GLN A CB  1 
ATOM   68  C CG  . GLN A 1 11  ? -4.242  -10.916 -0.855  1.00 13.69 ? 11  GLN A CG  1 
ATOM   69  C CD  . GLN A 1 11  ? -5.657  -10.429 -0.923  1.00 15.66 ? 11  GLN A CD  1 
ATOM   70  O OE1 . GLN A 1 11  ? -5.924  -9.243  -1.115  1.00 13.35 ? 11  GLN A OE1 1 
ATOM   71  N NE2 . GLN A 1 11  ? -6.611  -11.380 -0.746  1.00 18.78 ? 11  GLN A NE2 1 
ATOM   72  N N   . ILE A 1 12  ? -0.129  -9.023  -2.401  1.00 13.24 ? 12  ILE A N   1 
ATOM   73  C CA  . ILE A 1 12  ? 0.716   -8.412  -3.456  1.00 13.20 ? 12  ILE A CA  1 
ATOM   74  C C   . ILE A 1 12  ? 1.545   -9.499  -4.196  1.00 14.94 ? 12  ILE A C   1 
ATOM   75  O O   . ILE A 1 12  ? 1.641   -9.472  -5.451  1.00 15.45 ? 12  ILE A O   1 
ATOM   76  C CB  . ILE A 1 12  ? 1.746   -7.352  -2.835  1.00 12.03 ? 12  ILE A CB  1 
ATOM   77  C CG1 . ILE A 1 12  ? 1.063   -6.065  -2.280  1.00 12.25 ? 12  ILE A CG1 1 
ATOM   78  C CG2 . ILE A 1 12  ? 2.697   -6.846  -3.921  1.00 14.43 ? 12  ILE A CG2 1 
ATOM   79  C CD1 . ILE A 1 12  ? -0.297  -5.913  -2.631  1.00 24.19 ? 12  ILE A CD1 1 
ATOM   80  N N   . ASN A 1 13  ? 2.120   -10.428 -3.440  1.00 16.03 ? 13  ASN A N   1 
ATOM   81  C CA  . ASN A 1 13  ? 2.979   -11.464 -4.052  1.00 18.23 ? 13  ASN A CA  1 
ATOM   82  C C   . ASN A 1 13  ? 2.212   -12.420 -4.972  1.00 18.76 ? 13  ASN A C   1 
ATOM   83  O O   . ASN A 1 13  ? 2.824   -13.105 -5.802  1.00 19.63 ? 13  ASN A O   1 
ATOM   84  C CB  . ASN A 1 13  ? 3.806   -12.191 -2.972  1.00 19.53 ? 13  ASN A CB  1 
ATOM   85  C CG  . ASN A 1 13  ? 4.871   -11.253 -2.364  1.00 21.10 ? 13  ASN A CG  1 
ATOM   86  O OD1 . ASN A 1 13  ? 5.081   -10.184 -2.901  1.00 22.97 ? 13  ASN A OD1 1 
ATOM   87  N ND2 . ASN A 1 13  ? 5.486   -11.633 -1.259  1.00 21.31 ? 13  ASN A ND2 1 
ATOM   88  N N   . ASP A 1 14  ? 0.884   -12.400 -4.880  1.00 18.02 ? 14  ASP A N   1 
ATOM   89  C CA  . ASP A 1 14  ? 0.013   -13.257 -5.738  1.00 19.85 ? 14  ASP A CA  1 
ATOM   90  C C   . ASP A 1 14  ? -0.260  -12.608 -7.082  1.00 19.65 ? 14  ASP A C   1 
ATOM   91  O O   . ASP A 1 14  ? -0.737  -13.251 -8.038  1.00 20.87 ? 14  ASP A O   1 
ATOM   92  C CB  . ASP A 1 14  ? -1.360  -13.472 -5.104  1.00 23.17 ? 14  ASP A CB  1 
ATOM   93  C CG  . ASP A 1 14  ? -1.305  -14.247 -3.806  1.00 22.43 ? 14  ASP A CG  1 
ATOM   94  O OD1 . ASP A 1 14  ? -0.351  -15.010 -3.607  1.00 22.55 ? 14  ASP A OD1 1 
ATOM   95  O OD2 . ASP A 1 14  ? -2.232  -14.052 -2.959  1.00 23.76 ? 14  ASP A OD2 1 
ATOM   96  N N   . CYS A 1 15  ? -0.015  -11.311 -7.165  1.00 17.00 ? 15  CYS A N   1 
ATOM   97  C CA  . CYS A 1 15  ? -0.309  -10.566 -8.375  1.00 18.16 ? 15  CYS A CA  1 
ATOM   98  C C   . CYS A 1 15  ? 0.802   -10.671 -9.418  1.00 17.93 ? 15  CYS A C   1 
ATOM   99  O O   . CYS A 1 15  ? 1.905   -11.035 -9.105  1.00 17.47 ? 15  CYS A O   1 
ATOM   100 C CB  . CYS A 1 15  ? -0.554  -9.079  -8.051  1.00 24.23 ? 15  CYS A CB  1 
ATOM   101 S SG  . CYS A 1 15  ? -1.884  -8.808  -6.795  1.00 24.73 ? 15  CYS A SG  1 
ATOM   102 N N   . LYS A 1 16  ? 0.500   -10.303 -10.667 1.00 21.11 ? 16  LYS A N   1 
ATOM   103 C CA  . LYS A 1 16  ? 1.530   -10.375 -11.721 1.00 22.48 ? 16  LYS A CA  1 
ATOM   104 C C   . LYS A 1 16  ? 2.430   -9.145  -11.698 1.00 21.96 ? 16  LYS A C   1 
ATOM   105 O O   . LYS A 1 16  ? 1.983   -8.071  -11.354 1.00 22.45 ? 16  LYS A O   1 
ATOM   106 C CB  . LYS A 1 16  ? 0.845   -10.505 -13.108 1.00 29.41 ? 16  LYS A CB  1 
ATOM   107 N N   . ASP A 1 17  ? 3.707   -9.311  -12.026 1.00 26.17 ? 17  ASP A N   1 
ATOM   108 C CA  . ASP A 1 17  ? 4.580   -8.144  -12.110 1.00 26.64 ? 17  ASP A CA  1 
ATOM   109 C C   . ASP A 1 17  ? 3.907   -7.178  -13.090 1.00 26.56 ? 17  ASP A C   1 
ATOM   110 O O   . ASP A 1 17  ? 3.289   -7.627  -14.063 1.00 26.15 ? 17  ASP A O   1 
ATOM   111 C CB  . ASP A 1 17  ? 5.997   -8.559  -12.581 1.00 25.83 ? 17  ASP A CB  1 
ATOM   112 C CG  . ASP A 1 17  ? 6.772   -9.261  -11.492 1.00 26.14 ? 17  ASP A CG  1 
ATOM   113 O OD1 . ASP A 1 17  ? 7.880   -9.769  -11.755 1.00 27.13 ? 17  ASP A OD1 1 
ATOM   114 O OD2 . ASP A 1 17  ? 6.266   -9.289  -10.340 1.00 28.35 ? 17  ASP A OD2 1 
ATOM   115 N N   . GLY A 1 18  ? 3.990   -5.876  -12.806 1.00 23.97 ? 18  GLY A N   1 
ATOM   116 C CA  . GLY A 1 18  ? 3.381   -4.848  -13.640 1.00 25.01 ? 18  GLY A CA  1 
ATOM   117 C C   . GLY A 1 18  ? 1.917   -4.552  -13.366 1.00 25.08 ? 18  GLY A C   1 
ATOM   118 O O   . GLY A 1 18  ? 1.334   -3.615  -13.885 1.00 25.17 ? 18  GLY A O   1 
ATOM   119 N N   . GLN A 1 19  ? 1.302   -5.360  -12.523 1.00 22.40 ? 19  GLN A N   1 
ATOM   120 C CA  . GLN A 1 19  ? -0.110  -5.159  -12.201 1.00 23.27 ? 19  GLN A CA  1 
ATOM   121 C C   . GLN A 1 19  ? -0.288  -3.909  -11.318 1.00 22.23 ? 19  GLN A C   1 
ATOM   122 O O   . GLN A 1 19  ? 0.541   -3.654  -10.412 1.00 21.04 ? 19  GLN A O   1 
ATOM   123 C CB  . GLN A 1 19  ? -0.636  -6.411  -11.474 1.00 36.41 ? 19  GLN A CB  1 
ATOM   124 C CG  . GLN A 1 19  ? -1.936  -6.233  -10.738 1.00 39.62 ? 19  GLN A CG  1 
ATOM   125 C CD  . GLN A 1 19  ? -3.168  -6.302  -11.618 1.00 42.89 ? 19  GLN A CD  1 
ATOM   126 O OE1 . GLN A 1 19  ? -3.600  -5.309  -12.225 1.00 45.07 ? 19  GLN A OE1 1 
ATOM   127 N NE2 . GLN A 1 19  ? -3.745  -7.486  -11.693 1.00 44.17 ? 19  GLN A NE2 1 
ATOM   128 N N   . LYS A 1 20  ? -1.322  -3.116  -11.611 1.00 26.41 ? 20  LYS A N   1 
ATOM   129 C CA  . LYS A 1 20  ? -1.645  -1.898  -10.838 1.00 26.15 ? 20  LYS A CA  1 
ATOM   130 C C   . LYS A 1 20  ? -2.461  -2.313  -9.630  1.00 25.21 ? 20  LYS A C   1 
ATOM   131 O O   . LYS A 1 20  ? -3.471  -3.019  -9.770  1.00 25.33 ? 20  LYS A O   1 
ATOM   132 C CB  . LYS A 1 20  ? -2.479  -0.951  -11.651 1.00 25.03 ? 20  LYS A CB  1 
ATOM   133 C CG  . LYS A 1 20  ? -2.593  0.428   -11.077 1.00 26.51 ? 20  LYS A CG  1 
ATOM   134 C CD  . LYS A 1 20  ? -3.187  1.322   -12.145 1.00 28.54 ? 20  LYS A CD  1 
ATOM   135 C CE  . LYS A 1 20  ? -4.051  2.351   -11.553 1.00 28.76 ? 20  LYS A CE  1 
ATOM   136 N NZ  . LYS A 1 20  ? -4.277  3.380   -12.593 1.00 31.09 ? 20  LYS A NZ  1 
ATOM   137 N N   . LEU A 1 21  ? -2.073  -1.821  -8.453  1.00 19.95 ? 21  LEU A N   1 
ATOM   138 C CA  . LEU A 1 21  ? -2.717  -2.265  -7.216  1.00 18.78 ? 21  LEU A CA  1 
ATOM   139 C C   . LEU A 1 21  ? -3.003  -1.126  -6.277  1.00 16.66 ? 21  LEU A C   1 
ATOM   140 O O   . LEU A 1 21  ? -2.370  -0.101  -6.363  1.00 15.79 ? 21  LEU A O   1 
ATOM   141 C CB  . LEU A 1 21  ? -1.751  -3.215  -6.479  1.00 20.38 ? 21  LEU A CB  1 
ATOM   142 C CG  . LEU A 1 21  ? -1.130  -4.373  -7.280  1.00 22.17 ? 21  LEU A CG  1 
ATOM   143 C CD1 . LEU A 1 21  ? 0.048   -4.975  -6.474  1.00 22.92 ? 21  LEU A CD1 1 
ATOM   144 C CD2 . LEU A 1 21  ? -2.156  -5.445  -7.577  1.00 22.85 ? 21  LEU A CD2 1 
ATOM   145 N N   . ARG A 1 22  ? -3.986  -1.323  -5.397  1.00 16.17 ? 22  ARG A N   1 
ATOM   146 C CA  . ARG A 1 22  ? -4.292  -0.330  -4.380  1.00 15.53 ? 22  ARG A CA  1 
ATOM   147 C C   . ARG A 1 22  ? -4.344  -1.118  -3.042  1.00 13.24 ? 22  ARG A C   1 
ATOM   148 O O   . ARG A 1 22  ? -4.967  -2.189  -2.977  1.00 12.77 ? 22  ARG A O   1 
ATOM   149 C CB  . ARG A 1 22  ? -5.666  0.326   -4.623  1.00 27.79 ? 22  ARG A CB  1 
ATOM   150 C CG  . ARG A 1 22  ? -6.038  1.334   -3.528  1.00 33.35 ? 22  ARG A CG  1 
ATOM   151 C CD  . ARG A 1 22  ? -7.407  1.978   -3.811  1.00 38.64 ? 22  ARG A CD  1 
ATOM   152 N NE  . ARG A 1 22  ? -7.654  3.205   -3.050  1.00 42.45 ? 22  ARG A NE  1 
ATOM   153 C CZ  . ARG A 1 22  ? -8.246  3.264   -1.855  1.00 43.95 ? 22  ARG A CZ  1 
ATOM   154 N NH1 . ARG A 1 22  ? -8.665  2.168   -1.246  1.00 45.73 ? 22  ARG A NH1 1 
ATOM   155 N NH2 . ARG A 1 22  ? -8.444  4.441   -1.275  1.00 46.09 ? 22  ARG A NH2 1 
ATOM   156 N N   . PHE A 1 23  ? -3.609  -0.646  -2.045  1.00 13.91 ? 23  PHE A N   1 
ATOM   157 C CA  . PHE A 1 23  ? -3.585  -1.312  -0.756  1.00 12.34 ? 23  PHE A CA  1 
ATOM   158 C C   . PHE A 1 23  ? -3.278  -0.327  0.374   1.00 12.68 ? 23  PHE A C   1 
ATOM   159 O O   . PHE A 1 23  ? -2.788  0.797   0.147   1.00 12.90 ? 23  PHE A O   1 
ATOM   160 C CB  . PHE A 1 23  ? -2.570  -2.460  -0.767  1.00 11.96 ? 23  PHE A CB  1 
ATOM   161 C CG  . PHE A 1 23  ? -1.195  -2.004  -1.185  1.00 12.58 ? 23  PHE A CG  1 
ATOM   162 C CD1 . PHE A 1 23  ? -0.830  -2.115  -2.521  1.00 12.47 ? 23  PHE A CD1 1 
ATOM   163 C CD2 . PHE A 1 23  ? -0.271  -1.494  -0.237  1.00 13.90 ? 23  PHE A CD2 1 
ATOM   164 C CE1 . PHE A 1 23  ? 0.465   -1.693  -2.928  1.00 12.59 ? 23  PHE A CE1 1 
ATOM   165 C CE2 . PHE A 1 23  ? 1.031   -1.067  -0.621  1.00 12.77 ? 23  PHE A CE2 1 
ATOM   166 C CZ  . PHE A 1 23  ? 1.392   -1.178  -1.965  1.00 14.51 ? 23  PHE A CZ  1 
ATOM   167 N N   . LEU A 1 24  ? -3.556  -0.807  1.596   1.00 10.23 ? 24  LEU A N   1 
ATOM   168 C CA  . LEU A 1 24  ? -3.362  -0.015  2.787   1.00 11.11 ? 24  LEU A CA  1 
ATOM   169 C C   . LEU A 1 24  ? -2.164  -0.565  3.591   1.00 10.37 ? 24  LEU A C   1 
ATOM   170 O O   . LEU A 1 24  ? -1.972  -1.786  3.682   1.00 8.37  ? 24  LEU A O   1 
ATOM   171 C CB  . LEU A 1 24  ? -4.706  -0.094  3.573   1.00 15.91 ? 24  LEU A CB  1 
ATOM   172 C CG  . LEU A 1 24  ? -4.704  0.488   4.998   1.00 17.70 ? 24  LEU A CG  1 
ATOM   173 C CD1 . LEU A 1 24  ? -4.772  2.037   4.891   1.00 17.07 ? 24  LEU A CD1 1 
ATOM   174 C CD2 . LEU A 1 24  ? -5.933  -0.036  5.812   1.00 21.45 ? 24  LEU A CD2 1 
ATOM   175 N N   . GLY A 1 25  ? -1.349  0.306   4.189   1.00 12.15 ? 25  GLY A N   1 
ATOM   176 C CA  . GLY A 1 25  ? -0.242  -0.168  4.983   1.00 12.49 ? 25  GLY A CA  1 
ATOM   177 C C   . GLY A 1 25  ? 0.208   0.881   6.001   1.00 12.63 ? 25  GLY A C   1 
ATOM   178 O O   . GLY A 1 25  ? -0.047  2.071   5.838   1.00 12.98 ? 25  GLY A O   1 
ATOM   179 N N   . CYS A 1 26  ? 0.841   0.403   7.074   1.00 13.16 ? 26  CYS A N   1 
ATOM   180 C CA  . CYS A 1 26  ? 1.303   1.266   8.185   1.00 12.34 ? 26  CYS A CA  1 
ATOM   181 C C   . CYS A 1 26  ? 2.789   1.583   7.996   1.00 11.65 ? 26  CYS A C   1 
ATOM   182 O O   . CYS A 1 26  ? 3.580   0.685   7.718   1.00 11.17 ? 26  CYS A O   1 
ATOM   183 C CB  . CYS A 1 26  ? 1.130   0.498   9.478   1.00 12.93 ? 26  CYS A CB  1 
ATOM   184 S SG  . CYS A 1 26  ? 1.390   1.584   10.972  1.00 15.98 ? 26  CYS A SG  1 
ATOM   185 N N   . VAL A 1 27  ? 3.188   2.863   8.154   1.00 11.76 ? 27  VAL A N   1 
ATOM   186 C CA  . VAL A 1 27  ? 4.576   3.227   7.926   1.00 12.90 ? 27  VAL A CA  1 
ATOM   187 C C   . VAL A 1 27  ? 5.564   2.736   8.946   1.00 13.52 ? 27  VAL A C   1 
ATOM   188 O O   . VAL A 1 27  ? 5.530   3.163   10.120  1.00 14.63 ? 27  VAL A O   1 
ATOM   189 C CB  . VAL A 1 27  ? 4.736   4.781   7.805   1.00 12.16 ? 27  VAL A CB  1 
ATOM   190 C CG1 . VAL A 1 27  ? 6.191   5.082   7.459   1.00 12.39 ? 27  VAL A CG1 1 
ATOM   191 C CG2 . VAL A 1 27  ? 3.816   5.382   6.713   1.00 15.24 ? 27  VAL A CG2 1 
ATOM   192 N N   . GLN A 1 28  ? 6.430   1.805   8.558   1.00 12.55 ? 28  GLN A N   1 
ATOM   193 C CA  . GLN A 1 28  ? 7.455   1.338   9.467   1.00 14.14 ? 28  GLN A CA  1 
ATOM   194 C C   . GLN A 1 28  ? 8.611   2.335   9.371   1.00 15.10 ? 28  GLN A C   1 
ATOM   195 O O   . GLN A 1 28  ? 9.228   2.673   10.376  1.00 13.74 ? 28  GLN A O   1 
ATOM   196 C CB  . GLN A 1 28  ? 7.933   -0.033  9.053   1.00 26.34 ? 28  GLN A CB  1 
ATOM   197 C CG  . GLN A 1 28  ? 8.831   -0.621  10.057  1.00 30.96 ? 28  GLN A CG  1 
ATOM   198 C CD  . GLN A 1 28  ? 10.055  -1.165  9.460   1.00 35.76 ? 28  GLN A CD  1 
ATOM   199 O OE1 . GLN A 1 28  ? 9.996   -2.026  8.558   1.00 38.13 ? 28  GLN A OE1 1 
ATOM   200 N NE2 . GLN A 1 28  ? 11.213  -0.675  9.930   1.00 37.93 ? 28  GLN A NE2 1 
ATOM   201 N N   . SER A 1 29  ? 8.873   2.825   8.152   1.00 13.51 ? 29  SER A N   1 
ATOM   202 C CA  . SER A 1 29  ? 9.934   3.799   7.947   1.00 15.68 ? 29  SER A CA  1 
ATOM   203 C C   . SER A 1 29  ? 9.831   4.463   6.588   1.00 15.55 ? 29  SER A C   1 
ATOM   204 O O   . SER A 1 29  ? 9.224   3.918   5.670   1.00 13.63 ? 29  SER A O   1 
ATOM   205 C CB  . SER A 1 29  ? 11.277  3.117   8.120   1.00 16.69 ? 29  SER A CB  1 
ATOM   206 O OG  . SER A 1 29  ? 11.499  2.234   7.030   1.00 18.79 ? 29  SER A OG  1 
ATOM   207 N N   . TYR A 1 30  ? 10.349  5.704   6.485   1.00 18.40 ? 30  TYR A N   1 
ATOM   208 C CA  . TYR A 1 30  ? 10.303  6.414   5.217   1.00 19.49 ? 30  TYR A CA  1 
ATOM   209 C C   . TYR A 1 30  ? 11.621  7.154   5.175   1.00 21.15 ? 30  TYR A C   1 
ATOM   210 O O   . TYR A 1 30  ? 11.798  8.209   5.842   1.00 22.24 ? 30  TYR A O   1 
ATOM   211 C CB  . TYR A 1 30  ? 9.107   7.378   5.132   1.00 20.92 ? 30  TYR A CB  1 
ATOM   212 C CG  . TYR A 1 30  ? 8.989   8.138   3.835   1.00 23.23 ? 30  TYR A CG  1 
ATOM   213 C CD1 . TYR A 1 30  ? 9.342   7.531   2.614   1.00 24.59 ? 30  TYR A CD1 1 
ATOM   214 C CD2 . TYR A 1 30  ? 8.549   9.482   3.806   1.00 25.90 ? 30  TYR A CD2 1 
ATOM   215 C CE1 . TYR A 1 30  ? 9.279   8.227   1.413   1.00 26.19 ? 30  TYR A CE1 1 
ATOM   216 C CE2 . TYR A 1 30  ? 8.465   10.195  2.575   1.00 28.14 ? 30  TYR A CE2 1 
ATOM   217 C CZ  . TYR A 1 30  ? 8.839   9.554   1.388   1.00 28.30 ? 30  TYR A CZ  1 
ATOM   218 O OH  . TYR A 1 30  ? 8.795   10.212  0.155   1.00 30.78 ? 30  TYR A OH  1 
ATOM   219 N N   . LYS A 1 31  ? 12.550  6.574   4.419   1.00 18.12 ? 31  LYS A N   1 
ATOM   220 C CA  . LYS A 1 31  ? 13.886  7.148   4.344   1.00 18.70 ? 31  LYS A CA  1 
ATOM   221 C C   . LYS A 1 31  ? 14.489  7.014   2.952   1.00 16.18 ? 31  LYS A C   1 
ATOM   222 O O   . LYS A 1 31  ? 14.399  5.984   2.337   1.00 13.21 ? 31  LYS A O   1 
ATOM   223 C CB  . LYS A 1 31  ? 14.799  6.417   5.337   1.00 28.24 ? 31  LYS A CB  1 
ATOM   224 C CG  . LYS A 1 31  ? 16.220  6.991   5.468   1.00 33.73 ? 31  LYS A CG  1 
ATOM   225 C CD  . LYS A 1 31  ? 17.071  6.209   6.453   1.00 37.13 ? 31  LYS A CD  1 
ATOM   226 C CE  . LYS A 1 31  ? 18.411  6.914   6.634   1.00 38.32 ? 31  LYS A CE  1 
ATOM   227 N NZ  . LYS A 1 31  ? 19.212  6.306   7.730   1.00 40.51 ? 31  LYS A NZ  1 
ATOM   228 N N   . ASN A 1 32  ? 15.122  8.085   2.511   1.00 18.19 ? 32  ASN A N   1 
ATOM   229 C CA  . ASN A 1 32  ? 15.837  8.096   1.224   1.00 17.41 ? 32  ASN A CA  1 
ATOM   230 C C   . ASN A 1 32  ? 15.053  7.473   0.058   1.00 16.71 ? 32  ASN A C   1 
ATOM   231 O O   . ASN A 1 32  ? 15.608  6.694   -0.686  1.00 17.65 ? 32  ASN A O   1 
ATOM   232 C CB  . ASN A 1 32  ? 17.197  7.375   1.380   1.00 17.52 ? 32  ASN A CB  1 
ATOM   233 C CG  . ASN A 1 32  ? 18.216  7.822   0.332   1.00 17.42 ? 32  ASN A CG  1 
ATOM   234 O OD1 . ASN A 1 32  ? 18.116  8.920   -0.156  1.00 17.04 ? 32  ASN A OD1 1 
ATOM   235 N ND2 . ASN A 1 32  ? 19.194  6.979   0.023   1.00 19.36 ? 32  ASN A ND2 1 
ATOM   236 N N   . GLY A 1 33  ? 13.786  7.847   -0.065  1.00 15.54 ? 33  GLY A N   1 
ATOM   237 C CA  . GLY A 1 33  ? 12.960  7.422   -1.178  1.00 16.40 ? 33  GLY A CA  1 
ATOM   238 C C   . GLY A 1 33  ? 12.295  6.077   -1.011  1.00 15.99 ? 33  GLY A C   1 
ATOM   239 O O   . GLY A 1 33  ? 11.634  5.620   -1.934  1.00 17.16 ? 33  GLY A O   1 
ATOM   240 N N   . ILE A 1 34  ? 12.467  5.455   0.147   1.00 14.88 ? 34  ILE A N   1 
ATOM   241 C CA  . ILE A 1 34  ? 11.860  4.122   0.314   1.00 14.52 ? 34  ILE A CA  1 
ATOM   242 C C   . ILE A 1 34  ? 10.871  4.184   1.470   1.00 13.54 ? 34  ILE A C   1 
ATOM   243 O O   . ILE A 1 34  ? 11.240  4.601   2.560   1.00 13.47 ? 34  ILE A O   1 
ATOM   244 C CB  . ILE A 1 34  ? 12.917  3.063   0.642   1.00 13.68 ? 34  ILE A CB  1 
ATOM   245 C CG1 . ILE A 1 34  ? 13.827  2.862   -0.566  1.00 15.69 ? 34  ILE A CG1 1 
ATOM   246 C CG2 . ILE A 1 34  ? 12.213  1.659   0.949   1.00 14.61 ? 34  ILE A CG2 1 
ATOM   247 C CD1 . ILE A 1 34  ? 13.070  2.250   -1.796  1.00 24.19 ? 34  ILE A CD1 1 
ATOM   248 N N   . LEU A 1 35  ? 9.670   3.657   1.235   1.00 12.96 ? 35  LEU A N   1 
ATOM   249 C CA  . LEU A 1 35  ? 8.619   3.654   2.230   1.00 12.46 ? 35  LEU A CA  1 
ATOM   250 C C   . LEU A 1 35  ? 8.379   2.201   2.513   1.00 13.34 ? 35  LEU A C   1 
ATOM   251 O O   . LEU A 1 35  ? 7.952   1.472   1.595   1.00 12.50 ? 35  LEU A O   1 
ATOM   252 C CB  . LEU A 1 35  ? 7.389   4.260   1.610   1.00 15.18 ? 35  LEU A CB  1 
ATOM   253 C CG  . LEU A 1 35  ? 6.067   4.249   2.366   1.00 16.02 ? 35  LEU A CG  1 
ATOM   254 C CD1 . LEU A 1 35  ? 6.269   5.126   3.628   1.00 18.61 ? 35  LEU A CD1 1 
ATOM   255 C CD2 . LEU A 1 35  ? 4.935   4.834   1.499   1.00 15.96 ? 35  LEU A CD2 1 
ATOM   256 N N   . ARG A 1 36  ? 8.688   1.770   3.743   1.00 11.96 ? 36  ARG A N   1 
ATOM   257 C CA  . ARG A 1 36  ? 8.462   0.379   4.142   1.00 13.77 ? 36  ARG A CA  1 
ATOM   258 C C   . ARG A 1 36  ? 7.122   0.333   4.882   1.00 13.30 ? 36  ARG A C   1 
ATOM   259 O O   . ARG A 1 36  ? 6.959   0.985   5.927   1.00 10.42 ? 36  ARG A O   1 
ATOM   260 C CB  . ARG A 1 36  ? 9.619   -0.087  5.026   1.00 31.25 ? 36  ARG A CB  1 
ATOM   261 C CG  . ARG A 1 36  ? 10.848  -0.472  4.181   1.00 38.04 ? 36  ARG A CG  1 
ATOM   262 C CD  . ARG A 1 36  ? 12.126  -0.379  4.973   1.00 43.62 ? 36  ARG A CD  1 
ATOM   263 N NE  . ARG A 1 36  ? 12.087  -1.217  6.168   1.00 48.21 ? 36  ARG A NE  1 
ATOM   264 C CZ  . ARG A 1 36  ? 12.636  -0.879  7.329   1.00 50.20 ? 36  ARG A CZ  1 
ATOM   265 N NH1 . ARG A 1 36  ? 13.263  0.284   7.469   1.00 52.11 ? 36  ARG A NH1 1 
ATOM   266 N NH2 . ARG A 1 36  ? 12.571  -1.713  8.349   1.00 49.10 ? 36  ARG A NH2 1 
ATOM   267 N N   . LEU A 1 37  ? 6.185   -0.432  4.278   1.00 13.03 ? 37  LEU A N   1 
ATOM   268 C CA  . LEU A 1 37  ? 4.819   -0.557  4.792   1.00 13.21 ? 37  LEU A CA  1 
ATOM   269 C C   . LEU A 1 37  ? 4.512   -1.925  5.328   1.00 11.77 ? 37  LEU A C   1 
ATOM   270 O O   . LEU A 1 37  ? 4.891   -2.904  4.721   1.00 9.68  ? 37  LEU A O   1 
ATOM   271 C CB  . LEU A 1 37  ? 3.859   -0.230  3.648   1.00 16.86 ? 37  LEU A CB  1 
ATOM   272 C CG  . LEU A 1 37  ? 2.995   1.027   3.729   1.00 22.62 ? 37  LEU A CG  1 
ATOM   273 C CD1 . LEU A 1 37  ? 3.698   2.212   4.436   1.00 20.90 ? 37  LEU A CD1 1 
ATOM   274 C CD2 . LEU A 1 37  ? 2.482   1.354   2.363   1.00 20.87 ? 37  LEU A CD2 1 
ATOM   275 N N   . ILE A 1 38  ? 3.742   -1.975  6.427   1.00 10.86 ? 38  ILE A N   1 
ATOM   276 C CA  . ILE A 1 38  ? 3.456   -3.256  7.074   1.00 9.98  ? 38  ILE A CA  1 
ATOM   277 C C   . ILE A 1 38  ? 1.950   -3.339  7.369   1.00 9.91  ? 38  ILE A C   1 
ATOM   278 O O   . ILE A 1 38  ? 1.320   -2.325  7.675   1.00 9.05  ? 38  ILE A O   1 
ATOM   279 C CB  . ILE A 1 38  ? 4.209   -3.340  8.511   1.00 18.65 ? 38  ILE A CB  1 
ATOM   280 C CG1 . ILE A 1 38  ? 5.740   -3.453  8.358   1.00 21.01 ? 38  ILE A CG1 1 
ATOM   281 C CG2 . ILE A 1 38  ? 3.889   -4.693  9.214   1.00 19.03 ? 38  ILE A CG2 1 
ATOM   282 C CD1 . ILE A 1 38  ? 6.414   -2.419  7.604   1.00 24.19 ? 38  ILE A CD1 1 
ATOM   283 N N   . ASP A 1 39  ? 1.386   -4.538  7.241   1.00 11.14 ? 39  ASP A N   1 
ATOM   284 C CA  . ASP A 1 39  ? 0.003   -4.769  7.622   1.00 11.04 ? 39  ASP A CA  1 
ATOM   285 C C   . ASP A 1 39  ? 0.076   -6.116  8.322   1.00 10.37 ? 39  ASP A C   1 
ATOM   286 O O   . ASP A 1 39  ? 0.184   -7.167  7.695   1.00 11.97 ? 39  ASP A O   1 
ATOM   287 C CB  . ASP A 1 39  ? -0.904  -4.837  6.378   1.00 12.03 ? 39  ASP A CB  1 
ATOM   288 C CG  . ASP A 1 39  ? -2.338  -5.114  6.755   1.00 13.18 ? 39  ASP A CG  1 
ATOM   289 O OD1 . ASP A 1 39  ? -2.600  -5.107  7.983   1.00 13.89 ? 39  ASP A OD1 1 
ATOM   290 O OD2 . ASP A 1 39  ? -3.169  -5.363  5.846   1.00 13.25 ? 39  ASP A OD2 1 
ATOM   291 N N   . GLY A 1 40  ? 0.031   -6.097  9.657   1.00 13.07 ? 40  GLY A N   1 
ATOM   292 C CA  . GLY A 1 40  ? 0.111   -7.356  10.394  1.00 12.39 ? 40  GLY A CA  1 
ATOM   293 C C   . GLY A 1 40  ? 1.493   -7.965  10.173  1.00 12.88 ? 40  GLY A C   1 
ATOM   294 O O   . GLY A 1 40  ? 2.525   -7.299  10.297  1.00 14.65 ? 40  GLY A O   1 
ATOM   295 N N   . SER A 1 41  ? 1.513   -9.249  9.850   1.00 12.45 ? 41  SER A N   1 
ATOM   296 C CA  . SER A 1 41  ? 2.752   -9.935  9.592   1.00 14.69 ? 41  SER A CA  1 
ATOM   297 C C   . SER A 1 41  ? 3.283   -9.799  8.150   1.00 14.91 ? 41  SER A C   1 
ATOM   298 O O   . SER A 1 41  ? 4.236   -10.461 7.845   1.00 15.78 ? 41  SER A O   1 
ATOM   299 C CB  . SER A 1 41  ? 2.567   -11.431 9.818   1.00 17.17 ? 41  SER A CB  1 
ATOM   300 O OG  . SER A 1 41  ? 1.522   -11.884 8.974   1.00 21.46 ? 41  SER A OG  1 
ATOM   301 N N   . SER A 1 42  ? 2.650   -8.988  7.299   1.00 13.53 ? 42  SER A N   1 
ATOM   302 C CA  . SER A 1 42  ? 3.097   -8.861  5.904   1.00 12.57 ? 42  SER A CA  1 
ATOM   303 C C   . SER A 1 42  ? 3.648   -7.461  5.657   1.00 11.68 ? 42  SER A C   1 
ATOM   304 O O   . SER A 1 42  ? 3.190   -6.486  6.255   1.00 12.55 ? 42  SER A O   1 
ATOM   305 C CB  . SER A 1 42  ? 1.885   -9.113  4.996   1.00 14.35 ? 42  SER A CB  1 
ATOM   306 O OG  . SER A 1 42  ? 1.157   -10.262 5.549   1.00 22.93 ? 42  SER A OG  1 
ATOM   307 N N   . SER A 1 43  ? 4.596   -7.383  4.747   1.00 10.63 ? 43  SER A N   1 
ATOM   308 C CA  . SER A 1 43  ? 5.170   -6.083  4.496   1.00 10.27 ? 43  SER A CA  1 
ATOM   309 C C   . SER A 1 43  ? 5.464   -5.926  3.011   1.00 10.56 ? 43  SER A C   1 
ATOM   310 O O   . SER A 1 43  ? 5.474   -6.901  2.269   1.00 11.65 ? 43  SER A O   1 
ATOM   311 C CB  . SER A 1 43  ? 6.468   -5.937  5.300   1.00 13.04 ? 43  SER A CB  1 
ATOM   312 O OG  . SER A 1 43  ? 7.382   -6.877  4.837   1.00 17.48 ? 43  SER A OG  1 
ATOM   313 N N   . VAL A 1 44  ? 5.667   -4.672  2.589   1.00 11.45 ? 44  VAL A N   1 
ATOM   314 C CA  . VAL A 1 44  ? 6.013   -4.417  1.172   1.00 12.54 ? 44  VAL A CA  1 
ATOM   315 C C   . VAL A 1 44  ? 6.941   -3.172  1.153   1.00 11.68 ? 44  VAL A C   1 
ATOM   316 O O   . VAL A 1 44  ? 6.781   -2.246  1.959   1.00 11.67 ? 44  VAL A O   1 
ATOM   317 C CB  . VAL A 1 44  ? 4.733   -4.219  0.299   1.00 12.73 ? 44  VAL A CB  1 
ATOM   318 C CG1 . VAL A 1 44  ? 3.903   -2.971  0.752   1.00 13.05 ? 44  VAL A CG1 1 
ATOM   319 C CG2 . VAL A 1 44  ? 5.124   -4.175  -1.235  1.00 15.03 ? 44  VAL A CG2 1 
ATOM   320 N N   . THR A 1 45  ? 7.940   -3.184  0.264   1.00 11.87 ? 45  THR A N   1 
ATOM   321 C CA  . THR A 1 45  ? 8.878   -2.012  0.173   1.00 11.97 ? 45  THR A CA  1 
ATOM   322 C C   . THR A 1 45  ? 8.299   -1.162  -0.971  1.00 11.32 ? 45  THR A C   1 
ATOM   323 O O   . THR A 1 45  ? 8.054   -1.678  -2.080  1.00 10.79 ? 45  THR A O   1 
ATOM   324 C CB  . THR A 1 45  ? 10.284  -2.518  -0.191  1.00 17.58 ? 45  THR A CB  1 
ATOM   325 O OG1 . THR A 1 45  ? 10.821  -3.212  0.930   1.00 19.96 ? 45  THR A OG1 1 
ATOM   326 C CG2 . THR A 1 45  ? 11.193  -1.308  -0.622  1.00 17.87 ? 45  THR A CG2 1 
ATOM   327 N N   . CYS A 1 46  ? 8.027   0.122   -0.721  1.00 13.12 ? 46  CYS A N   1 
ATOM   328 C CA  . CYS A 1 46  ? 7.388   0.959   -1.768  1.00 12.75 ? 46  CYS A CA  1 
ATOM   329 C C   . CYS A 1 46  ? 8.369   2.012   -2.197  1.00 14.40 ? 46  CYS A C   1 
ATOM   330 O O   . CYS A 1 46  ? 8.928   2.741   -1.355  1.00 13.02 ? 46  CYS A O   1 
ATOM   331 C CB  . CYS A 1 46  ? 6.111   1.663   -1.232  1.00 14.40 ? 46  CYS A CB  1 
ATOM   332 S SG  . CYS A 1 46  ? 4.839   0.435   -0.671  1.00 14.70 ? 46  CYS A SG  1 
ATOM   333 N N   . ASP A 1 47  ? 8.553   2.084   -3.506  1.00 13.79 ? 47  ASP A N   1 
ATOM   334 C CA  . ASP A 1 47  ? 9.533   3.011   -4.072  1.00 15.34 ? 47  ASP A CA  1 
ATOM   335 C C   . ASP A 1 47  ? 8.784   4.299   -4.436  1.00 15.14 ? 47  ASP A C   1 
ATOM   336 O O   . ASP A 1 47  ? 7.991   4.310   -5.369  1.00 13.83 ? 47  ASP A O   1 
ATOM   337 C CB  . ASP A 1 47  ? 10.174  2.306   -5.333  1.00 16.36 ? 47  ASP A CB  1 
ATOM   338 C CG  . ASP A 1 47  ? 11.299  3.118   -5.953  1.00 18.41 ? 47  ASP A CG  1 
ATOM   339 O OD1 . ASP A 1 47  ? 11.188  4.337   -5.918  1.00 16.20 ? 47  ASP A OD1 1 
ATOM   340 O OD2 . ASP A 1 47  ? 12.278  2.530   -6.467  1.00 19.82 ? 47  ASP A OD2 1 
ATOM   341 N N   . VAL A 1 48  ? 9.019   5.364   -3.662  1.00 12.19 ? 48  VAL A N   1 
ATOM   342 C CA  . VAL A 1 48  ? 8.398   6.671   -3.881  1.00 14.11 ? 48  VAL A CA  1 
ATOM   343 C C   . VAL A 1 48  ? 9.460   7.412   -4.699  1.00 14.94 ? 48  VAL A C   1 
ATOM   344 O O   . VAL A 1 48  ? 10.255  8.199   -4.195  1.00 15.02 ? 48  VAL A O   1 
ATOM   345 C CB  . VAL A 1 48  ? 8.123   7.361   -2.556  1.00 17.73 ? 48  VAL A CB  1 
ATOM   346 C CG1 . VAL A 1 48  ? 7.380   8.689   -2.847  1.00 18.67 ? 48  VAL A CG1 1 
ATOM   347 C CG2 . VAL A 1 48  ? 7.217   6.432   -1.674  1.00 20.69 ? 48  VAL A CG2 1 
ATOM   348 N N   . THR A 1 49  ? 9.444   7.089   -5.975  1.00 19.19 ? 49  THR A N   1 
ATOM   349 C CA  . THR A 1 49  ? 10.491  7.530   -6.858  1.00 18.85 ? 49  THR A CA  1 
ATOM   350 C C   . THR A 1 49  ? 10.642  9.016   -7.047  1.00 19.22 ? 49  THR A C   1 
ATOM   351 O O   . THR A 1 49  ? 11.744  9.507   -7.393  1.00 19.38 ? 49  THR A O   1 
ATOM   352 C CB  . THR A 1 49  ? 10.336  6.807   -8.198  1.00 17.64 ? 49  THR A CB  1 
ATOM   353 O OG1 . THR A 1 49  ? 9.934   5.422   -7.963  1.00 15.66 ? 49  THR A OG1 1 
ATOM   354 C CG2 . THR A 1 49  ? 11.657  6.849   -8.962  1.00 15.53 ? 49  THR A CG2 1 
ATOM   355 N N   . VAL A 1 50  ? 9.538   9.740   -6.858  1.00 14.24 ? 50  VAL A N   1 
ATOM   356 C CA  . VAL A 1 50  ? 9.596   11.187  -7.036  1.00 16.32 ? 50  VAL A CA  1 
ATOM   357 C C   . VAL A 1 50  ? 8.894   11.734  -5.811  1.00 17.88 ? 50  VAL A C   1 
ATOM   358 O O   . VAL A 1 50  ? 7.861   11.211  -5.441  1.00 18.86 ? 50  VAL A O   1 
ATOM   359 C CB  . VAL A 1 50  ? 8.791   11.705  -8.279  1.00 19.87 ? 50  VAL A CB  1 
ATOM   360 C CG1 . VAL A 1 50  ? 9.078   13.187  -8.461  1.00 21.57 ? 50  VAL A CG1 1 
ATOM   361 C CG2 . VAL A 1 50  ? 9.108   10.895  -9.551  1.00 20.08 ? 50  VAL A CG2 1 
ATOM   362 N N   . VAL A 1 51  ? 9.465   12.751  -5.187  1.00 24.19 ? 51  VAL A N   1 
ATOM   363 C CA  . VAL A 1 51  ? 8.812   13.410  -4.057  1.00 25.65 ? 51  VAL A CA  1 
ATOM   364 C C   . VAL A 1 51  ? 7.896   14.471  -4.649  1.00 26.94 ? 51  VAL A C   1 
ATOM   365 O O   . VAL A 1 51  ? 8.401   15.467  -5.201  1.00 26.97 ? 51  VAL A O   1 
ATOM   366 C CB  . VAL A 1 51  ? 9.816   14.127  -3.206  1.00 25.95 ? 51  VAL A CB  1 
ATOM   367 C CG1 . VAL A 1 51  ? 9.096   15.030  -2.204  1.00 25.83 ? 51  VAL A CG1 1 
ATOM   368 C CG2 . VAL A 1 51  ? 10.687  13.098  -2.501  1.00 26.21 ? 51  VAL A CG2 1 
ATOM   369 N N   . LEU A 1 52  ? 6.579   14.291  -4.541  1.00 27.29 ? 52  LEU A N   1 
ATOM   370 C CA  . LEU A 1 52  ? 5.628   15.251  -5.111  1.00 29.25 ? 52  LEU A CA  1 
ATOM   371 C C   . LEU A 1 52  ? 4.896   16.078  -4.063  1.00 30.65 ? 52  LEU A C   1 
ATOM   372 O O   . LEU A 1 52  ? 4.813   15.686  -2.895  1.00 29.13 ? 52  LEU A O   1 
ATOM   373 C CB  . LEU A 1 52  ? 4.599   14.525  -5.983  1.00 32.50 ? 52  LEU A CB  1 
ATOM   374 C CG  . LEU A 1 52  ? 5.234   13.945  -7.238  1.00 33.37 ? 52  LEU A CG  1 
ATOM   375 C CD1 . LEU A 1 52  ? 4.207   13.033  -7.973  1.00 33.27 ? 52  LEU A CD1 1 
ATOM   376 C CD2 . LEU A 1 52  ? 5.769   15.105  -8.097  1.00 33.01 ? 52  LEU A CD2 1 
ATOM   377 N N   . PRO A 1 53  ? 4.298   17.212  -4.485  1.00 33.47 ? 53  PRO A N   1 
ATOM   378 C CA  . PRO A 1 53  ? 3.576   18.069  -3.525  1.00 34.49 ? 53  PRO A CA  1 
ATOM   379 C C   . PRO A 1 53  ? 2.422   17.396  -2.778  1.00 35.28 ? 53  PRO A C   1 
ATOM   380 O O   . PRO A 1 53  ? 1.834   16.422  -3.255  1.00 34.81 ? 53  PRO A O   1 
ATOM   381 C CB  . PRO A 1 53  ? 3.095   19.244  -4.398  1.00 47.84 ? 53  PRO A CB  1 
ATOM   382 C CG  . PRO A 1 53  ? 2.895   18.613  -5.760  1.00 47.40 ? 53  PRO A CG  1 
ATOM   383 C CD  . PRO A 1 53  ? 4.098   17.671  -5.876  1.00 47.51 ? 53  PRO A CD  1 
ATOM   384 N N   . ASP A 1 54  ? 2.130   17.901  -1.588  1.00 48.49 ? 54  ASP A N   1 
ATOM   385 C CA  . ASP A 1 54  ? 1.010   17.411  -0.781  1.00 50.13 ? 54  ASP A CA  1 
ATOM   386 C C   . ASP A 1 54  ? 0.982   15.968  -0.241  1.00 50.31 ? 54  ASP A C   1 
ATOM   387 O O   . ASP A 1 54  ? -0.096  15.383  -0.080  1.00 50.42 ? 54  ASP A O   1 
ATOM   388 C CB  . ASP A 1 54  ? -0.303  17.708  -1.530  1.00 42.05 ? 54  ASP A CB  1 
ATOM   389 N N   . VAL A 1 55  ? 2.136   15.378  0.031   1.00 54.70 ? 55  VAL A N   1 
ATOM   390 C CA  . VAL A 1 55  ? 2.131   14.029  0.610   1.00 54.59 ? 55  VAL A CA  1 
ATOM   391 C C   . VAL A 1 55  ? 3.021   14.098  1.864   1.00 54.32 ? 55  VAL A C   1 
ATOM   392 O O   . VAL A 1 55  ? 4.250   14.107  1.798   1.00 55.28 ? 55  VAL A O   1 
ATOM   393 C CB  . VAL A 1 55  ? 2.568   12.910  -0.463  1.00 20.00 ? 55  VAL A CB  1 
ATOM   394 C CG1 . VAL A 1 55  ? 3.208   13.577  -1.693  1.00 20.00 ? 55  VAL A CG1 1 
ATOM   395 C CG2 . VAL A 1 55  ? 3.570   11.885  0.147   1.00 20.00 ? 55  VAL A CG2 1 
ATOM   396 N N   . SER A 1 56  ? 2.369   14.205  3.015   1.00 39.54 ? 56  SER A N   1 
ATOM   397 C CA  . SER A 1 56  ? 3.080   14.317  4.288   1.00 38.59 ? 56  SER A CA  1 
ATOM   398 C C   . SER A 1 56  ? 3.016   12.974  4.987   1.00 37.66 ? 56  SER A C   1 
ATOM   399 O O   . SER A 1 56  ? 1.945   12.516  5.357   1.00 37.35 ? 56  SER A O   1 
ATOM   400 C CB  . SER A 1 56  ? 2.424   15.391  5.166   1.00 52.26 ? 56  SER A CB  1 
ATOM   401 O OG  . SER A 1 56  ? 3.173   15.623  6.340   1.00 53.64 ? 56  SER A OG  1 
ATOM   402 N N   . ILE A 1 57  ? 4.179   12.365  5.169   1.00 36.51 ? 57  ILE A N   1 
ATOM   403 C CA  . ILE A 1 57  ? 4.270   11.053  5.790   1.00 35.46 ? 57  ILE A CA  1 
ATOM   404 C C   . ILE A 1 57  ? 4.969   11.063  7.125   1.00 34.99 ? 57  ILE A C   1 
ATOM   405 O O   . ILE A 1 57  ? 5.962   11.762  7.330   1.00 35.64 ? 57  ILE A O   1 
ATOM   406 C CB  . ILE A 1 57  ? 5.007   10.111  4.859   1.00 32.51 ? 57  ILE A CB  1 
ATOM   407 C CG1 . ILE A 1 57  ? 4.252   10.061  3.531   1.00 32.34 ? 57  ILE A CG1 1 
ATOM   408 C CG2 . ILE A 1 57  ? 5.130   8.707   5.503   1.00 32.60 ? 57  ILE A CG2 1 
ATOM   409 C CD1 . ILE A 1 57  ? 5.035   9.353   2.455   1.00 24.19 ? 57  ILE A CD1 1 
ATOM   410 N N   . GLN A 1 58  ? 4.467   10.230  8.024   1.00 30.09 ? 58  GLN A N   1 
ATOM   411 C CA  . GLN A 1 58  ? 4.982   10.156  9.368   1.00 29.43 ? 58  GLN A CA  1 
ATOM   412 C C   . GLN A 1 58  ? 5.040   8.678   9.740   1.00 28.43 ? 58  GLN A C   1 
ATOM   413 O O   . GLN A 1 58  ? 4.202   7.905   9.323   1.00 26.97 ? 58  GLN A O   1 
ATOM   414 C CB  . GLN A 1 58  ? 3.970   10.922  10.239  1.00 47.73 ? 58  GLN A CB  1 
ATOM   415 C CG  . GLN A 1 58  ? 4.182   10.952  11.727  1.00 49.70 ? 58  GLN A CG  1 
ATOM   416 C CD  . GLN A 1 58  ? 3.064   11.718  12.451  1.00 49.70 ? 58  GLN A CD  1 
ATOM   417 O OE1 . GLN A 1 58  ? 2.783   12.888  12.146  1.00 51.93 ? 58  GLN A OE1 1 
ATOM   418 N NE2 . GLN A 1 58  ? 2.424   11.054  13.413  1.00 49.67 ? 58  GLN A NE2 1 
ATOM   419 N N   . LYS A 1 59  ? 6.068   8.286   10.475  1.00 30.30 ? 59  LYS A N   1 
ATOM   420 C CA  . LYS A 1 59  ? 6.166   6.917   10.950  1.00 29.98 ? 59  LYS A CA  1 
ATOM   421 C C   . LYS A 1 59  ? 4.855   6.480   11.674  1.00 28.16 ? 59  LYS A C   1 
ATOM   422 O O   . LYS A 1 59  ? 4.216   7.251   12.403  1.00 27.15 ? 59  LYS A O   1 
ATOM   423 C CB  . LYS A 1 59  ? 7.317   6.813   11.954  1.00 44.68 ? 59  LYS A CB  1 
ATOM   424 C CG  . LYS A 1 59  ? 7.787   5.431   12.235  1.00 44.83 ? 59  LYS A CG  1 
ATOM   425 C CD  . LYS A 1 59  ? 8.759   5.402   13.405  1.00 46.79 ? 59  LYS A CD  1 
ATOM   426 C CE  . LYS A 1 59  ? 9.969   6.269   13.171  1.00 47.46 ? 59  LYS A CE  1 
ATOM   427 N NZ  . LYS A 1 59  ? 10.914  5.685   12.179  1.00 50.24 ? 59  LYS A NZ  1 
ATOM   428 N N   . HIS A 1 60  ? 4.458   5.238   11.458  1.00 23.13 ? 60  HIS A N   1 
ATOM   429 C CA  . HIS A 1 60  ? 3.317   4.663   12.103  1.00 21.78 ? 60  HIS A CA  1 
ATOM   430 C C   . HIS A 1 60  ? 1.995   5.121   11.662  1.00 20.09 ? 60  HIS A C   1 
ATOM   431 O O   . HIS A 1 60  ? 0.970   4.701   12.236  1.00 19.37 ? 60  HIS A O   1 
ATOM   432 C CB  . HIS A 1 60  ? 3.471   4.804   13.612  1.00 28.84 ? 60  HIS A CB  1 
ATOM   433 C CG  . HIS A 1 60  ? 4.759   4.222   14.104  1.00 30.49 ? 60  HIS A CG  1 
ATOM   434 N ND1 . HIS A 1 60  ? 5.245   4.442   15.372  1.00 29.84 ? 60  HIS A ND1 1 
ATOM   435 C CD2 . HIS A 1 60  ? 5.680   3.464   13.469  1.00 30.70 ? 60  HIS A CD2 1 
ATOM   436 C CE1 . HIS A 1 60  ? 6.413   3.846   15.498  1.00 30.50 ? 60  HIS A CE1 1 
ATOM   437 N NE2 . HIS A 1 60  ? 6.706   3.244   14.359  1.00 31.56 ? 60  HIS A NE2 1 
ATOM   438 N N   . GLU A 1 61  ? 1.940   5.956   10.636  1.00 19.17 ? 61  GLU A N   1 
ATOM   439 C CA  . GLU A 1 61  ? 0.605   6.295   10.184  1.00 17.71 ? 61  GLU A CA  1 
ATOM   440 C C   . GLU A 1 61  ? 0.202   5.307   9.066   1.00 14.68 ? 61  GLU A C   1 
ATOM   441 O O   . GLU A 1 61  ? 1.037   4.653   8.455   1.00 13.49 ? 61  GLU A O   1 
ATOM   442 C CB  . GLU A 1 61  ? 0.491   7.723   9.688   1.00 25.42 ? 61  GLU A CB  1 
ATOM   443 C CG  . GLU A 1 61  ? 1.148   7.979   8.401   1.00 28.90 ? 61  GLU A CG  1 
ATOM   444 C CD  . GLU A 1 61  ? 0.846   9.357   7.840   1.00 32.50 ? 61  GLU A CD  1 
ATOM   445 O OE1 . GLU A 1 61  ? -0.347  9.692   7.628   1.00 35.49 ? 61  GLU A OE1 1 
ATOM   446 O OE2 . GLU A 1 61  ? 1.815   10.079  7.577   1.00 33.14 ? 61  GLU A OE2 1 
ATOM   447 N N   . TRP A 1 62  ? -1.091  5.217   8.853   1.00 15.17 ? 62  TRP A N   1 
ATOM   448 C CA  . TRP A 1 62  ? -1.668  4.340   7.857   1.00 14.88 ? 62  TRP A CA  1 
ATOM   449 C C   . TRP A 1 62  ? -1.837  5.104   6.548   1.00 14.93 ? 62  TRP A C   1 
ATOM   450 O O   . TRP A 1 62  ? -2.340  6.233   6.542   1.00 17.53 ? 62  TRP A O   1 
ATOM   451 C CB  . TRP A 1 62  ? -3.032  3.835   8.347   1.00 14.76 ? 62  TRP A CB  1 
ATOM   452 C CG  . TRP A 1 62  ? -2.865  2.775   9.400   1.00 16.17 ? 62  TRP A CG  1 
ATOM   453 C CD1 . TRP A 1 62  ? -2.839  2.951   10.761  1.00 18.73 ? 62  TRP A CD1 1 
ATOM   454 C CD2 . TRP A 1 62  ? -2.650  1.359   9.170   1.00 16.13 ? 62  TRP A CD2 1 
ATOM   455 N NE1 . TRP A 1 62  ? -2.643  1.741   11.390  1.00 18.42 ? 62  TRP A NE1 1 
ATOM   456 C CE2 . TRP A 1 62  ? -2.524  0.759   10.462  1.00 17.29 ? 62  TRP A CE2 1 
ATOM   457 C CE3 . TRP A 1 62  ? -2.560  0.556   8.008   1.00 15.96 ? 62  TRP A CE3 1 
ATOM   458 C CZ2 . TRP A 1 62  ? -2.313  -0.633  10.631  1.00 16.80 ? 62  TRP A CZ2 1 
ATOM   459 C CZ3 . TRP A 1 62  ? -2.343  -0.837  8.178   1.00 16.07 ? 62  TRP A CZ3 1 
ATOM   460 C CH2 . TRP A 1 62  ? -2.227  -1.410  9.492   1.00 17.52 ? 62  TRP A CH2 1 
ATOM   461 N N   . LEU A 1 63  ? -1.400  4.499   5.456   1.00 13.43 ? 63  LEU A N   1 
ATOM   462 C CA  . LEU A 1 63  ? -1.511  5.131   4.132   1.00 12.13 ? 63  LEU A CA  1 
ATOM   463 C C   . LEU A 1 63  ? -2.145  4.202   3.105   1.00 12.89 ? 63  LEU A C   1 
ATOM   464 O O   . LEU A 1 63  ? -1.969  2.978   3.173   1.00 12.85 ? 63  LEU A O   1 
ATOM   465 C CB  . LEU A 1 63  ? -0.094  5.478   3.625   1.00 13.50 ? 63  LEU A CB  1 
ATOM   466 C CG  . LEU A 1 63  ? 0.813   6.383   4.443   1.00 12.64 ? 63  LEU A CG  1 
ATOM   467 C CD1 . LEU A 1 63  ? 2.201   6.511   3.723   1.00 13.12 ? 63  LEU A CD1 1 
ATOM   468 C CD2 . LEU A 1 63  ? 0.183   7.758   4.514   1.00 14.94 ? 63  LEU A CD2 1 
ATOM   469 N N   . ASN A 1 64  ? -2.859  4.812   2.152   1.00 13.55 ? 64  ASN A N   1 
ATOM   470 C CA  . ASN A 1 64  ? -3.465  4.146   1.010   1.00 16.07 ? 64  ASN A CA  1 
ATOM   471 C C   . ASN A 1 64  ? -2.482  4.388   -0.146  1.00 15.71 ? 64  ASN A C   1 
ATOM   472 O O   . ASN A 1 64  ? -2.158  5.539   -0.470  1.00 14.84 ? 64  ASN A O   1 
ATOM   473 C CB  . ASN A 1 64  ? -4.814  4.780   0.649   1.00 24.03 ? 64  ASN A CB  1 
ATOM   474 C CG  . ASN A 1 64  ? -5.887  4.455   1.668   1.00 27.22 ? 64  ASN A CG  1 
ATOM   475 O OD1 . ASN A 1 64  ? -6.327  5.337   2.424   1.00 30.25 ? 64  ASN A OD1 1 
ATOM   476 N ND2 . ASN A 1 64  ? -6.285  3.192   1.726   1.00 26.46 ? 64  ASN A ND2 1 
ATOM   477 N N   . ILE A 1 65  ? -2.049  3.318   -0.780  1.00 15.07 ? 65  ILE A N   1 
ATOM   478 C CA  . ILE A 1 65  ? -1.059  3.381   -1.877  1.00 15.04 ? 65  ILE A CA  1 
ATOM   479 C C   . ILE A 1 65  ? -1.693  2.900   -3.179  1.00 14.21 ? 65  ILE A C   1 
ATOM   480 O O   . ILE A 1 65  ? -2.371  1.884   -3.166  1.00 14.68 ? 65  ILE A O   1 
ATOM   481 C CB  . ILE A 1 65  ? 0.111   2.353   -1.638  1.00 15.93 ? 65  ILE A CB  1 
ATOM   482 C CG1 . ILE A 1 65  ? 0.789   2.609   -0.306  1.00 17.17 ? 65  ILE A CG1 1 
ATOM   483 C CG2 . ILE A 1 65  ? 1.143   2.331   -2.774  1.00 16.86 ? 65  ILE A CG2 1 
ATOM   484 C CD1 . ILE A 1 65  ? 1.213   4.058   -0.071  1.00 24.19 ? 65  ILE A CD1 1 
ATOM   485 N N   . VAL A 1 66  ? -1.482  3.629   -4.270  1.00 16.39 ? 66  VAL A N   1 
ATOM   486 C CA  . VAL A 1 66  ? -1.845  3.077   -5.585  1.00 15.45 ? 66  VAL A CA  1 
ATOM   487 C C   . VAL A 1 66  ? -0.463  2.928   -6.240  1.00 15.48 ? 66  VAL A C   1 
ATOM   488 O O   . VAL A 1 66  ? 0.341   3.849   -6.144  1.00 17.35 ? 66  VAL A O   1 
ATOM   489 C CB  . VAL A 1 66  ? -2.725  4.039   -6.447  1.00 19.35 ? 66  VAL A CB  1 
ATOM   490 C CG1 . VAL A 1 66  ? -2.830  3.477   -7.884  1.00 21.41 ? 66  VAL A CG1 1 
ATOM   491 C CG2 . VAL A 1 66  ? -4.066  4.141   -5.838  1.00 19.40 ? 66  VAL A CG2 1 
ATOM   492 N N   . GLY A 1 67  ? -0.138  1.734   -6.760  1.00 13.56 ? 67  GLY A N   1 
ATOM   493 C CA  . GLY A 1 67  ? 1.179   1.588   -7.374  1.00 14.20 ? 67  GLY A CA  1 
ATOM   494 C C   . GLY A 1 67  ? 1.213   0.340   -8.266  1.00 14.58 ? 67  GLY A C   1 
ATOM   495 O O   . GLY A 1 67  ? 0.201   -0.312  -8.513  1.00 15.83 ? 67  GLY A O   1 
ATOM   496 N N   . ARG A 1 68  ? 2.396   0.056   -8.825  1.00 16.49 ? 68  ARG A N   1 
ATOM   497 C CA  . ARG A 1 68  ? 2.536   -1.109  -9.702  1.00 17.30 ? 68  ARG A CA  1 
ATOM   498 C C   . ARG A 1 68  ? 3.471   -2.116  -9.103  1.00 16.19 ? 68  ARG A C   1 
ATOM   499 O O   . ARG A 1 68  ? 4.563   -1.741  -8.640  1.00 14.44 ? 68  ARG A O   1 
ATOM   500 C CB  . ARG A 1 68  ? 3.095   -0.677  -11.072 1.00 22.10 ? 68  ARG A CB  1 
ATOM   501 C CG  . ARG A 1 68  ? 2.036   -0.163  -11.941 1.00 26.02 ? 68  ARG A CG  1 
ATOM   502 C CD  . ARG A 1 68  ? 2.435   -0.160  -13.410 1.00 27.39 ? 68  ARG A CD  1 
ATOM   503 N NE  . ARG A 1 68  ? 1.210   -0.099  -14.204 1.00 27.93 ? 68  ARG A NE  1 
ATOM   504 C CZ  . ARG A 1 68  ? 0.365   0.888   -14.181 1.00 26.04 ? 68  ARG A CZ  1 
ATOM   505 N NH1 . ARG A 1 68  ? 0.578   1.923   -13.430 1.00 34.33 ? 68  ARG A NH1 1 
ATOM   506 N NH2 . ARG A 1 68  ? -0.712  0.831   -14.887 1.00 32.79 ? 68  ARG A NH2 1 
ATOM   507 N N   . LYS A 1 69  ? 3.110   -3.402  -9.158  1.00 15.75 ? 69  LYS A N   1 
ATOM   508 C CA  . LYS A 1 69  ? 4.001   -4.367  -8.569  1.00 17.27 ? 69  LYS A CA  1 
ATOM   509 C C   . LYS A 1 69  ? 5.257   -4.466  -9.446  1.00 18.66 ? 69  LYS A C   1 
ATOM   510 O O   . LYS A 1 69  ? 5.139   -4.635  -10.668 1.00 19.74 ? 69  LYS A O   1 
ATOM   511 C CB  . LYS A 1 69  ? 3.387   -5.741  -8.544  1.00 15.37 ? 69  LYS A CB  1 
ATOM   512 C CG  . LYS A 1 69  ? 4.334   -6.784  -8.040  1.00 14.87 ? 69  LYS A CG  1 
ATOM   513 C CD  . LYS A 1 69  ? 3.599   -8.153  -7.908  1.00 16.26 ? 69  LYS A CD  1 
ATOM   514 C CE  . LYS A 1 69  ? 4.588   -9.098  -7.277  1.00 18.26 ? 69  LYS A CE  1 
ATOM   515 N NZ  . LYS A 1 69  ? 4.356   -10.544 -7.475  1.00 22.69 ? 69  LYS A NZ  1 
ATOM   516 N N   . ARG A 1 70  ? 6.434   -4.380  -8.843  1.00 21.82 ? 70  ARG A N   1 
ATOM   517 C CA  . ARG A 1 70  ? 7.684   -4.515  -9.602  1.00 22.66 ? 70  ARG A CA  1 
ATOM   518 C C   . ARG A 1 70  ? 8.136   -5.980  -9.621  1.00 22.90 ? 70  ARG A C   1 
ATOM   519 O O   . ARG A 1 70  ? 8.518   -6.527  -10.669 1.00 23.59 ? 70  ARG A O   1 
ATOM   520 C CB  . ARG A 1 70  ? 8.782   -3.678  -8.955  1.00 21.64 ? 70  ARG A CB  1 
ATOM   521 C CG  . ARG A 1 70  ? 9.909   -3.337  -9.888  1.00 24.39 ? 70  ARG A CG  1 
ATOM   522 C CD  . ARG A 1 70  ? 10.396  -1.910  -9.399  1.00 26.51 ? 70  ARG A CD  1 
ATOM   523 N NE  . ARG A 1 70  ? 11.546  -2.147  -8.653  1.00 27.24 ? 70  ARG A NE  1 
ATOM   524 C CZ  . ARG A 1 70  ? 12.155  -1.309  -7.853  1.00 24.92 ? 70  ARG A CZ  1 
ATOM   525 N NH1 . ARG A 1 70  ? 11.709  -0.073  -7.627  1.00 25.28 ? 70  ARG A NH1 1 
ATOM   526 N NH2 . ARG A 1 70  ? 13.260  -1.757  -7.321  1.00 23.47 ? 70  ARG A NH2 1 
ATOM   527 N N   . GLN A 1 71  ? 8.050   -6.614  -8.473  1.00 18.99 ? 71  GLN A N   1 
ATOM   528 C CA  . GLN A 1 71  ? 8.429   -8.009  -8.266  1.00 20.52 ? 71  GLN A CA  1 
ATOM   529 C C   . GLN A 1 71  ? 7.941   -8.354  -6.849  1.00 20.41 ? 71  GLN A C   1 
ATOM   530 O O   . GLN A 1 71  ? 7.441   -7.478  -6.158  1.00 19.61 ? 71  GLN A O   1 
ATOM   531 C CB  . GLN A 1 71  ? 9.962   -8.178  -8.382  1.00 26.91 ? 71  GLN A CB  1 
ATOM   532 C CG  . GLN A 1 71  ? 10.792  -7.298  -7.462  1.00 29.01 ? 71  GLN A CG  1 
ATOM   533 C CD  . GLN A 1 71  ? 12.277  -7.399  -7.778  1.00 31.33 ? 71  GLN A CD  1 
ATOM   534 O OE1 . GLN A 1 71  ? 12.802  -6.693  -8.679  1.00 30.12 ? 71  GLN A OE1 1 
ATOM   535 N NE2 . GLN A 1 71  ? 12.970  -8.299  -7.061  1.00 29.15 ? 71  GLN A NE2 1 
ATOM   536 N N   . ASP A 1 72  ? 8.052   -9.588  -6.390  1.00 21.09 ? 72  ASP A N   1 
ATOM   537 C CA  . ASP A 1 72  ? 7.611   -9.842  -5.028  1.00 20.89 ? 72  ASP A CA  1 
ATOM   538 C C   . ASP A 1 72  ? 8.248   -8.860  -4.040  1.00 19.89 ? 72  ASP A C   1 
ATOM   539 O O   . ASP A 1 72  ? 9.419   -8.520  -4.130  1.00 18.81 ? 72  ASP A O   1 
ATOM   540 C CB  . ASP A 1 72  ? 7.904   -11.270 -4.593  1.00 27.12 ? 72  ASP A CB  1 
ATOM   541 C CG  . ASP A 1 72  ? 6.962   -12.301 -5.257  1.00 28.90 ? 72  ASP A CG  1 
ATOM   542 O OD1 . ASP A 1 72  ? 6.165   -11.965 -6.165  1.00 28.85 ? 72  ASP A OD1 1 
ATOM   543 O OD2 . ASP A 1 72  ? 7.064   -13.463 -4.836  1.00 30.43 ? 72  ASP A OD2 1 
ATOM   544 N N   . GLY A 1 73  ? 7.421   -8.371  -3.127  1.00 19.45 ? 73  GLY A N   1 
ATOM   545 C CA  . GLY A 1 73  ? 7.873   -7.479  -2.092  1.00 17.34 ? 73  GLY A CA  1 
ATOM   546 C C   . GLY A 1 73  ? 8.194   -6.050  -2.501  1.00 16.74 ? 73  GLY A C   1 
ATOM   547 O O   . GLY A 1 73  ? 8.648   -5.300  -1.661  1.00 16.06 ? 73  GLY A O   1 
ATOM   548 N N   . ILE A 1 74  ? 7.982   -5.681  -3.746  1.00 15.31 ? 74  ILE A N   1 
ATOM   549 C CA  . ILE A 1 74  ? 8.343   -4.326  -4.183  1.00 15.27 ? 74  ILE A CA  1 
ATOM   550 C C   . ILE A 1 74  ? 7.312   -3.698  -5.114  1.00 15.81 ? 74  ILE A C   1 
ATOM   551 O O   . ILE A 1 74  ? 6.965   -4.274  -6.169  1.00 16.36 ? 74  ILE A O   1 
ATOM   552 C CB  . ILE A 1 74  ? 9.690   -4.282  -4.933  1.00 14.61 ? 74  ILE A CB  1 
ATOM   553 C CG1 . ILE A 1 74  ? 10.851  -4.790  -4.053  1.00 15.85 ? 74  ILE A CG1 1 
ATOM   554 C CG2 . ILE A 1 74  ? 9.994   -2.863  -5.269  1.00 14.18 ? 74  ILE A CG2 1 
ATOM   555 C CD1 . ILE A 1 74  ? 12.206  -4.791  -4.808  1.00 24.19 ? 74  ILE A CD1 1 
ATOM   556 N N   . VAL A 1 75  ? 6.856   -2.501  -4.729  1.00 12.46 ? 75  VAL A N   1 
ATOM   557 C CA  . VAL A 1 75  ? 5.842   -1.783  -5.466  1.00 12.59 ? 75  VAL A CA  1 
ATOM   558 C C   . VAL A 1 75  ? 6.373   -0.401  -5.808  1.00 13.80 ? 75  VAL A C   1 
ATOM   559 O O   . VAL A 1 75  ? 6.880   0.320   -4.935  1.00 12.88 ? 75  VAL A O   1 
ATOM   560 C CB  . VAL A 1 75  ? 4.565   -1.605  -4.592  1.00 12.05 ? 75  VAL A CB  1 
ATOM   561 C CG1 . VAL A 1 75  ? 3.586   -0.576  -5.158  1.00 11.33 ? 75  VAL A CG1 1 
ATOM   562 C CG2 . VAL A 1 75  ? 3.851   -3.022  -4.524  1.00 11.90 ? 75  VAL A CG2 1 
ATOM   563 N N   . ASP A 1 76  ? 6.234   -0.058  -7.081  1.00 14.41 ? 76  ASP A N   1 
ATOM   564 C CA  . ASP A 1 76  ? 6.551   1.309   -7.536  1.00 15.81 ? 76  ASP A CA  1 
ATOM   565 C C   . ASP A 1 76  ? 5.314   2.168   -7.311  1.00 14.96 ? 76  ASP A C   1 
ATOM   566 O O   . ASP A 1 76  ? 4.216   1.916   -7.856  1.00 15.01 ? 76  ASP A O   1 
ATOM   567 C CB  . ASP A 1 76  ? 6.962   1.236   -9.010  1.00 15.80 ? 76  ASP A CB  1 
ATOM   568 C CG  . ASP A 1 76  ? 8.349   0.725   -9.158  1.00 16.76 ? 76  ASP A CG  1 
ATOM   569 O OD1 . ASP A 1 76  ? 9.255   1.292   -8.568  1.00 17.05 ? 76  ASP A OD1 1 
ATOM   570 O OD2 . ASP A 1 76  ? 8.623   -0.241  -9.890  1.00 19.27 ? 76  ASP A OD2 1 
ATOM   571 N N   . VAL A 1 77  ? 5.452   3.187   -6.486  1.00 13.95 ? 77  VAL A N   1 
ATOM   572 C CA  . VAL A 1 77  ? 4.274   4.008   -6.112  1.00 13.12 ? 77  VAL A CA  1 
ATOM   573 C C   . VAL A 1 77  ? 3.815   4.985   -7.214  1.00 15.21 ? 77  VAL A C   1 
ATOM   574 O O   . VAL A 1 77  ? 4.661   5.601   -7.855  1.00 15.56 ? 77  VAL A O   1 
ATOM   575 C CB  . VAL A 1 77  ? 4.591   4.859   -4.824  1.00 12.69 ? 77  VAL A CB  1 
ATOM   576 C CG1 . VAL A 1 77  ? 3.431   5.755   -4.448  1.00 12.46 ? 77  VAL A CG1 1 
ATOM   577 C CG2 . VAL A 1 77  ? 4.976   3.926   -3.660  1.00 13.03 ? 77  VAL A CG2 1 
ATOM   578 N N   . LEU A 1 78  ? 2.508   5.128   -7.369  1.00 15.18 ? 78  LEU A N   1 
ATOM   579 C CA  . LEU A 1 78  ? 1.906   6.064   -8.323  1.00 17.32 ? 78  LEU A CA  1 
ATOM   580 C C   . LEU A 1 78  ? 1.243   7.205   -7.541  1.00 18.75 ? 78  LEU A C   1 
ATOM   581 O O   . LEU A 1 78  ? 1.376   8.341   -7.940  1.00 19.48 ? 78  LEU A O   1 
ATOM   582 C CB  . LEU A 1 78  ? 0.896   5.346   -9.234  1.00 19.00 ? 78  LEU A CB  1 
ATOM   583 C CG  . LEU A 1 78  ? 1.529   4.309   -10.123 1.00 20.28 ? 78  LEU A CG  1 
ATOM   584 C CD1 . LEU A 1 78  ? 0.412   3.391   -10.654 1.00 22.12 ? 78  LEU A CD1 1 
ATOM   585 C CD2 . LEU A 1 78  ? 2.329   5.043   -11.241 1.00 23.87 ? 78  LEU A CD2 1 
ATOM   586 N N   . LEU A 1 79  ? 0.597   6.918   -6.402  1.00 18.41 ? 79  LEU A N   1 
ATOM   587 C CA  . LEU A 1 79  ? -0.104  7.913   -5.597  1.00 18.40 ? 79  LEU A CA  1 
ATOM   588 C C   . LEU A 1 79  ? -0.231  7.415   -4.146  1.00 18.58 ? 79  LEU A C   1 
ATOM   589 O O   . LEU A 1 79  ? -0.308  6.206   -3.867  1.00 19.15 ? 79  LEU A O   1 
ATOM   590 C CB  . LEU A 1 79  ? -1.491  8.190   -6.175  1.00 26.12 ? 79  LEU A CB  1 
ATOM   591 C CG  . LEU A 1 79  ? -2.362  9.252   -5.470  1.00 28.05 ? 79  LEU A CG  1 
ATOM   592 C CD1 . LEU A 1 79  ? -1.572  10.579  -5.351  1.00 30.12 ? 79  LEU A CD1 1 
ATOM   593 C CD2 . LEU A 1 79  ? -3.712  9.461   -6.245  1.00 31.06 ? 79  LEU A CD2 1 
ATOM   594 N N   . ILE A 1 80  ? -0.191  8.358   -3.230  1.00 22.33 ? 80  ILE A N   1 
ATOM   595 C CA  . ILE A 1 80  ? -0.275  8.072   -1.807  1.00 23.50 ? 80  ILE A CA  1 
ATOM   596 C C   . ILE A 1 80  ? -1.372  8.969   -1.250  1.00 25.00 ? 80  ILE A C   1 
ATOM   597 O O   . ILE A 1 80  ? -1.380  10.175  -1.544  1.00 26.28 ? 80  ILE A O   1 
ATOM   598 C CB  . ILE A 1 80  ? 1.065   8.422   -1.061  1.00 17.45 ? 80  ILE A CB  1 
ATOM   599 C CG1 . ILE A 1 80  ? 2.195   7.523   -1.527  1.00 16.92 ? 80  ILE A CG1 1 
ATOM   600 C CG2 . ILE A 1 80  ? 0.877   8.294   0.471   1.00 17.43 ? 80  ILE A CG2 1 
ATOM   601 C CD1 . ILE A 1 80  ? 3.537   7.936   -1.033  1.00 24.19 ? 80  ILE A CD1 1 
ATOM   602 N N   . ARG A 1 81  ? -2.315  8.379   -0.515  1.00 21.85 ? 81  ARG A N   1 
ATOM   603 C CA  . ARG A 1 81  ? -3.350  9.154   0.153   1.00 22.74 ? 81  ARG A CA  1 
ATOM   604 C C   . ARG A 1 81  ? -3.335  8.791   1.648   1.00 21.88 ? 81  ARG A C   1 
ATOM   605 O O   . ARG A 1 81  ? -3.138  7.625   2.048   1.00 20.37 ? 81  ARG A O   1 
ATOM   606 C CB  . ARG A 1 81  ? -4.723  8.874   -0.471  1.00 36.94 ? 81  ARG A CB  1 
ATOM   607 C CG  . ARG A 1 81  ? -4.853  9.298   -1.949  1.00 41.36 ? 81  ARG A CG  1 
ATOM   608 C CD  . ARG A 1 81  ? -4.882  10.845  -2.116  1.00 44.81 ? 81  ARG A CD  1 
ATOM   609 N NE  . ARG A 1 81  ? -4.674  11.295  -3.503  1.00 49.26 ? 81  ARG A NE  1 
ATOM   610 C CZ  . ARG A 1 81  ? -4.206  12.500  -3.844  1.00 50.86 ? 81  ARG A CZ  1 
ATOM   611 N NH1 . ARG A 1 81  ? -3.897  13.403  -2.907  1.00 51.75 ? 81  ARG A NH1 1 
ATOM   612 N NH2 . ARG A 1 81  ? -3.992  12.794  -5.124  1.00 52.21 ? 81  ARG A NH2 1 
ATOM   613 N N   . SER A 1 82  ? -3.572  9.782   2.486   1.00 22.02 ? 82  SER A N   1 
ATOM   614 C CA  . SER A 1 82  ? -3.594  9.539   3.903   1.00 20.95 ? 82  SER A CA  1 
ATOM   615 C C   . SER A 1 82  ? -4.833  8.688   4.258   1.00 19.54 ? 82  SER A C   1 
ATOM   616 O O   . SER A 1 82  ? -5.863  8.756   3.578   1.00 19.57 ? 82  SER A O   1 
ATOM   617 C CB  . SER A 1 82  ? -3.628  10.875  4.662   1.00 27.63 ? 82  SER A CB  1 
ATOM   618 O OG  . SER A 1 82  ? -3.664  10.622  6.050   1.00 26.02 ? 82  SER A OG  1 
ATOM   619 N N   . ALA A 1 83  ? -4.727  7.876   5.300   1.00 17.68 ? 83  ALA A N   1 
ATOM   620 C CA  . ALA A 1 83  ? -5.830  7.027   5.787   1.00 17.96 ? 83  ALA A CA  1 
ATOM   621 C C   . ALA A 1 83  ? -6.071  7.323   7.296   1.00 17.21 ? 83  ALA A C   1 
ATOM   622 O O   . ALA A 1 83  ? -6.480  6.432   8.078   1.00 17.50 ? 83  ALA A O   1 
ATOM   623 C CB  . ALA A 1 83  ? -5.481  5.508   5.566   1.00 18.35 ? 83  ALA A CB  1 
ATOM   624 N N   . VAL A 1 84  ? -5.777  8.553   7.730   1.00 18.41 ? 84  VAL A N   1 
ATOM   625 C CA  . VAL A 1 84  ? -5.969  8.849   9.158   1.00 18.66 ? 84  VAL A CA  1 
ATOM   626 C C   . VAL A 1 84  ? -7.398  8.525   9.585   1.00 17.35 ? 84  VAL A C   1 
ATOM   627 O O   . VAL A 1 84  ? -8.341  8.841   8.874   1.00 18.07 ? 84  VAL A O   1 
ATOM   628 C CB  . VAL A 1 84  ? -5.691  10.346  9.459   1.00 19.32 ? 84  VAL A CB  1 
ATOM   629 C CG1 . VAL A 1 84  ? -6.573  11.199  8.569   1.00 21.00 ? 84  VAL A CG1 1 
ATOM   630 C CG2 . VAL A 1 84  ? -5.907  10.655  10.973  1.00 18.10 ? 84  VAL A CG2 1 
ATOM   631 N N   . GLY A 1 85  ? -7.525  7.882   10.741  1.00 15.53 ? 85  GLY A N   1 
ATOM   632 C CA  . GLY A 1 85  ? -8.818  7.563   11.290  1.00 14.96 ? 85  GLY A CA  1 
ATOM   633 C C   . GLY A 1 85  ? -9.505  6.372   10.674  1.00 14.05 ? 85  GLY A C   1 
ATOM   634 O O   . GLY A 1 85  ? -10.657 6.091   11.028  1.00 13.94 ? 85  GLY A O   1 
ATOM   635 N N   . ILE A 1 86  ? -8.819  5.682   9.764   1.00 12.66 ? 86  ILE A N   1 
ATOM   636 C CA  . ILE A 1 86  ? -9.466  4.545   9.083   1.00 12.06 ? 86  ILE A CA  1 
ATOM   637 C C   . ILE A 1 86  ? -9.967  3.465   10.008  1.00 11.67 ? 86  ILE A C   1 
ATOM   638 O O   . ILE A 1 86  ? -9.317  3.137   11.039  1.00 10.82 ? 86  ILE A O   1 
ATOM   639 C CB  . ILE A 1 86  ? -8.499  3.925   8.004   1.00 15.88 ? 86  ILE A CB  1 
ATOM   640 C CG1 . ILE A 1 86  ? -9.190  2.717   7.386   1.00 16.96 ? 86  ILE A CG1 1 
ATOM   641 C CG2 . ILE A 1 86  ? -7.202  3.442   8.636   1.00 16.46 ? 86  ILE A CG2 1 
ATOM   642 C CD1 . ILE A 1 86  ? -8.891  2.560   5.888   1.00 24.19 ? 86  ILE A CD1 1 
ATOM   643 N N   . ASN A 1 87  ? -11.176 2.924   9.716   1.00 10.94 ? 87  ASN A N   1 
ATOM   644 C CA  . ASN A 1 87  ? -11.705 1.872   10.561  1.00 10.26 ? 87  ASN A CA  1 
ATOM   645 C C   . ASN A 1 87  ? -11.148 0.555   9.996   1.00 11.04 ? 87  ASN A C   1 
ATOM   646 O O   . ASN A 1 87  ? -11.605 0.034   8.970   1.00 10.01 ? 87  ASN A O   1 
ATOM   647 C CB  . ASN A 1 87  ? -13.233 1.890   10.470  1.00 13.32 ? 87  ASN A CB  1 
ATOM   648 C CG  . ASN A 1 87  ? -13.881 0.900   11.411  1.00 12.32 ? 87  ASN A CG  1 
ATOM   649 O OD1 . ASN A 1 87  ? -13.465 -0.250  11.494  1.00 13.27 ? 87  ASN A OD1 1 
ATOM   650 N ND2 . ASN A 1 87  ? -14.967 1.359   12.117  1.00 12.65 ? 87  ASN A ND2 1 
ATOM   651 N N   . LEU A 1 88  ? -10.107 0.030   10.638  1.00 10.71 ? 88  LEU A N   1 
ATOM   652 C CA  . LEU A 1 88  ? -9.435  -1.083  10.025  1.00 11.11 ? 88  LEU A CA  1 
ATOM   653 C C   . LEU A 1 88  ? -10.243 -2.340  9.887   1.00 9.77  ? 88  LEU A C   1 
ATOM   654 O O   . LEU A 1 88  ? -10.221 -2.928  8.864   1.00 10.76 ? 88  LEU A O   1 
ATOM   655 C CB  . LEU A 1 88  ? -8.107  -1.356  10.767  1.00 13.22 ? 88  LEU A CB  1 
ATOM   656 C CG  . LEU A 1 88  ? -7.080  -0.206  10.554  1.00 15.76 ? 88  LEU A CG  1 
ATOM   657 C CD1 . LEU A 1 88  ? -5.952  -0.364  11.655  1.00 18.10 ? 88  LEU A CD1 1 
ATOM   658 C CD2 . LEU A 1 88  ? -6.463  -0.284  9.138   1.00 15.64 ? 88  LEU A CD2 1 
ATOM   659 N N   . PRO A 1 89  ? -10.977 -2.758  10.939  1.00 10.24 ? 89  PRO A N   1 
ATOM   660 C CA  . PRO A 1 89  ? -11.732 -4.000  10.753  1.00 10.78 ? 89  PRO A CA  1 
ATOM   661 C C   . PRO A 1 89  ? -12.781 -3.851  9.643   1.00 10.12 ? 89  PRO A C   1 
ATOM   662 O O   . PRO A 1 89  ? -13.036 -4.819  8.904   1.00 10.14 ? 89  PRO A O   1 
ATOM   663 C CB  . PRO A 1 89  ? -12.401 -4.218  12.079  1.00 11.99 ? 89  PRO A CB  1 
ATOM   664 C CG  . PRO A 1 89  ? -11.456 -3.529  13.066  1.00 13.07 ? 89  PRO A CG  1 
ATOM   665 C CD  . PRO A 1 89  ? -10.995 -2.291  12.345  1.00 11.01 ? 89  PRO A CD  1 
ATOM   666 N N   . ARG A 1 90  ? -13.461 -2.691  9.609   1.00 11.02 ? 90  ARG A N   1 
ATOM   667 C CA  . ARG A 1 90  ? -14.466 -2.500  8.560   1.00 10.70 ? 90  ARG A CA  1 
ATOM   668 C C   . ARG A 1 90  ? -13.840 -2.489  7.175   1.00 10.97 ? 90  ARG A C   1 
ATOM   669 O O   . ARG A 1 90  ? -14.412 -3.043  6.228   1.00 11.82 ? 90  ARG A O   1 
ATOM   670 C CB  . ARG A 1 90  ? -15.294 -1.208  8.829   1.00 12.46 ? 90  ARG A CB  1 
ATOM   671 C CG  . ARG A 1 90  ? -16.213 -1.240  10.143  1.00 15.25 ? 90  ARG A CG  1 
ATOM   672 C CD  . ARG A 1 90  ? -17.739 -1.089  9.795   1.00 20.75 ? 90  ARG A CD  1 
ATOM   673 N NE  . ARG A 1 90  ? -18.008 -2.038  8.807   1.00 28.12 ? 90  ARG A NE  1 
ATOM   674 C CZ  . ARG A 1 90  ? -18.634 -1.909  7.649   1.00 26.66 ? 90  ARG A CZ  1 
ATOM   675 N NH1 . ARG A 1 90  ? -19.196 -0.781  7.189   1.00 28.66 ? 90  ARG A NH1 1 
ATOM   676 N NH2 . ARG A 1 90  ? -18.562 -2.981  6.881   1.00 30.48 ? 90  ARG A NH2 1 
ATOM   677 N N   . TYR A 1 91  ? -12.668 -1.861  7.057   1.00 9.62  ? 91  TYR A N   1 
ATOM   678 C CA  . TYR A 1 91  ? -11.952 -1.787  5.790   1.00 10.92 ? 91  TYR A CA  1 
ATOM   679 C C   . TYR A 1 91  ? -11.673 -3.207  5.271   1.00 11.16 ? 91  TYR A C   1 
ATOM   680 O O   . TYR A 1 91  ? -11.897 -3.528  4.130   1.00 12.87 ? 91  TYR A O   1 
ATOM   681 C CB  . TYR A 1 91  ? -10.621 -1.029  6.009   1.00 10.60 ? 91  TYR A CB  1 
ATOM   682 C CG  . TYR A 1 91  ? -9.711  -1.136  4.810   1.00 10.51 ? 91  TYR A CG  1 
ATOM   683 C CD1 . TYR A 1 91  ? -9.869  -0.290  3.719   1.00 9.17  ? 91  TYR A CD1 1 
ATOM   684 C CD2 . TYR A 1 91  ? -8.696  -2.110  4.776   1.00 11.17 ? 91  TYR A CD2 1 
ATOM   685 C CE1 . TYR A 1 91  ? -9.001  -0.393  2.587   1.00 12.75 ? 91  TYR A CE1 1 
ATOM   686 C CE2 . TYR A 1 91  ? -7.825  -2.238  3.642   1.00 11.64 ? 91  TYR A CE2 1 
ATOM   687 C CZ  . TYR A 1 91  ? -7.986  -1.365  2.581   1.00 11.70 ? 91  TYR A CZ  1 
ATOM   688 O OH  . TYR A 1 91  ? -7.093  -1.403  1.549   1.00 12.14 ? 91  TYR A OH  1 
ATOM   689 N N   . ARG A 1 92  ? -11.232 -4.058  6.159   1.00 12.09 ? 92  ARG A N   1 
ATOM   690 C CA  . ARG A 1 92  ? -10.924 -5.458  5.795   1.00 13.10 ? 92  ARG A CA  1 
ATOM   691 C C   . ARG A 1 92  ? -12.176 -6.205  5.375   1.00 13.75 ? 92  ARG A C   1 
ATOM   692 O O   . ARG A 1 92  ? -12.163 -6.975  4.411   1.00 15.37 ? 92  ARG A O   1 
ATOM   693 C CB  . ARG A 1 92  ? -10.247 -6.139  6.980   1.00 14.66 ? 92  ARG A CB  1 
ATOM   694 C CG  . ARG A 1 92  ? -8.925  -5.478  7.357   1.00 13.83 ? 92  ARG A CG  1 
ATOM   695 C CD  . ARG A 1 92  ? -8.272  -6.264  8.532   1.00 17.18 ? 92  ARG A CD  1 
ATOM   696 N NE  . ARG A 1 92  ? -7.095  -5.548  8.982   1.00 17.28 ? 92  ARG A NE  1 
ATOM   697 C CZ  . ARG A 1 92  ? -5.948  -5.440  8.332   1.00 19.77 ? 92  ARG A CZ  1 
ATOM   698 N NH1 . ARG A 1 92  ? -5.736  -6.049  7.115   1.00 17.72 ? 92  ARG A NH1 1 
ATOM   699 N NH2 . ARG A 1 92  ? -5.016  -4.656  8.917   1.00 24.51 ? 92  ARG A NH2 1 
ATOM   700 N N   . GLN A 1 93  ? -13.283 -5.993  6.068   1.00 14.39 ? 93  GLN A N   1 
ATOM   701 C CA  . GLN A 1 93  ? -14.508 -6.681  5.658   1.00 14.56 ? 93  GLN A CA  1 
ATOM   702 C C   . GLN A 1 93  ? -14.975 -6.221  4.257   1.00 14.27 ? 93  GLN A C   1 
ATOM   703 O O   . GLN A 1 93  ? -15.399 -7.034  3.397   1.00 13.81 ? 93  GLN A O   1 
ATOM   704 C CB  . GLN A 1 93  ? -15.616 -6.369  6.697   1.00 27.69 ? 93  GLN A CB  1 
ATOM   705 C CG  . GLN A 1 93  ? -15.326 -6.879  8.082   1.00 34.14 ? 93  GLN A CG  1 
ATOM   706 C CD  . GLN A 1 93  ? -16.194 -6.225  9.123   1.00 38.24 ? 93  GLN A CD  1 
ATOM   707 O OE1 . GLN A 1 93  ? -16.930 -5.296  8.820   1.00 42.74 ? 93  GLN A OE1 1 
ATOM   708 N NE2 . GLN A 1 93  ? -16.118 -6.700  10.356  1.00 41.85 ? 93  GLN A NE2 1 
ATOM   709 N N   . MET A 1 94  ? -14.879 -4.913  4.010   1.00 14.40 ? 94  MET A N   1 
ATOM   710 C CA  . MET A 1 94  ? -15.261 -4.365  2.702   1.00 14.74 ? 94  MET A CA  1 
ATOM   711 C C   . MET A 1 94  ? -14.350 -4.847  1.563   1.00 15.44 ? 94  MET A C   1 
ATOM   712 O O   . MET A 1 94  ? -14.834 -5.241  0.502   1.00 15.82 ? 94  MET A O   1 
ATOM   713 C CB  . MET A 1 94  ? -15.274 -2.843  2.765   1.00 15.87 ? 94  MET A CB  1 
ATOM   714 C CG  . MET A 1 94  ? -16.388 -2.398  3.778   1.00 18.75 ? 94  MET A CG  1 
ATOM   715 S SD  . MET A 1 94  ? -16.371 -0.569  4.035   1.00 20.78 ? 94  MET A SD  1 
ATOM   716 C CE  . MET A 1 94  ? -17.259 -0.104  2.505   1.00 20.61 ? 94  MET A CE  1 
ATOM   717 N N   . VAL A 1 95  ? -13.062 -4.887  1.810   1.00 15.17 ? 95  VAL A N   1 
ATOM   718 C CA  . VAL A 1 95  ? -12.148 -5.341  0.769   1.00 15.80 ? 95  VAL A CA  1 
ATOM   719 C C   . VAL A 1 95  ? -12.437 -6.809  0.449   1.00 17.46 ? 95  VAL A C   1 
ATOM   720 O O   . VAL A 1 95  ? -12.546 -7.166  -0.735  1.00 18.26 ? 95  VAL A O   1 
ATOM   721 C CB  . VAL A 1 95  ? -10.696 -5.195  1.193   1.00 15.65 ? 95  VAL A CB  1 
ATOM   722 C CG1 . VAL A 1 95  ? -9.734  -5.982  0.225   1.00 14.69 ? 95  VAL A CG1 1 
ATOM   723 C CG2 . VAL A 1 95  ? -10.364 -3.670  1.213   1.00 14.57 ? 95  VAL A CG2 1 
ATOM   724 N N   . SER A 1 96  ? -12.537 -7.607  1.498   1.00 17.42 ? 96  SER A N   1 
ATOM   725 C CA  . SER A 1 96  ? -12.783 -9.062  1.387   1.00 20.70 ? 96  SER A CA  1 
ATOM   726 C C   . SER A 1 96  ? -14.124 -9.370  0.740   1.00 22.61 ? 96  SER A C   1 
ATOM   727 O O   . SER A 1 96  ? -14.256 -10.362 0.031   1.00 23.22 ? 96  SER A O   1 
ATOM   728 C CB  . SER A 1 96  ? -12.726 -9.728  2.757   1.00 17.55 ? 96  SER A CB  1 
ATOM   729 O OG  . SER A 1 96  ? -11.427 -9.751  3.327   1.00 18.53 ? 96  SER A OG  1 
ATOM   730 N N   . GLU A 1 97  ? -15.102 -8.496  0.961   1.00 21.61 ? 97  GLU A N   1 
ATOM   731 C CA  . GLU A 1 97  ? -16.449 -8.690  0.391   1.00 23.48 ? 97  GLU A CA  1 
ATOM   732 C C   . GLU A 1 97  ? -16.382 -8.542  -1.103  1.00 24.51 ? 97  GLU A C   1 
ATOM   733 O O   . GLU A 1 97  ? -17.038 -9.279  -1.838  1.00 24.84 ? 97  GLU A O   1 
ATOM   734 C CB  . GLU A 1 97  ? -17.461 -7.670  0.981   1.00 23.97 ? 97  GLU A CB  1 
ATOM   735 C CG  . GLU A 1 97  ? -18.917 -8.099  0.745   1.00 24.72 ? 97  GLU A CG  1 
ATOM   736 C CD  . GLU A 1 97  ? -19.219 -9.514  1.279   1.00 25.25 ? 97  GLU A CD  1 
ATOM   737 O OE1 . GLU A 1 97  ? -18.699 -9.904  2.350   1.00 27.64 ? 97  GLU A OE1 1 
ATOM   738 O OE2 . GLU A 1 97  ? -19.996 -10.255 0.659   1.00 26.11 ? 97  GLU A OE2 1 
ATOM   739 N N   . ARG A 1 98  ? -15.595 -7.577  -1.572  1.00 26.69 ? 98  ARG A N   1 
ATOM   740 C CA  . ARG A 1 98  ? -15.439 -7.421  -3.007  1.00 28.75 ? 98  ARG A CA  1 
ATOM   741 C C   . ARG A 1 98  ? -14.683 -8.634  -3.553  1.00 28.86 ? 98  ARG A C   1 
ATOM   742 O O   . ARG A 1 98  ? -15.003 -9.169  -4.602  1.00 29.54 ? 98  ARG A O   1 
ATOM   743 C CB  . ARG A 1 98  ? -14.647 -6.151  -3.349  1.00 32.37 ? 98  ARG A CB  1 
ATOM   744 C CG  . ARG A 1 98  ? -15.304 -4.858  -2.908  1.00 34.01 ? 98  ARG A CG  1 
ATOM   745 C CD  . ARG A 1 98  ? -14.505 -3.642  -3.304  1.00 35.42 ? 98  ARG A CD  1 
ATOM   746 N NE  . ARG A 1 98  ? -15.235 -2.391  -3.048  1.00 37.02 ? 98  ARG A NE  1 
ATOM   747 C CZ  . ARG A 1 98  ? -15.030 -1.258  -3.717  1.00 37.19 ? 98  ARG A CZ  1 
ATOM   748 N NH1 . ARG A 1 98  ? -14.124 -1.215  -4.686  1.00 37.32 ? 98  ARG A NH1 1 
ATOM   749 N NH2 . ARG A 1 98  ? -15.726 -0.164  -3.424  1.00 36.91 ? 98  ARG A NH2 1 
ATOM   750 N N   . GLN A 1 99  ? -13.694 -9.114  -2.832  1.00 25.87 ? 99  GLN A N   1 
ATOM   751 C CA  . GLN A 1 99  ? -12.960 -10.257 -3.374  1.00 25.30 ? 99  GLN A CA  1 
ATOM   752 C C   . GLN A 1 99  ? -13.781 -11.563 -3.345  1.00 26.55 ? 99  GLN A C   1 
ATOM   753 O O   . GLN A 1 99  ? -13.438 -12.524 -4.064  1.00 26.10 ? 99  GLN A O   1 
ATOM   754 C CB  . GLN A 1 99  ? -11.659 -10.445 -2.635  1.00 24.37 ? 99  GLN A CB  1 
ATOM   755 C CG  . GLN A 1 99  ? -10.741 -9.241  -2.796  1.00 21.21 ? 99  GLN A CG  1 
ATOM   756 C CD  . GLN A 1 99  ? -9.442  -9.447  -2.040  1.00 21.40 ? 99  GLN A CD  1 
ATOM   757 O OE1 . GLN A 1 99  ? -9.274  -10.457 -1.354  1.00 21.05 ? 99  GLN A OE1 1 
ATOM   758 N NE2 . GLN A 1 99  ? -8.506  -8.490  -2.165  1.00 18.14 ? 99  GLN A NE2 1 
ATOM   759 N N   . LYS A 1 100 ? -14.817 -11.612 -2.505  1.00 32.24 ? 100 LYS A N   1 
ATOM   760 C CA  . LYS A 1 100 ? -15.685 -12.771 -2.428  1.00 34.60 ? 100 LYS A CA  1 
ATOM   761 C C   . LYS A 1 100 ? -16.457 -12.875 -3.735  1.00 36.87 ? 100 LYS A C   1 
ATOM   762 O O   . LYS A 1 100 ? -16.903 -13.980 -4.086  1.00 38.76 ? 100 LYS A O   1 
ATOM   763 C CB  . LYS A 1 100 ? -16.695 -12.665 -1.272  1.00 34.97 ? 100 LYS A CB  1 
ATOM   764 C CG  . LYS A 1 100 ? -16.075 -12.757 0.098   1.00 34.44 ? 100 LYS A CG  1 
ATOM   765 C CD  . LYS A 1 100 ? -17.098 -12.756 1.210   1.00 32.21 ? 100 LYS A CD  1 
ATOM   766 C CE  . LYS A 1 100 ? -16.371 -12.864 2.561   1.00 33.13 ? 100 LYS A CE  1 
ATOM   767 N NZ  . LYS A 1 100 ? -17.227 -13.595 3.580   1.00 32.44 ? 100 LYS A NZ  1 
ATOM   768 N N   . CYS A 1 101 ? -16.566 -11.751 -4.460  1.00 44.92 ? 101 CYS A N   1 
ATOM   769 C CA  . CYS A 1 101 ? -17.289 -11.654 -5.754  1.00 47.74 ? 101 CYS A CA  1 
ATOM   770 C C   . CYS A 1 101 ? -16.678 -12.469 -6.879  1.00 48.33 ? 101 CYS A C   1 
ATOM   771 O O   . CYS A 1 101 ? -17.457 -12.969 -7.767  1.00 24.19 ? 101 CYS A O   1 
ATOM   772 C CB  . CYS A 1 101 ? -17.354 -10.193 -6.226  1.00 58.94 ? 101 CYS A CB  1 
ATOM   773 S SG  . CYS A 1 101 ? -18.552 -9.105  -5.347  1.00 64.38 ? 101 CYS A SG  1 
ATOM   774 N N   . ASP A 1 102 ? -15.425 -12.535 -6.898  1.00 59.26 ? 102 ASP A N   1 
HETATM 775 I I   . IOD B 2 .   ? -8.284  -1.665  15.427  0.44 2.81  ? 201 IOD A I   1 
HETATM 776 I I   . IOD C 2 .   ? 11.083  7.138   9.525   0.39 32.48 ? 202 IOD A I   1 
HETATM 777 I I   . IOD D 2 .   ? 2.657   10.363  -4.270  0.71 26.12 ? 203 IOD A I   1 
HETATM 778 I I   . IOD E 2 .   ? -2.932  7.301   11.179  0.59 25.04 ? 204 IOD A I   1 
HETATM 779 I I   . IOD F 2 .   ? -15.480 -2.474  14.129  0.52 21.89 ? 205 IOD A I   1 
HETATM 780 I I   . IOD G 2 .   ? 8.351   -10.665 0.286   0.43 20.97 ? 206 IOD A I   1 
HETATM 781 I I   . IOD H 2 .   ? -19.232 -5.622  8.936   0.30 29.22 ? 207 IOD A I   1 
HETATM 782 I I   . IOD I 2 .   ? -2.894  -10.242 -11.253 0.33 37.40 ? 208 IOD A I   1 
HETATM 783 O O   . HOH J 3 .   ? 2.862   -13.834 -8.757  1.00 44.43 ? 103 HOH A O   1 
HETATM 784 O O   . HOH J 3 .   ? 15.287  1.313   7.239   1.00 46.06 ? 104 HOH A O   1 
HETATM 785 O O   . HOH J 3 .   ? 10.756  -0.808  13.526  1.00 40.43 ? 105 HOH A O   1 
HETATM 786 O O   . HOH J 3 .   ? -4.907  -17.368 -1.916  1.00 37.09 ? 106 HOH A O   1 
HETATM 787 O O   . HOH J 3 .   ? -6.536  6.693   -2.432  1.00 42.38 ? 107 HOH A O   1 
HETATM 788 O O   . HOH J 3 .   ? -17.835 -7.717  12.454  1.00 41.26 ? 108 HOH A O   1 
HETATM 789 O O   . HOH J 3 .   ? 17.617  11.910  -1.476  1.00 40.23 ? 109 HOH A O   1 
HETATM 790 O O   . HOH J 3 .   ? 6.489   -14.181 -11.526 1.00 53.90 ? 110 HOH A O   1 
HETATM 791 O O   . HOH J 3 .   ? 8.313   -11.801 -13.284 1.00 44.91 ? 111 HOH A O   1 
HETATM 792 O O   . HOH J 3 .   ? -12.817 -10.742 -6.398  1.00 49.07 ? 112 HOH A O   1 
HETATM 793 O O   . HOH J 3 .   ? -11.322 -6.465  -5.769  1.00 41.68 ? 113 HOH A O   1 
HETATM 794 O O   . HOH J 3 .   ? -1.484  5.728   13.466  1.00 52.97 ? 114 HOH A O   1 
HETATM 795 O O   . HOH J 3 .   ? 5.472   1.534   2.165   1.00 77.25 ? 115 HOH A O   1 
HETATM 796 O O   . HOH J 3 .   ? 6.112   -12.001 8.528   1.00 39.12 ? 116 HOH A O   1 
HETATM 797 O O   . HOH J 3 .   ? 3.295   -2.561  -16.412 1.00 47.68 ? 117 HOH A O   1 
HETATM 798 O O   . HOH J 3 .   ? -9.521  -13.913 -2.515  1.00 50.94 ? 118 HOH A O   1 
HETATM 799 O O   . HOH J 3 .   ? -3.805  14.746  3.646   1.00 46.30 ? 119 HOH A O   1 
HETATM 800 O O   . HOH J 3 .   ? 7.712   -15.364 -7.370  1.00 50.39 ? 120 HOH A O   1 
HETATM 801 O O   . HOH J 3 .   ? -9.331  7.863   2.889   1.00 42.95 ? 121 HOH A O   1 
HETATM 802 O O   . HOH J 3 .   ? -18.390 -10.054 10.960  1.00 40.04 ? 122 HOH A O   1 
HETATM 803 O O   . HOH J 3 .   ? 9.543   2.702   15.145  1.00 61.77 ? 123 HOH A O   1 
HETATM 804 O O   . HOH J 3 .   ? 13.139  -12.036 -2.485  1.00 41.99 ? 124 HOH A O   1 
HETATM 805 O O   . HOH J 3 .   ? 8.781   13.068  5.929   1.00 50.79 ? 125 HOH A O   1 
HETATM 806 O O   . HOH J 3 .   ? -9.443  -1.820  -15.235 1.00 57.22 ? 126 HOH A O   1 
HETATM 807 O O   . HOH J 3 .   ? 0.262   -15.758 -8.644  1.00 46.62 ? 127 HOH A O   1 
HETATM 808 O O   . HOH J 3 .   ? 15.606  11.744  1.481   1.00 45.24 ? 128 HOH A O   1 
HETATM 809 O O   . HOH J 3 .   ? -7.260  15.236  0.544   1.00 48.60 ? 129 HOH A O   1 
HETATM 810 O O   . HOH J 3 .   ? -7.725  15.206  -7.764  1.00 44.64 ? 130 HOH A O   1 
HETATM 811 O O   . HOH J 3 .   ? -1.190  15.601  3.018   1.00 46.13 ? 131 HOH A O   1 
HETATM 812 O O   . HOH J 3 .   ? -11.265 -5.743  -3.193  1.00 36.74 ? 132 HOH A O   1 
HETATM 813 O O   . HOH J 3 .   ? 5.143   9.534   14.144  1.00 44.63 ? 133 HOH A O   1 
HETATM 814 O O   . HOH J 3 .   ? 10.431  -0.393  -12.220 1.00 40.43 ? 134 HOH A O   1 
HETATM 815 O O   . HOH J 3 .   ? 6.253   14.683  8.262   1.00 45.29 ? 135 HOH A O   1 
HETATM 816 O O   . HOH J 3 .   ? 9.316   9.851   7.810   1.00 42.16 ? 136 HOH A O   1 
HETATM 817 O O   . HOH J 3 .   ? 12.128  3.530   11.465  1.00 74.95 ? 137 HOH A O   1 
HETATM 818 O O   . HOH J 3 .   ? 1.371   -16.602 -2.879  1.00 50.93 ? 138 HOH A O   1 
HETATM 819 O O   . HOH J 3 .   ? 12.916  3.679   14.048  1.00 50.77 ? 139 HOH A O   1 
HETATM 820 O O   . HOH J 3 .   ? 4.299   -10.787 -14.926 1.00 39.31 ? 140 HOH A O   1 
HETATM 821 O O   . HOH J 3 .   ? -3.654  6.415   -2.992  1.00 47.97 ? 141 HOH A O   1 
HETATM 822 O O   . HOH J 3 .   ? 5.339   -2.049  -13.369 1.00 43.62 ? 142 HOH A O   1 
HETATM 823 O O   . HOH J 3 .   ? 2.996   -5.371  -17.258 1.00 44.96 ? 143 HOH A O   1 
HETATM 824 O O   . HOH J 3 .   ? -7.763  7.070   -0.195  1.00 56.76 ? 144 HOH A O   1 
HETATM 825 O O   . HOH J 3 .   ? 12.616  7.575   13.516  1.00 53.47 ? 145 HOH A O   1 
HETATM 826 O O   . HOH J 3 .   ? -2.123  15.204  -5.706  1.00 60.97 ? 146 HOH A O   1 
HETATM 827 O O   . HOH J 3 .   ? -5.714  14.818  -1.356  1.00 59.07 ? 147 HOH A O   1 
HETATM 828 O O   . HOH J 3 .   ? 11.557  9.480   12.876  1.00 44.69 ? 148 HOH A O   1 
HETATM 829 O O   . HOH J 3 .   ? 10.355  -4.057  -15.849 1.00 51.79 ? 149 HOH A O   1 
HETATM 830 O O   . HOH J 3 .   ? 7.081   15.834  4.229   1.00 45.19 ? 150 HOH A O   1 
HETATM 831 O O   . HOH J 3 .   ? -18.625 -16.321 -2.983  1.00 51.79 ? 151 HOH A O   1 
HETATM 832 O O   . HOH J 3 .   ? 7.528   13.605  1.591   1.00 43.23 ? 152 HOH A O   1 
HETATM 833 O O   . HOH J 3 .   ? -8.151  -15.447 -5.481  1.00 45.82 ? 153 HOH A O   1 
HETATM 834 O O   . HOH J 3 .   ? 2.133   -15.385 -11.593 1.00 61.02 ? 154 HOH A O   1 
HETATM 835 O O   . HOH J 3 .   ? -9.407  0.801   13.605  1.00 17.13 ? 155 HOH A O   1 
HETATM 836 O O   . HOH J 3 .   ? -5.116  -3.260  1.804   1.00 14.22 ? 156 HOH A O   1 
HETATM 837 O O   . HOH J 3 .   ? 6.374   7.106   -5.483  1.00 51.70 ? 157 HOH A O   1 
HETATM 838 O O   . HOH J 3 .   ? 14.506  -0.413  -5.389  1.00 16.93 ? 158 HOH A O   1 
HETATM 839 O O   . HOH J 3 .   ? -15.408 4.212   11.879  1.00 16.43 ? 159 HOH A O   1 
HETATM 840 O O   . HOH J 3 .   ? -12.641 4.183   7.357   1.00 13.80 ? 160 HOH A O   1 
HETATM 841 O O   . HOH J 3 .   ? -3.099  -4.260  3.549   1.00 10.56 ? 161 HOH A O   1 
HETATM 842 O O   . HOH J 3 .   ? -21.128 0.390   8.345   1.00 52.69 ? 162 HOH A O   1 
HETATM 843 O O   . HOH J 3 .   ? -11.086 5.768   5.899   1.00 19.08 ? 163 HOH A O   1 
HETATM 844 O O   . HOH J 3 .   ? 14.342  -4.343  -8.346  1.00 14.40 ? 164 HOH A O   1 
HETATM 845 O O   . HOH J 3 .   ? 12.471  2.954   4.646   1.00 20.20 ? 165 HOH A O   1 
HETATM 846 O O   . HOH J 3 .   ? 3.333   -14.804 9.564   1.00 22.98 ? 166 HOH A O   1 
HETATM 847 O O   . HOH J 3 .   ? -6.501  0.857   0.151   1.00 19.10 ? 167 HOH A O   1 
HETATM 848 O O   . HOH J 3 .   ? -5.459  -3.888  11.747  1.00 29.01 ? 168 HOH A O   1 
HETATM 849 O O   . HOH J 3 .   ? -2.048  -9.076  7.208   1.00 33.92 ? 169 HOH A O   1 
HETATM 850 O O   . HOH J 3 .   ? -9.858  5.108   1.303   1.00 39.61 ? 170 HOH A O   1 
HETATM 851 O O   . HOH J 3 .   ? -10.450 7.653   7.714   1.00 14.96 ? 171 HOH A O   1 
HETATM 852 O O   . HOH J 3 .   ? 14.056  -2.127  -2.965  1.00 19.21 ? 172 HOH A O   1 
HETATM 853 O O   . HOH J 3 .   ? 12.956  0.712   11.335  1.00 37.14 ? 173 HOH A O   1 
HETATM 854 O O   . HOH J 3 .   ? 4.439   -17.492 14.774  1.00 52.63 ? 174 HOH A O   1 
HETATM 855 O O   . HOH J 3 .   ? -2.203  -14.169 -0.240  1.00 22.75 ? 175 HOH A O   1 
HETATM 856 O O   . HOH J 3 .   ? -7.286  3.571   12.825  1.00 25.95 ? 176 HOH A O   1 
HETATM 857 O O   . HOH J 3 .   ? 13.342  3.345   -8.520  1.00 23.32 ? 177 HOH A O   1 
HETATM 858 O O   . HOH J 3 .   ? 13.153  5.650   -4.813  1.00 23.70 ? 178 HOH A O   1 
HETATM 859 O O   . HOH J 3 .   ? -1.990  -7.779  4.619   1.00 11.97 ? 179 HOH A O   1 
HETATM 860 O O   . HOH J 3 .   ? 1.427   11.000  -7.444  1.00 27.07 ? 180 HOH A O   1 
HETATM 861 O O   . HOH J 3 .   ? 10.503  -6.444  4.347   1.00 41.21 ? 181 HOH A O   1 
HETATM 862 O O   . HOH J 3 .   ? 14.922  1.932   -9.698  1.00 24.95 ? 182 HOH A O   1 
HETATM 863 O O   . HOH J 3 .   ? -17.053 3.234   -0.158  1.00 26.50 ? 183 HOH A O   1 
HETATM 864 O O   . HOH J 3 .   ? 14.604  1.826   3.740   1.00 30.25 ? 184 HOH A O   1 
HETATM 865 O O   . HOH J 3 .   ? -7.733  -4.800  11.586  1.00 31.50 ? 185 HOH A O   1 
HETATM 866 O O   . HOH J 3 .   ? 2.578   -10.017 -0.645  1.00 19.02 ? 186 HOH A O   1 
HETATM 867 O O   . HOH J 3 .   ? -11.932 4.362   12.588  1.00 28.45 ? 187 HOH A O   1 
HETATM 868 O O   . HOH J 3 .   ? 15.973  3.724   -9.233  1.00 62.86 ? 188 HOH A O   1 
HETATM 869 O O   . HOH J 3 .   ? -8.822  5.583   3.552   1.00 21.22 ? 189 HOH A O   1 
HETATM 870 O O   . HOH J 3 .   ? 4.821   -12.554 -12.528 1.00 27.72 ? 190 HOH A O   1 
HETATM 871 O O   . HOH J 3 .   ? -5.475  4.147   13.949  1.00 34.03 ? 191 HOH A O   1 
HETATM 872 O O   . HOH J 3 .   ? 8.538   -5.798  -13.160 1.00 38.94 ? 192 HOH A O   1 
HETATM 873 O O   . HOH J 3 .   ? -6.162  12.054  -5.985  1.00 58.00 ? 193 HOH A O   1 
HETATM 874 O O   . HOH J 3 .   ? 16.474  3.816   2.939   1.00 17.76 ? 194 HOH A O   1 
HETATM 875 O O   . HOH J 3 .   ? 10.775  3.083   -9.927  1.00 21.78 ? 195 HOH A O   1 
HETATM 876 O O   . HOH J 3 .   ? -5.660  6.055   11.991  1.00 27.92 ? 196 HOH A O   1 
HETATM 877 O O   . HOH J 3 .   ? -12.876 6.678   4.181   1.00 24.91 ? 197 HOH A O   1 
HETATM 878 O O   . HOH J 3 .   ? 6.917   13.564  3.950   1.00 29.13 ? 198 HOH A O   1 
HETATM 879 O O   . HOH J 3 .   ? -12.295 -7.433  9.760   1.00 25.53 ? 199 HOH A O   1 
HETATM 880 O O   . HOH J 3 .   ? 17.102  4.037   0.366   1.00 27.56 ? 200 HOH A O   1 
HETATM 881 O O   . HOH J 3 .   ? -4.535  -13.543 -3.597  1.00 25.60 ? 209 HOH A O   1 
HETATM 882 O O   . HOH J 3 .   ? -16.722 -9.300  4.202   1.00 30.25 ? 210 HOH A O   1 
HETATM 883 O O   . HOH J 3 .   ? -8.438  9.985   6.021   1.00 30.90 ? 211 HOH A O   1 
HETATM 884 O O   . HOH J 3 .   ? 7.289   19.058  -3.826  1.00 38.87 ? 212 HOH A O   1 
HETATM 885 O O   . HOH J 3 .   ? -8.922  -11.623 -4.958  1.00 33.66 ? 213 HOH A O   1 
HETATM 886 O O   . HOH J 3 .   ? 8.160   -8.186  2.017   1.00 38.48 ? 214 HOH A O   1 
HETATM 887 O O   . HOH J 3 .   ? -6.426  -10.236 -10.671 1.00 39.90 ? 215 HOH A O   1 
HETATM 888 O O   . HOH J 3 .   ? 11.690  -9.502  -5.408  1.00 30.08 ? 216 HOH A O   1 
HETATM 889 O O   . HOH J 3 .   ? -2.815  -3.466  -14.297 1.00 35.10 ? 217 HOH A O   1 
HETATM 890 O O   . HOH J 3 .   ? 0.706   -13.130 -1.559  1.00 29.49 ? 218 HOH A O   1 
HETATM 891 O O   . HOH J 3 .   ? -3.615  12.678  1.324   1.00 33.00 ? 219 HOH A O   1 
HETATM 892 O O   . HOH J 3 .   ? 1.288   3.919   -14.722 1.00 37.67 ? 220 HOH A O   1 
HETATM 893 O O   . HOH J 3 .   ? 5.278   -14.657 -6.552  1.00 34.76 ? 221 HOH A O   1 
HETATM 894 O O   . HOH J 3 .   ? -0.595  -16.591 -1.540  1.00 36.75 ? 222 HOH A O   1 
HETATM 895 O O   . HOH J 3 .   ? 12.044  3.120   -12.274 1.00 31.60 ? 223 HOH A O   1 
HETATM 896 O O   . HOH J 3 .   ? -10.879 -4.222  -7.024  1.00 39.23 ? 224 HOH A O   1 
HETATM 897 O O   . HOH J 3 .   ? 12.076  -8.190  -2.214  1.00 40.37 ? 225 HOH A O   1 
HETATM 898 O O   . HOH J 3 .   ? -12.958 9.422   4.151   1.00 36.83 ? 226 HOH A O   1 
HETATM 899 O O   . HOH J 3 .   ? -6.428  15.058  -4.716  1.00 42.01 ? 227 HOH A O   1 
HETATM 900 O O   . HOH J 3 .   ? 9.958   -6.009  0.781   1.00 35.79 ? 228 HOH A O   1 
HETATM 901 O O   . HOH J 3 .   ? 8.256   10.042  11.084  1.00 39.84 ? 229 HOH A O   1 
HETATM 902 O O   . HOH J 3 .   ? -8.965  0.475   -6.432  1.00 38.29 ? 230 HOH A O   1 
HETATM 903 O O   . HOH J 3 .   ? -12.215 -9.804  6.320   1.00 35.76 ? 231 HOH A O   1 
HETATM 904 O O   . HOH J 3 .   ? 14.945  10.525  3.962   1.00 31.31 ? 232 HOH A O   1 
HETATM 905 O O   . HOH J 3 .   ? 4.921   -7.684  -0.781  1.00 30.53 ? 233 HOH A O   1 
HETATM 906 O O   . HOH J 3 .   ? 0.095   11.839  2.603   1.00 42.96 ? 234 HOH A O   1 
HETATM 907 O O   . HOH J 3 .   ? 12.713  10.199  1.311   1.00 33.14 ? 235 HOH A O   1 
HETATM 908 O O   . HOH J 3 .   ? 8.604   1.742   13.116  1.00 36.72 ? 236 HOH A O   1 
HETATM 909 O O   . HOH J 3 .   ? -17.016 -4.301  12.381  1.00 38.88 ? 237 HOH A O   1 
HETATM 910 O O   . HOH J 3 .   ? 9.180   -11.719 -7.888  1.00 32.78 ? 238 HOH A O   1 
HETATM 911 O O   . HOH J 3 .   ? -2.686  8.400   7.663   1.00 36.35 ? 239 HOH A O   1 
HETATM 912 O O   . HOH J 3 .   ? 11.277  -4.428  -13.561 1.00 45.51 ? 240 HOH A O   1 
HETATM 913 O O   . HOH J 3 .   ? -14.330 -7.557  11.747  1.00 36.01 ? 241 HOH A O   1 
HETATM 914 O O   . HOH J 3 .   ? -0.547  3.459   14.124  1.00 39.28 ? 242 HOH A O   1 
HETATM 915 O O   . HOH J 3 .   ? 11.342  -12.421 -6.843  1.00 43.26 ? 243 HOH A O   1 
HETATM 916 O O   . HOH J 3 .   ? 1.202   8.635   13.014  1.00 40.93 ? 244 HOH A O   1 
HETATM 917 O O   . HOH J 3 .   ? -6.220  -14.822 -1.774  1.00 34.75 ? 245 HOH A O   1 
HETATM 918 O O   . HOH J 3 .   ? -5.259  -7.168  -14.860 1.00 36.75 ? 246 HOH A O   1 
HETATM 919 O O   . HOH J 3 .   ? 13.075  -0.392  -11.417 1.00 38.84 ? 247 HOH A O   1 
HETATM 920 O O   . HOH J 3 .   ? 5.681   -12.490 -9.729  1.00 34.48 ? 248 HOH A O   1 
HETATM 921 O O   . HOH J 3 .   ? 0.918   -7.329  -15.633 1.00 43.25 ? 249 HOH A O   1 
HETATM 922 O O   . HOH J 3 .   ? 18.203  11.510  1.079   1.00 37.90 ? 250 HOH A O   1 
HETATM 923 O O   . HOH J 3 .   ? -10.919 -3.076  -9.045  1.00 36.60 ? 251 HOH A O   1 
HETATM 924 O O   . HOH J 3 .   ? -4.211  -11.101 -6.360  1.00 44.76 ? 252 HOH A O   1 
HETATM 925 O O   . HOH J 3 .   ? -7.737  3.454   -7.496  1.00 19.51 ? 253 HOH A O   1 
HETATM 926 O O   . HOH J 3 .   ? -4.908  2.381   -1.279  1.00 73.96 ? 254 HOH A O   1 
HETATM 927 O O   . HOH J 3 .   ? -11.365 -0.427  -6.794  1.00 43.55 ? 255 HOH A O   1 
HETATM 928 O O   . HOH J 3 .   ? 17.610  9.209   4.503   1.00 46.78 ? 256 HOH A O   1 
# 
